data_6TRP
#
_entry.id   6TRP
#
_cell.length_a   1.000
_cell.length_b   1.000
_cell.length_c   1.000
_cell.angle_alpha   90.00
_cell.angle_beta   90.00
_cell.angle_gamma   90.00
#
_symmetry.space_group_name_H-M   'P 1'
#
_entity_poly.entity_id   1
_entity_poly.type   'polypeptide(L)'
_entity_poly.pdbx_seq_one_letter_code
;MNINEQTLDKLRQAVLQKKIKERIQNSLSTEKYGSGSGSGSGSGSGSGSGSGSGSGSGYQIETFFAQDIESVQKELENLS
EEELLAMLNGDQQ
;
_entity_poly.pdbx_strand_id   A
#
# COMPACT_ATOMS: atom_id res chain seq x y z
N MET A 1 -16.10 -1.87 28.75
CA MET A 1 -15.35 -1.10 29.76
C MET A 1 -14.19 -0.40 29.10
N ASN A 2 -13.10 -1.12 28.82
CA ASN A 2 -11.95 -0.52 28.18
C ASN A 2 -12.39 -0.04 26.80
N ILE A 3 -11.78 1.07 26.39
CA ILE A 3 -12.01 1.80 25.14
C ILE A 3 -12.23 0.92 23.90
N ASN A 4 -12.98 1.49 22.98
CA ASN A 4 -13.37 0.92 21.69
C ASN A 4 -12.74 1.73 20.58
N GLU A 5 -12.94 3.05 20.54
CA GLU A 5 -12.43 3.96 19.51
C GLU A 5 -10.91 3.94 19.36
N GLN A 6 -10.18 3.85 20.48
CA GLN A 6 -8.71 3.80 20.48
C GLN A 6 -8.24 2.40 20.09
N THR A 7 -9.05 1.38 20.34
CA THR A 7 -8.67 0.02 19.98
C THR A 7 -8.70 -0.13 18.46
N LEU A 8 -9.62 0.51 17.74
CA LEU A 8 -9.77 0.43 16.28
C LEU A 8 -8.43 0.78 15.65
N ASP A 9 -7.62 1.62 16.29
CA ASP A 9 -6.30 2.04 15.81
C ASP A 9 -5.43 0.83 15.48
N LYS A 10 -5.46 -0.24 16.29
CA LYS A 10 -4.67 -1.45 16.04
C LYS A 10 -5.27 -2.25 14.88
N LEU A 11 -6.58 -2.16 14.69
CA LEU A 11 -7.31 -2.85 13.65
C LEU A 11 -7.08 -2.19 12.30
N ARG A 12 -7.33 -0.90 12.18
CA ARG A 12 -7.16 -0.17 10.93
C ARG A 12 -5.75 -0.31 10.39
N GLN A 13 -4.74 -0.21 11.25
CA GLN A 13 -3.36 -0.37 10.82
C GLN A 13 -3.10 -1.81 10.34
N ALA A 14 -3.77 -2.80 10.94
CA ALA A 14 -3.63 -4.19 10.56
C ALA A 14 -4.25 -4.39 9.17
N VAL A 15 -5.35 -3.70 8.89
CA VAL A 15 -6.04 -3.76 7.60
C VAL A 15 -5.23 -3.01 6.54
N LEU A 16 -4.87 -1.73 6.77
CA LEU A 16 -4.13 -0.96 5.76
C LEU A 16 -2.87 -1.70 5.31
N GLN A 17 -2.23 -2.49 6.18
CA GLN A 17 -1.04 -3.24 5.80
C GLN A 17 -1.35 -4.16 4.60
N LYS A 18 -2.53 -4.79 4.48
CA LYS A 18 -2.78 -5.62 3.30
C LYS A 18 -3.02 -4.70 2.10
N LYS A 19 -3.70 -3.56 2.27
CA LYS A 19 -3.98 -2.62 1.20
C LYS A 19 -2.70 -2.19 0.50
N ILE A 20 -1.57 -2.08 1.21
CA ILE A 20 -0.32 -1.68 0.57
C ILE A 20 0.07 -2.75 -0.46
N LYS A 21 -0.12 -4.04 -0.13
CA LYS A 21 0.19 -5.17 -1.01
C LYS A 21 -0.83 -5.24 -2.14
N GLU A 22 -2.05 -4.77 -1.92
CA GLU A 22 -3.10 -4.79 -2.92
C GLU A 22 -2.81 -3.71 -3.97
N ARG A 23 -2.53 -2.47 -3.56
CA ARG A 23 -2.23 -1.40 -4.50
C ARG A 23 -0.96 -1.69 -5.28
N ILE A 24 0.09 -2.24 -4.66
CA ILE A 24 1.33 -2.52 -5.36
C ILE A 24 1.14 -3.67 -6.35
N GLN A 25 0.50 -4.77 -5.95
CA GLN A 25 0.34 -5.92 -6.83
C GLN A 25 -0.70 -5.73 -7.91
N ASN A 26 -1.88 -5.24 -7.55
CA ASN A 26 -2.96 -5.06 -8.51
C ASN A 26 -2.68 -3.81 -9.32
N SER A 27 -2.41 -2.69 -8.65
CA SER A 27 -2.11 -1.40 -9.27
C SER A 27 -3.14 -0.95 -10.33
N LEU A 28 -4.33 -1.53 -10.26
CA LEU A 28 -5.46 -1.31 -11.15
C LEU A 28 -6.71 -0.93 -10.37
N SER A 29 -7.78 -0.79 -11.13
CA SER A 29 -9.11 -0.43 -10.69
C SER A 29 -10.09 -1.48 -11.23
N THR A 30 -10.22 -1.54 -12.56
CA THR A 30 -11.11 -2.45 -13.26
C THR A 30 -10.35 -3.30 -14.29
N GLU A 31 -9.09 -3.66 -13.99
CA GLU A 31 -8.26 -4.50 -14.86
C GLU A 31 -8.07 -3.89 -16.26
N LYS A 32 -8.00 -2.57 -16.32
CA LYS A 32 -7.83 -1.80 -17.55
C LYS A 32 -6.51 -2.15 -18.28
N TYR A 33 -6.35 -1.70 -19.52
CA TYR A 33 -5.15 -1.93 -20.32
C TYR A 33 -4.14 -0.84 -19.95
N GLY A 34 -4.39 0.42 -20.33
CA GLY A 34 -3.52 1.56 -20.08
C GLY A 34 -2.83 1.86 -21.41
N SER A 35 -1.51 2.08 -21.38
CA SER A 35 -0.71 2.35 -22.58
C SER A 35 0.79 2.09 -22.36
N GLY A 36 1.33 2.26 -21.15
CA GLY A 36 2.75 2.03 -20.85
C GLY A 36 3.70 3.02 -21.55
N SER A 37 5.00 2.82 -21.38
CA SER A 37 6.10 3.62 -21.94
C SER A 37 7.22 2.69 -22.46
N GLY A 38 8.30 3.27 -22.98
CA GLY A 38 9.46 2.58 -23.53
C GLY A 38 10.74 3.26 -23.00
N SER A 39 11.89 2.97 -23.63
CA SER A 39 13.18 3.53 -23.22
C SER A 39 14.09 3.83 -24.42
N GLY A 40 15.27 4.41 -24.15
CA GLY A 40 16.30 4.77 -25.13
C GLY A 40 17.68 4.62 -24.51
N SER A 41 18.73 4.85 -25.29
CA SER A 41 20.13 4.75 -24.86
C SER A 41 20.99 5.72 -25.68
N GLY A 42 22.32 5.68 -25.51
CA GLY A 42 23.28 6.51 -26.21
C GLY A 42 24.54 5.68 -26.48
N SER A 43 25.37 6.13 -27.42
CA SER A 43 26.61 5.46 -27.83
C SER A 43 27.75 5.63 -26.83
N GLY A 44 27.96 6.85 -26.32
CA GLY A 44 29.04 7.12 -25.39
C GLY A 44 30.37 7.21 -26.16
N SER A 45 31.49 7.15 -25.44
CA SER A 45 32.83 7.21 -26.03
C SER A 45 33.81 6.52 -25.09
N GLY A 46 34.95 6.07 -25.60
CA GLY A 46 35.95 5.39 -24.79
C GLY A 46 35.54 3.93 -24.59
N SER A 47 36.02 3.30 -23.51
CA SER A 47 35.72 1.93 -23.16
C SER A 47 35.92 1.81 -21.64
N GLY A 48 35.38 0.76 -21.03
CA GLY A 48 35.46 0.50 -19.61
C GLY A 48 34.35 -0.46 -19.21
N SER A 49 34.23 -0.73 -17.91
CA SER A 49 33.18 -1.62 -17.40
C SER A 49 31.87 -0.82 -17.33
N GLY A 50 30.75 -1.47 -17.60
CA GLY A 50 29.42 -0.87 -17.57
C GLY A 50 28.44 -1.94 -17.14
N SER A 51 27.85 -1.81 -15.95
CA SER A 51 26.88 -2.75 -15.40
C SER A 51 26.15 -2.08 -14.23
N GLY A 52 25.19 -2.76 -13.64
CA GLY A 52 24.38 -2.31 -12.52
C GLY A 52 23.50 -3.46 -12.03
N SER A 53 22.97 -3.36 -10.81
CA SER A 53 22.11 -4.34 -10.17
C SER A 53 21.52 -3.65 -8.91
N GLY A 54 20.40 -4.13 -8.38
CA GLY A 54 19.74 -3.58 -7.19
C GLY A 54 18.89 -4.66 -6.52
N SER A 55 18.64 -4.53 -5.21
CA SER A 55 17.85 -5.48 -4.44
C SER A 55 17.39 -4.86 -3.11
N GLY A 56 16.64 -5.60 -2.30
CA GLY A 56 16.15 -5.14 -0.99
C GLY A 56 14.66 -5.42 -0.79
N SER A 57 14.25 -5.47 0.47
CA SER A 57 12.89 -5.70 0.95
C SER A 57 12.85 -5.14 2.38
N GLY A 58 11.72 -4.59 2.82
CA GLY A 58 11.58 -4.03 4.17
C GLY A 58 10.11 -3.91 4.53
N TYR A 59 9.78 -2.97 5.42
CA TYR A 59 8.41 -2.71 5.85
C TYR A 59 7.75 -1.89 4.71
N GLN A 60 6.99 -0.84 5.02
CA GLN A 60 6.35 -0.01 4.01
C GLN A 60 7.41 0.74 3.20
N ILE A 61 7.04 1.19 2.00
CA ILE A 61 7.93 1.96 1.14
C ILE A 61 7.56 3.42 1.37
N GLU A 62 8.33 4.12 2.19
CA GLU A 62 8.09 5.51 2.53
C GLU A 62 8.48 6.46 1.38
N THR A 63 9.10 5.95 0.32
CA THR A 63 9.54 6.70 -0.85
C THR A 63 8.93 6.07 -2.11
N PHE A 64 7.60 5.95 -2.13
CA PHE A 64 6.90 5.38 -3.28
C PHE A 64 5.41 5.68 -3.24
N PHE A 65 4.78 5.57 -2.06
CA PHE A 65 3.35 5.83 -1.90
C PHE A 65 3.02 6.51 -0.57
N ALA A 66 4.00 7.02 0.19
CA ALA A 66 3.77 7.65 1.48
C ALA A 66 2.69 8.74 1.47
N GLN A 67 2.54 9.46 0.35
CA GLN A 67 1.52 10.51 0.25
C GLN A 67 0.13 9.92 0.01
N ASP A 68 0.05 8.79 -0.69
CA ASP A 68 -1.23 8.12 -0.95
C ASP A 68 -1.67 7.36 0.30
N ILE A 69 -0.70 6.95 1.13
CA ILE A 69 -0.87 6.22 2.37
C ILE A 69 -1.77 6.98 3.33
N GLU A 70 -1.54 8.28 3.49
CA GLU A 70 -2.31 9.10 4.40
C GLU A 70 -3.78 9.16 3.95
N SER A 71 -4.03 9.05 2.64
CA SER A 71 -5.36 9.08 2.05
C SER A 71 -6.08 7.75 2.23
N VAL A 72 -5.41 6.63 1.91
CA VAL A 72 -6.04 5.32 2.04
C VAL A 72 -6.28 5.01 3.51
N GLN A 73 -5.34 5.36 4.40
CA GLN A 73 -5.52 5.10 5.81
C GLN A 73 -6.64 5.97 6.37
N LYS A 74 -6.86 7.18 5.84
CA LYS A 74 -7.91 8.09 6.28
C LYS A 74 -9.27 7.41 6.16
N GLU A 75 -9.44 6.47 5.24
CA GLU A 75 -10.70 5.79 5.06
C GLU A 75 -10.96 4.83 6.23
N LEU A 76 -9.92 4.13 6.72
CA LEU A 76 -10.01 3.17 7.81
C LEU A 76 -10.01 3.71 9.23
N GLU A 77 -9.29 4.78 9.52
CA GLU A 77 -9.23 5.30 10.89
C GLU A 77 -10.60 5.71 11.44
N ASN A 78 -11.57 6.01 10.55
CA ASN A 78 -12.91 6.41 10.96
C ASN A 78 -13.88 5.20 10.93
N LEU A 79 -13.40 4.01 10.55
CA LEU A 79 -14.19 2.79 10.50
C LEU A 79 -14.21 2.10 11.87
N SER A 80 -15.21 1.24 12.09
CA SER A 80 -15.47 0.46 13.30
C SER A 80 -14.68 -0.85 13.31
N GLU A 81 -14.60 -1.59 14.43
CA GLU A 81 -13.84 -2.85 14.47
C GLU A 81 -14.48 -3.80 13.49
N GLU A 82 -15.78 -4.00 13.53
CA GLU A 82 -16.49 -4.94 12.66
C GLU A 82 -16.19 -4.69 11.19
N GLU A 83 -15.83 -3.46 10.81
CA GLU A 83 -15.48 -3.13 9.44
C GLU A 83 -14.03 -3.56 9.15
N LEU A 84 -13.09 -3.14 10.00
CA LEU A 84 -11.65 -3.40 9.92
C LEU A 84 -11.21 -4.79 10.34
N LEU A 85 -11.61 -5.19 11.55
CA LEU A 85 -11.34 -6.44 12.20
C LEU A 85 -11.82 -7.53 11.26
N ALA A 86 -12.96 -7.33 10.59
CA ALA A 86 -13.48 -8.33 9.68
C ALA A 86 -12.58 -8.54 8.46
N MET A 87 -11.81 -7.53 8.05
CA MET A 87 -10.94 -7.60 6.88
C MET A 87 -9.69 -8.41 7.21
N LEU A 88 -8.99 -8.01 8.26
CA LEU A 88 -7.78 -8.67 8.73
C LEU A 88 -8.08 -10.09 9.19
N ASN A 89 -9.20 -10.30 9.88
CA ASN A 89 -9.57 -11.61 10.38
C ASN A 89 -10.19 -12.46 9.27
N GLY A 90 -10.67 -11.82 8.21
CA GLY A 90 -11.27 -12.50 7.07
C GLY A 90 -12.58 -13.19 7.47
N ASP A 91 -13.29 -12.65 8.47
CA ASP A 91 -14.53 -13.18 9.01
C ASP A 91 -15.65 -12.16 8.92
N GLN A 92 -16.82 -12.60 8.48
CA GLN A 92 -17.98 -11.76 8.34
C GLN A 92 -18.76 -11.66 9.65
N GLN A 93 -18.54 -10.57 10.39
CA GLN A 93 -19.23 -10.26 11.65
C GLN A 93 -19.52 -8.77 11.66
N MET A 1 -16.10 4.48 26.06
CA MET A 1 -15.11 4.67 27.13
C MET A 1 -13.73 4.32 26.66
N ASN A 2 -13.46 3.03 26.44
CA ASN A 2 -12.14 2.62 26.00
C ASN A 2 -11.84 3.32 24.67
N ILE A 3 -10.58 3.63 24.45
CA ILE A 3 -10.14 4.30 23.24
C ILE A 3 -10.43 3.40 22.02
N ASN A 4 -10.77 4.04 20.89
CA ASN A 4 -11.08 3.41 19.62
C ASN A 4 -10.19 3.98 18.53
N GLU A 5 -9.86 5.27 18.59
CA GLU A 5 -9.00 5.94 17.62
C GLU A 5 -7.64 5.24 17.62
N GLN A 6 -7.20 4.84 18.81
CA GLN A 6 -5.95 4.13 19.00
C GLN A 6 -6.11 2.66 18.62
N THR A 7 -7.30 2.09 18.75
CA THR A 7 -7.53 0.71 18.36
C THR A 7 -7.41 0.57 16.85
N LEU A 8 -7.83 1.58 16.07
CA LEU A 8 -7.78 1.57 14.62
C LEU A 8 -6.36 1.25 14.18
N ASP A 9 -5.36 1.62 14.99
CA ASP A 9 -3.94 1.41 14.72
C ASP A 9 -3.68 -0.07 14.41
N LYS A 10 -4.23 -1.00 15.20
CA LYS A 10 -4.03 -2.44 14.98
C LYS A 10 -4.75 -2.89 13.70
N LEU A 11 -5.83 -2.22 13.33
CA LEU A 11 -6.62 -2.54 12.16
C LEU A 11 -5.88 -2.07 10.91
N ARG A 12 -5.48 -0.81 10.83
CA ARG A 12 -4.79 -0.27 9.66
C ARG A 12 -3.50 -1.02 9.39
N GLN A 13 -2.71 -1.31 10.41
CA GLN A 13 -1.48 -2.07 10.24
C GLN A 13 -1.79 -3.47 9.66
N ALA A 14 -2.94 -4.06 9.99
CA ALA A 14 -3.33 -5.37 9.49
C ALA A 14 -3.65 -5.24 7.99
N VAL A 15 -4.40 -4.19 7.63
CA VAL A 15 -4.81 -3.92 6.25
C VAL A 15 -3.57 -3.55 5.41
N LEU A 16 -2.61 -2.81 5.97
CA LEU A 16 -1.40 -2.44 5.24
C LEU A 16 -0.58 -3.70 4.95
N GLN A 17 -0.48 -4.63 5.91
CA GLN A 17 0.29 -5.87 5.70
C GLN A 17 -0.20 -6.64 4.47
N LYS A 18 -1.51 -6.90 4.32
CA LYS A 18 -1.95 -7.61 3.13
C LYS A 18 -1.78 -6.75 1.89
N LYS A 19 -2.00 -5.43 1.96
CA LYS A 19 -1.85 -4.53 0.82
C LYS A 19 -0.45 -4.64 0.21
N ILE A 20 0.58 -4.98 0.98
CA ILE A 20 1.94 -5.14 0.45
C ILE A 20 1.92 -6.26 -0.61
N LYS A 21 1.25 -7.37 -0.28
CA LYS A 21 1.08 -8.56 -1.10
C LYS A 21 0.14 -8.27 -2.26
N GLU A 22 -0.80 -7.35 -2.09
CA GLU A 22 -1.77 -7.03 -3.13
C GLU A 22 -1.10 -6.22 -4.21
N ARG A 23 -0.38 -5.15 -3.84
CA ARG A 23 0.30 -4.30 -4.83
C ARG A 23 1.39 -5.06 -5.59
N ILE A 24 2.06 -6.03 -4.97
CA ILE A 24 3.08 -6.80 -5.66
C ILE A 24 2.46 -7.86 -6.57
N GLN A 25 1.46 -8.59 -6.08
CA GLN A 25 0.84 -9.65 -6.85
C GLN A 25 -0.01 -9.14 -8.02
N ASN A 26 -0.87 -8.16 -7.74
CA ASN A 26 -1.74 -7.62 -8.77
C ASN A 26 -0.92 -6.69 -9.66
N SER A 27 -0.19 -5.75 -9.04
CA SER A 27 0.66 -4.75 -9.71
C SER A 27 -0.10 -3.90 -10.73
N LEU A 28 -1.43 -3.86 -10.61
CA LEU A 28 -2.34 -3.13 -11.47
C LEU A 28 -3.37 -2.38 -10.63
N SER A 29 -4.22 -1.62 -11.29
CA SER A 29 -5.26 -0.82 -10.67
C SER A 29 -6.69 -1.21 -11.09
N THR A 30 -6.97 -1.39 -12.39
CA THR A 30 -8.30 -1.73 -12.90
C THR A 30 -8.20 -2.73 -14.06
N GLU A 31 -7.17 -3.58 -14.05
CA GLU A 31 -6.95 -4.59 -15.09
C GLU A 31 -6.63 -3.92 -16.44
N LYS A 32 -5.93 -2.79 -16.34
CA LYS A 32 -5.48 -2.01 -17.49
C LYS A 32 -4.34 -2.79 -18.17
N TYR A 33 -4.01 -2.44 -19.41
CA TYR A 33 -2.93 -3.05 -20.17
C TYR A 33 -2.08 -1.89 -20.67
N GLY A 34 -2.62 -1.07 -21.59
CA GLY A 34 -1.92 0.07 -22.14
C GLY A 34 -1.28 -0.29 -23.47
N SER A 35 0.05 -0.19 -23.56
CA SER A 35 0.80 -0.49 -24.77
C SER A 35 2.20 -0.95 -24.35
N GLY A 36 3.21 -0.07 -24.41
CA GLY A 36 4.58 -0.36 -24.07
C GLY A 36 5.22 -1.13 -25.21
N SER A 37 5.69 -0.41 -26.24
CA SER A 37 6.33 -0.96 -27.43
C SER A 37 7.55 -0.12 -27.84
N GLY A 38 8.09 0.70 -26.93
CA GLY A 38 9.25 1.56 -27.18
C GLY A 38 10.48 0.94 -26.55
N SER A 39 10.86 1.39 -25.36
CA SER A 39 12.01 0.94 -24.57
C SER A 39 13.38 1.07 -25.27
N GLY A 40 13.48 1.54 -26.52
CA GLY A 40 14.72 1.70 -27.26
C GLY A 40 15.16 3.16 -27.29
N SER A 41 15.08 3.87 -26.17
CA SER A 41 15.46 5.28 -26.05
C SER A 41 15.78 5.58 -24.58
N GLY A 42 16.31 6.77 -24.31
CA GLY A 42 16.64 7.20 -22.96
C GLY A 42 15.35 7.38 -22.18
N SER A 43 15.26 6.80 -20.98
CA SER A 43 14.09 6.91 -20.13
C SER A 43 13.82 8.39 -19.79
N GLY A 44 12.56 8.75 -19.54
CA GLY A 44 12.12 10.10 -19.22
C GLY A 44 10.88 10.07 -18.33
N SER A 45 10.84 9.09 -17.43
CA SER A 45 9.76 8.85 -16.48
C SER A 45 9.66 9.98 -15.45
N GLY A 46 8.62 9.93 -14.61
CA GLY A 46 8.37 10.90 -13.57
C GLY A 46 7.57 10.22 -12.46
N SER A 47 7.74 10.67 -11.22
CA SER A 47 7.07 10.14 -10.04
C SER A 47 5.73 10.83 -9.77
N GLY A 48 5.11 10.45 -8.65
CA GLY A 48 3.85 10.96 -8.12
C GLY A 48 4.17 11.52 -6.73
N SER A 49 3.15 11.85 -5.93
CA SER A 49 3.41 12.36 -4.59
C SER A 49 2.16 12.39 -3.72
N GLY A 50 2.32 11.92 -2.48
CA GLY A 50 1.28 11.89 -1.46
C GLY A 50 1.60 12.88 -0.34
N SER A 51 2.51 13.83 -0.61
CA SER A 51 3.01 14.88 0.27
C SER A 51 3.49 14.41 1.64
N GLY A 52 3.91 13.14 1.76
CA GLY A 52 4.43 12.52 2.97
C GLY A 52 5.84 12.00 2.75
N SER A 53 6.47 11.54 3.83
CA SER A 53 7.82 11.00 3.80
C SER A 53 7.95 10.03 4.96
N GLY A 54 7.86 8.73 4.70
CA GLY A 54 7.97 7.70 5.73
C GLY A 54 8.43 6.37 5.17
N SER A 55 8.61 5.40 6.05
CA SER A 55 9.03 4.04 5.74
C SER A 55 8.32 3.07 6.70
N GLY A 56 8.50 1.77 6.48
CA GLY A 56 7.96 0.69 7.28
C GLY A 56 8.99 -0.43 7.32
N SER A 57 8.90 -1.33 8.29
CA SER A 57 9.82 -2.45 8.47
C SER A 57 9.04 -3.71 8.87
N GLY A 58 9.72 -4.84 9.03
CA GLY A 58 9.13 -6.13 9.41
C GLY A 58 9.46 -7.12 8.31
N TYR A 59 8.50 -7.94 7.88
CA TYR A 59 8.72 -8.92 6.81
C TYR A 59 8.56 -8.29 5.41
N GLN A 60 8.35 -6.97 5.34
CA GLN A 60 8.18 -6.23 4.10
C GLN A 60 9.58 -5.96 3.54
N ILE A 61 9.69 -5.87 2.22
CA ILE A 61 10.94 -5.62 1.53
C ILE A 61 11.23 -4.13 1.74
N GLU A 62 12.14 -3.84 2.66
CA GLU A 62 12.53 -2.49 3.04
C GLU A 62 13.22 -1.65 1.94
N THR A 63 13.54 -2.25 0.81
CA THR A 63 14.20 -1.58 -0.32
C THR A 63 13.60 -2.03 -1.65
N PHE A 64 12.30 -1.81 -1.84
CA PHE A 64 11.63 -2.19 -3.09
C PHE A 64 10.41 -1.32 -3.36
N PHE A 65 9.48 -1.30 -2.40
CA PHE A 65 8.23 -0.55 -2.46
C PHE A 65 8.11 0.38 -1.26
N ALA A 66 9.19 0.68 -0.53
CA ALA A 66 9.15 1.55 0.65
C ALA A 66 8.42 2.87 0.37
N GLN A 67 8.57 3.38 -0.85
CA GLN A 67 7.96 4.63 -1.31
C GLN A 67 6.44 4.47 -1.46
N ASP A 68 6.01 3.30 -1.92
CA ASP A 68 4.63 2.94 -2.12
C ASP A 68 3.95 2.56 -0.81
N ILE A 69 4.74 2.03 0.12
CA ILE A 69 4.33 1.59 1.43
C ILE A 69 3.80 2.78 2.22
N GLU A 70 4.51 3.91 2.19
CA GLU A 70 4.07 5.08 2.94
C GLU A 70 2.79 5.63 2.34
N SER A 71 2.65 5.55 1.03
CA SER A 71 1.49 6.09 0.35
C SER A 71 0.21 5.35 0.69
N VAL A 72 0.26 4.02 0.69
CA VAL A 72 -0.93 3.25 1.01
C VAL A 72 -1.20 3.33 2.51
N GLN A 73 -0.19 3.23 3.36
CA GLN A 73 -0.45 3.30 4.80
C GLN A 73 -0.97 4.67 5.21
N LYS A 74 -0.57 5.74 4.51
CA LYS A 74 -1.02 7.10 4.75
C LYS A 74 -2.53 7.21 4.56
N GLU A 75 -3.12 6.35 3.73
CA GLU A 75 -4.55 6.34 3.51
C GLU A 75 -5.23 5.66 4.71
N LEU A 76 -4.69 4.53 5.16
CA LEU A 76 -5.23 3.74 6.23
C LEU A 76 -5.23 4.38 7.59
N GLU A 77 -4.22 5.20 7.90
CA GLU A 77 -4.13 5.89 9.20
C GLU A 77 -5.30 6.84 9.46
N ASN A 78 -6.09 7.17 8.42
CA ASN A 78 -7.25 8.06 8.54
C ASN A 78 -8.56 7.33 8.31
N LEU A 79 -8.54 6.01 8.12
CA LEU A 79 -9.77 5.25 7.95
C LEU A 79 -10.23 4.73 9.31
N SER A 80 -11.53 4.49 9.42
CA SER A 80 -12.23 3.99 10.59
C SER A 80 -12.20 2.44 10.62
N GLU A 81 -12.63 1.81 11.72
CA GLU A 81 -12.65 0.34 11.81
C GLU A 81 -13.51 -0.19 10.68
N GLU A 82 -14.69 0.38 10.45
CA GLU A 82 -15.60 -0.06 9.41
C GLU A 82 -14.92 -0.15 8.05
N GLU A 83 -13.93 0.71 7.79
CA GLU A 83 -13.20 0.71 6.55
C GLU A 83 -12.09 -0.34 6.53
N LEU A 84 -11.22 -0.34 7.55
CA LEU A 84 -10.06 -1.23 7.71
C LEU A 84 -10.40 -2.63 8.19
N LEU A 85 -11.11 -2.71 9.30
CA LEU A 85 -11.59 -3.93 9.93
C LEU A 85 -12.36 -4.69 8.87
N ALA A 86 -13.10 -4.02 7.99
CA ALA A 86 -13.85 -4.74 7.00
C ALA A 86 -12.93 -5.40 5.95
N MET A 87 -11.73 -4.84 5.70
CA MET A 87 -10.76 -5.33 4.71
C MET A 87 -10.10 -6.62 5.15
N LEU A 88 -9.49 -6.57 6.34
CA LEU A 88 -8.81 -7.70 6.96
C LEU A 88 -9.81 -8.79 7.32
N ASN A 89 -11.05 -8.42 7.64
CA ASN A 89 -12.08 -9.38 7.99
C ASN A 89 -12.65 -10.00 6.72
N GLY A 90 -12.58 -9.26 5.62
CA GLY A 90 -13.09 -9.64 4.31
C GLY A 90 -14.60 -9.81 4.34
N ASP A 91 -15.30 -8.93 5.05
CA ASP A 91 -16.75 -8.96 5.22
C ASP A 91 -17.39 -7.63 4.85
N GLN A 92 -18.73 -7.55 4.90
CA GLN A 92 -19.55 -6.37 4.58
C GLN A 92 -19.82 -5.47 5.78
N GLN A 93 -19.05 -5.68 6.83
CA GLN A 93 -19.17 -4.94 8.07
C GLN A 93 -18.62 -3.52 7.91
N MET A 1 -13.52 3.00 29.28
CA MET A 1 -12.21 3.24 29.89
C MET A 1 -11.11 3.12 28.86
N ASN A 2 -10.96 1.92 28.30
CA ASN A 2 -9.95 1.57 27.33
C ASN A 2 -10.08 2.36 26.03
N ILE A 3 -8.96 2.93 25.60
CA ILE A 3 -8.87 3.70 24.38
C ILE A 3 -9.12 2.72 23.25
N ASN A 4 -9.85 3.23 22.27
CA ASN A 4 -10.26 2.52 21.07
C ASN A 4 -9.74 3.25 19.85
N GLU A 5 -9.79 4.58 19.81
CA GLU A 5 -9.35 5.40 18.67
C GLU A 5 -7.88 5.12 18.36
N GLN A 6 -7.08 4.96 19.40
CA GLN A 6 -5.65 4.68 19.29
C GLN A 6 -5.43 3.20 18.93
N THR A 7 -6.37 2.33 19.30
CA THR A 7 -6.31 0.91 19.03
C THR A 7 -6.69 0.61 17.58
N LEU A 8 -7.56 1.39 16.93
CA LEU A 8 -7.99 1.20 15.54
C LEU A 8 -6.72 1.13 14.70
N ASP A 9 -5.64 1.79 15.10
CA ASP A 9 -4.35 1.82 14.43
C ASP A 9 -3.86 0.40 14.12
N LYS A 10 -3.89 -0.52 15.10
CA LYS A 10 -3.44 -1.91 14.86
C LYS A 10 -4.39 -2.63 13.90
N LEU A 11 -5.67 -2.22 13.88
CA LEU A 11 -6.69 -2.81 13.03
C LEU A 11 -6.48 -2.29 11.60
N ARG A 12 -6.43 -0.98 11.37
CA ARG A 12 -6.25 -0.43 10.03
C ARG A 12 -4.98 -0.90 9.39
N GLN A 13 -3.89 -0.97 10.14
CA GLN A 13 -2.63 -1.44 9.60
C GLN A 13 -2.75 -2.93 9.23
N ALA A 14 -3.57 -3.72 9.93
CA ALA A 14 -3.76 -5.13 9.62
C ALA A 14 -4.54 -5.24 8.31
N VAL A 15 -5.50 -4.34 8.07
CA VAL A 15 -6.30 -4.32 6.86
C VAL A 15 -5.44 -3.85 5.69
N LEU A 16 -4.76 -2.70 5.77
CA LEU A 16 -3.93 -2.19 4.67
C LEU A 16 -2.92 -3.22 4.19
N GLN A 17 -2.41 -4.09 5.07
CA GLN A 17 -1.45 -5.12 4.68
C GLN A 17 -2.02 -5.99 3.55
N LYS A 18 -3.32 -6.34 3.54
CA LYS A 18 -3.85 -7.13 2.44
C LYS A 18 -3.99 -6.24 1.20
N LYS A 19 -4.35 -4.95 1.35
CA LYS A 19 -4.50 -4.01 0.24
C LYS A 19 -3.22 -3.97 -0.59
N ILE A 20 -2.04 -4.07 0.04
CA ILE A 20 -0.76 -4.05 -0.68
C ILE A 20 -0.70 -5.20 -1.70
N LYS A 21 -1.23 -6.38 -1.35
CA LYS A 21 -1.26 -7.57 -2.22
C LYS A 21 -2.32 -7.39 -3.30
N GLU A 22 -3.37 -6.63 -2.99
CA GLU A 22 -4.47 -6.40 -3.91
C GLU A 22 -3.99 -5.42 -4.99
N ARG A 23 -3.37 -4.29 -4.63
CA ARG A 23 -2.87 -3.31 -5.61
C ARG A 23 -1.83 -3.94 -6.53
N ILE A 24 -0.92 -4.75 -6.00
CA ILE A 24 0.13 -5.37 -6.82
C ILE A 24 -0.46 -6.42 -7.76
N GLN A 25 -1.36 -7.27 -7.27
CA GLN A 25 -1.90 -8.31 -8.12
C GLN A 25 -2.93 -7.77 -9.12
N ASN A 26 -3.91 -6.99 -8.66
CA ASN A 26 -4.98 -6.46 -9.50
C ASN A 26 -4.46 -5.33 -10.35
N SER A 27 -3.78 -4.35 -9.76
CA SER A 27 -3.21 -3.18 -10.44
C SER A 27 -4.23 -2.42 -11.30
N LEU A 28 -5.52 -2.61 -11.01
CA LEU A 28 -6.65 -2.02 -11.71
C LEU A 28 -7.55 -1.28 -10.74
N SER A 29 -8.55 -0.64 -11.32
CA SER A 29 -9.57 0.14 -10.64
C SER A 29 -10.95 -0.50 -10.78
N THR A 30 -11.30 -0.95 -11.99
CA THR A 30 -12.59 -1.56 -12.27
C THR A 30 -12.48 -2.31 -13.62
N GLU A 31 -11.38 -3.04 -13.80
CA GLU A 31 -11.09 -3.78 -15.03
C GLU A 31 -10.97 -2.79 -16.20
N LYS A 32 -10.54 -1.55 -15.90
CA LYS A 32 -10.36 -0.50 -16.86
C LYS A 32 -9.09 -0.91 -17.61
N TYR A 33 -9.21 -1.37 -18.85
CA TYR A 33 -8.08 -1.81 -19.65
C TYR A 33 -7.18 -0.64 -20.06
N GLY A 34 -6.04 -0.93 -20.67
CA GLY A 34 -5.06 0.05 -21.13
C GLY A 34 -3.70 -0.60 -21.33
N SER A 35 -2.90 -0.03 -22.22
CA SER A 35 -1.55 -0.49 -22.57
C SER A 35 -0.65 0.73 -22.80
N GLY A 36 0.65 0.50 -22.98
CA GLY A 36 1.62 1.56 -23.22
C GLY A 36 3.01 0.96 -23.43
N SER A 37 3.99 1.82 -23.69
CA SER A 37 5.38 1.45 -23.93
C SER A 37 6.34 2.42 -23.25
N GLY A 38 7.63 2.09 -23.20
CA GLY A 38 8.67 2.91 -22.59
C GLY A 38 9.98 2.67 -23.32
N SER A 39 10.80 3.70 -23.42
CA SER A 39 12.10 3.69 -24.09
C SER A 39 13.16 4.26 -23.13
N GLY A 40 14.43 4.23 -23.53
CA GLY A 40 15.56 4.72 -22.75
C GLY A 40 16.73 5.01 -23.68
N SER A 41 17.85 5.48 -23.14
CA SER A 41 19.05 5.79 -23.90
C SER A 41 20.27 5.72 -22.99
N GLY A 42 21.44 5.47 -23.57
CA GLY A 42 22.69 5.37 -22.83
C GLY A 42 23.16 6.77 -22.39
N SER A 43 24.17 6.83 -21.54
CA SER A 43 24.75 8.06 -21.02
C SER A 43 26.18 7.75 -20.58
N GLY A 44 27.02 8.77 -20.43
CA GLY A 44 28.41 8.61 -20.02
C GLY A 44 28.99 9.98 -19.73
N SER A 45 29.08 10.34 -18.45
CA SER A 45 29.61 11.60 -17.95
C SER A 45 29.85 11.42 -16.44
N GLY A 46 30.29 12.47 -15.75
CA GLY A 46 30.55 12.44 -14.33
C GLY A 46 31.90 11.77 -14.06
N SER A 47 32.19 11.50 -12.79
CA SER A 47 33.44 10.87 -12.38
C SER A 47 33.32 10.00 -11.12
N GLY A 48 32.22 10.09 -10.37
CA GLY A 48 32.03 9.31 -9.14
C GLY A 48 30.58 9.35 -8.67
N SER A 49 29.63 9.32 -9.60
CA SER A 49 28.19 9.37 -9.36
C SER A 49 27.63 8.27 -8.46
N GLY A 50 28.32 7.14 -8.28
CA GLY A 50 27.88 6.03 -7.46
C GLY A 50 26.84 5.20 -8.19
N SER A 51 26.34 4.15 -7.55
CA SER A 51 25.36 3.21 -8.05
C SER A 51 24.42 2.80 -6.91
N GLY A 52 23.37 2.02 -7.18
CA GLY A 52 22.41 1.56 -6.19
C GLY A 52 21.90 0.16 -6.56
N SER A 53 21.21 -0.50 -5.62
CA SER A 53 20.68 -1.85 -5.82
C SER A 53 19.18 -2.00 -5.65
N GLY A 54 18.47 -1.02 -5.10
CA GLY A 54 17.04 -1.11 -4.88
C GLY A 54 16.77 -1.95 -3.63
N SER A 55 15.50 -2.24 -3.36
CA SER A 55 15.07 -3.03 -2.20
C SER A 55 14.00 -4.05 -2.63
N GLY A 56 13.20 -4.56 -1.68
CA GLY A 56 12.15 -5.55 -1.89
C GLY A 56 12.73 -6.91 -1.52
N SER A 57 12.61 -7.30 -0.25
CA SER A 57 13.14 -8.56 0.26
C SER A 57 12.12 -9.35 1.11
N GLY A 58 11.16 -8.70 1.75
CA GLY A 58 10.17 -9.37 2.58
C GLY A 58 9.06 -8.41 2.96
N TYR A 59 9.33 -7.44 3.84
CA TYR A 59 8.36 -6.44 4.27
C TYR A 59 8.00 -5.48 3.12
N GLN A 60 7.14 -4.49 3.39
CA GLN A 60 6.70 -3.51 2.39
C GLN A 60 7.89 -2.80 1.74
N ILE A 61 7.63 -2.19 0.58
CA ILE A 61 8.61 -1.49 -0.22
C ILE A 61 8.33 0.01 -0.13
N GLU A 62 8.95 0.63 0.86
CA GLU A 62 8.87 2.06 1.16
C GLU A 62 9.51 2.90 0.03
N THR A 63 10.12 2.23 -0.93
CA THR A 63 10.81 2.79 -2.09
C THR A 63 10.17 2.33 -3.40
N PHE A 64 8.83 2.17 -3.45
CA PHE A 64 8.14 1.76 -4.67
C PHE A 64 6.70 2.27 -4.71
N PHE A 65 5.89 1.89 -3.72
CA PHE A 65 4.48 2.26 -3.63
C PHE A 65 4.19 3.11 -2.39
N ALA A 66 5.21 3.60 -1.67
CA ALA A 66 5.02 4.42 -0.48
C ALA A 66 4.09 5.62 -0.72
N GLN A 67 4.10 6.15 -1.93
CA GLN A 67 3.29 7.29 -2.33
C GLN A 67 1.80 6.91 -2.28
N ASP A 68 1.46 5.68 -2.67
CA ASP A 68 0.08 5.17 -2.63
C ASP A 68 -0.30 4.72 -1.23
N ILE A 69 0.69 4.27 -0.44
CA ILE A 69 0.54 3.75 0.92
C ILE A 69 -0.22 4.74 1.79
N GLU A 70 0.20 5.99 1.73
CA GLU A 70 -0.40 7.06 2.50
C GLU A 70 -1.84 7.26 2.06
N SER A 71 -2.07 7.27 0.76
CA SER A 71 -3.39 7.49 0.19
C SER A 71 -4.37 6.39 0.63
N VAL A 72 -3.94 5.13 0.60
CA VAL A 72 -4.80 4.02 0.97
C VAL A 72 -4.95 3.94 2.49
N GLN A 73 -3.89 4.18 3.25
CA GLN A 73 -3.97 4.10 4.69
C GLN A 73 -4.77 5.27 5.27
N LYS A 74 -4.76 6.45 4.63
CA LYS A 74 -5.48 7.66 5.02
C LYS A 74 -6.99 7.39 5.08
N GLU A 75 -7.47 6.44 4.29
CA GLU A 75 -8.88 6.08 4.27
C GLU A 75 -9.21 5.25 5.52
N LEU A 76 -8.34 4.29 5.86
CA LEU A 76 -8.51 3.39 6.98
C LEU A 76 -8.20 3.95 8.36
N GLU A 77 -7.24 4.84 8.49
CA GLU A 77 -6.86 5.44 9.78
C GLU A 77 -7.99 6.19 10.47
N ASN A 78 -9.08 6.45 9.76
CA ASN A 78 -10.25 7.13 10.30
C ASN A 78 -11.48 6.23 10.36
N LEU A 79 -11.38 4.96 9.93
CA LEU A 79 -12.48 4.00 9.99
C LEU A 79 -12.52 3.38 11.39
N SER A 80 -13.69 2.92 11.81
CA SER A 80 -13.90 2.30 13.11
C SER A 80 -13.34 0.88 13.14
N GLU A 81 -13.19 0.29 14.33
CA GLU A 81 -12.72 -1.08 14.44
C GLU A 81 -13.70 -1.94 13.68
N GLU A 82 -14.99 -1.72 13.83
CA GLU A 82 -16.06 -2.47 13.22
C GLU A 82 -15.89 -2.57 11.71
N GLU A 83 -15.27 -1.57 11.11
CA GLU A 83 -14.99 -1.50 9.71
C GLU A 83 -13.72 -2.27 9.38
N LEU A 84 -12.64 -1.97 10.10
CA LEU A 84 -11.31 -2.57 9.89
C LEU A 84 -11.18 -4.01 10.39
N LEU A 85 -11.53 -4.18 11.66
CA LEU A 85 -11.54 -5.42 12.42
C LEU A 85 -12.40 -6.37 11.61
N ALA A 86 -13.52 -5.92 11.03
CA ALA A 86 -14.35 -6.83 10.26
C ALA A 86 -13.65 -7.28 8.98
N MET A 87 -12.73 -6.52 8.40
CA MET A 87 -12.06 -6.92 7.15
C MET A 87 -11.05 -8.02 7.41
N LEU A 88 -10.13 -7.76 8.35
CA LEU A 88 -9.08 -8.69 8.74
C LEU A 88 -9.66 -9.94 9.39
N ASN A 89 -10.76 -9.80 10.13
CA ASN A 89 -11.40 -10.94 10.80
C ASN A 89 -12.31 -11.69 9.84
N GLY A 90 -12.83 -10.99 8.84
CA GLY A 90 -13.72 -11.51 7.83
C GLY A 90 -15.10 -10.87 7.92
N ASP A 91 -15.68 -10.75 9.12
CA ASP A 91 -16.98 -10.15 9.37
C ASP A 91 -17.15 -9.68 10.81
N GLN A 92 -18.22 -8.90 11.01
CA GLN A 92 -18.66 -8.34 12.26
C GLN A 92 -20.10 -7.87 12.09
N GLN A 93 -21.02 -8.79 12.32
CA GLN A 93 -22.45 -8.52 12.24
C GLN A 93 -22.83 -7.75 13.49
N MET A 1 -9.27 0.81 30.74
CA MET A 1 -9.18 -0.24 29.72
C MET A 1 -10.41 -0.31 28.83
N ASN A 2 -11.62 -0.21 29.38
CA ASN A 2 -12.85 -0.33 28.60
C ASN A 2 -12.96 0.74 27.51
N ILE A 3 -12.67 0.39 26.25
CA ILE A 3 -12.74 1.27 25.09
C ILE A 3 -12.70 0.43 23.81
N ASN A 4 -13.55 0.82 22.85
CA ASN A 4 -13.72 0.18 21.54
C ASN A 4 -13.11 1.07 20.44
N GLU A 5 -13.35 2.38 20.46
CA GLU A 5 -12.85 3.34 19.45
C GLU A 5 -11.33 3.29 19.35
N GLN A 6 -10.68 3.26 20.51
CA GLN A 6 -9.23 3.22 20.58
C GLN A 6 -8.72 1.85 20.12
N THR A 7 -9.52 0.80 20.27
CA THR A 7 -9.12 -0.54 19.83
C THR A 7 -9.14 -0.64 18.32
N LEU A 8 -10.09 0.01 17.64
CA LEU A 8 -10.24 -0.01 16.19
C LEU A 8 -8.91 0.37 15.55
N ASP A 9 -8.10 1.20 16.21
CA ASP A 9 -6.80 1.63 15.73
C ASP A 9 -5.92 0.44 15.33
N LYS A 10 -5.87 -0.62 16.12
CA LYS A 10 -5.06 -1.80 15.80
C LYS A 10 -5.67 -2.56 14.63
N LEU A 11 -6.99 -2.47 14.46
CA LEU A 11 -7.73 -3.13 13.38
C LEU A 11 -7.49 -2.35 12.09
N ARG A 12 -7.69 -1.03 12.04
CA ARG A 12 -7.49 -0.24 10.83
C ARG A 12 -6.09 -0.36 10.31
N GLN A 13 -5.09 -0.32 11.18
CA GLN A 13 -3.71 -0.47 10.74
C GLN A 13 -3.49 -1.85 10.09
N ALA A 14 -4.20 -2.90 10.52
CA ALA A 14 -4.08 -4.22 9.93
C ALA A 14 -4.68 -4.19 8.52
N VAL A 15 -5.81 -3.48 8.34
CA VAL A 15 -6.48 -3.34 7.05
C VAL A 15 -5.64 -2.43 6.14
N LEU A 16 -4.96 -1.41 6.68
CA LEU A 16 -4.11 -0.55 5.85
C LEU A 16 -2.90 -1.38 5.40
N GLN A 17 -2.36 -2.27 6.23
CA GLN A 17 -1.20 -3.09 5.87
C GLN A 17 -1.45 -3.95 4.61
N LYS A 18 -2.56 -4.70 4.52
CA LYS A 18 -2.81 -5.49 3.30
C LYS A 18 -2.97 -4.55 2.11
N LYS A 19 -3.67 -3.43 2.28
CA LYS A 19 -3.90 -2.45 1.23
C LYS A 19 -2.56 -1.99 0.64
N ILE A 20 -1.48 -1.90 1.43
CA ILE A 20 -0.18 -1.48 0.90
C ILE A 20 0.28 -2.48 -0.17
N LYS A 21 0.14 -3.78 0.12
CA LYS A 21 0.52 -4.84 -0.81
C LYS A 21 -0.41 -4.83 -2.03
N GLU A 22 -1.66 -4.40 -1.86
CA GLU A 22 -2.63 -4.39 -2.95
C GLU A 22 -2.25 -3.29 -3.93
N ARG A 23 -2.00 -2.06 -3.45
CA ARG A 23 -1.66 -0.94 -4.31
C ARG A 23 -0.31 -1.14 -5.01
N ILE A 24 0.67 -1.78 -4.38
CA ILE A 24 1.97 -2.01 -5.01
C ILE A 24 1.88 -3.16 -6.00
N GLN A 25 1.23 -4.28 -5.63
CA GLN A 25 1.16 -5.45 -6.49
C GLN A 25 0.24 -5.26 -7.69
N ASN A 26 -0.97 -4.76 -7.47
CA ASN A 26 -1.94 -4.56 -8.55
C ASN A 26 -1.58 -3.33 -9.35
N SER A 27 -1.40 -2.21 -8.65
CA SER A 27 -1.09 -0.87 -9.13
C SER A 27 -2.25 -0.20 -9.88
N LEU A 28 -2.99 -1.04 -10.54
CA LEU A 28 -4.16 -0.74 -11.33
C LEU A 28 -5.37 -0.41 -10.46
N SER A 29 -6.48 -0.13 -11.13
CA SER A 29 -7.76 0.21 -10.50
C SER A 29 -8.96 -0.55 -11.06
N THR A 30 -8.89 -0.98 -12.32
CA THR A 30 -9.95 -1.73 -12.98
C THR A 30 -9.37 -2.37 -14.27
N GLU A 31 -8.07 -2.69 -14.25
CA GLU A 31 -7.35 -3.31 -15.38
C GLU A 31 -7.42 -2.45 -16.67
N LYS A 32 -7.57 -1.12 -16.50
CA LYS A 32 -7.68 -0.08 -17.54
C LYS A 32 -6.41 0.15 -18.40
N TYR A 33 -5.66 -0.88 -18.77
CA TYR A 33 -4.43 -0.72 -19.57
C TYR A 33 -4.76 -0.16 -20.96
N GLY A 34 -5.32 -0.99 -21.85
CA GLY A 34 -5.70 -0.62 -23.20
C GLY A 34 -4.54 -0.58 -24.20
N SER A 35 -3.41 0.01 -23.84
CA SER A 35 -2.24 0.13 -24.70
C SER A 35 -0.93 0.03 -23.88
N GLY A 36 0.22 0.19 -24.55
CA GLY A 36 1.55 0.16 -23.97
C GLY A 36 2.58 0.57 -25.02
N SER A 37 3.84 0.75 -24.62
CA SER A 37 4.95 1.16 -25.47
C SER A 37 6.28 0.71 -24.85
N GLY A 38 7.40 0.96 -25.54
CA GLY A 38 8.73 0.60 -25.07
C GLY A 38 9.60 1.81 -24.70
N SER A 39 10.87 1.52 -24.42
CA SER A 39 11.93 2.45 -24.03
C SER A 39 12.52 3.10 -25.31
N GLY A 40 13.79 2.85 -25.63
CA GLY A 40 14.52 3.36 -26.79
C GLY A 40 15.83 2.59 -26.90
N SER A 41 16.53 2.70 -28.03
CA SER A 41 17.78 1.99 -28.25
C SER A 41 18.96 2.54 -27.44
N GLY A 42 18.96 3.85 -27.14
CA GLY A 42 20.06 4.46 -26.39
C GLY A 42 21.36 4.43 -27.21
N SER A 43 22.47 4.80 -26.57
CA SER A 43 23.83 4.83 -27.13
C SER A 43 24.78 5.03 -25.95
N GLY A 44 26.08 4.91 -26.18
CA GLY A 44 27.14 5.09 -25.18
C GLY A 44 28.44 4.48 -25.67
N SER A 45 29.53 4.72 -24.94
CA SER A 45 30.86 4.22 -25.26
C SER A 45 31.74 4.31 -24.01
N GLY A 46 32.96 3.80 -24.08
CA GLY A 46 33.94 3.81 -23.00
C GLY A 46 34.73 2.50 -23.01
N SER A 47 35.84 2.45 -22.28
CA SER A 47 36.69 1.25 -22.20
C SER A 47 36.11 0.17 -21.28
N GLY A 48 34.96 0.40 -20.66
CA GLY A 48 34.30 -0.53 -19.75
C GLY A 48 33.91 0.23 -18.48
N SER A 49 32.77 0.92 -18.52
CA SER A 49 32.27 1.70 -17.37
C SER A 49 31.83 0.82 -16.18
N GLY A 50 31.86 -0.51 -16.31
CA GLY A 50 31.45 -1.45 -15.28
C GLY A 50 29.96 -1.36 -14.99
N SER A 51 29.49 -2.15 -14.05
CA SER A 51 28.10 -2.19 -13.63
C SER A 51 28.04 -2.64 -12.17
N GLY A 52 26.85 -2.61 -11.59
CA GLY A 52 26.56 -3.00 -10.23
C GLY A 52 25.05 -2.79 -10.02
N SER A 53 24.46 -3.50 -9.07
CA SER A 53 23.05 -3.39 -8.75
C SER A 53 22.80 -4.04 -7.39
N GLY A 54 21.60 -3.84 -6.84
CA GLY A 54 21.16 -4.35 -5.56
C GLY A 54 20.28 -3.31 -4.89
N SER A 55 19.12 -3.70 -4.37
CA SER A 55 18.15 -2.86 -3.68
C SER A 55 17.18 -3.77 -2.91
N GLY A 56 16.64 -3.30 -1.79
CA GLY A 56 15.69 -4.05 -0.97
C GLY A 56 15.60 -3.46 0.43
N SER A 57 14.57 -3.85 1.20
CA SER A 57 14.36 -3.39 2.56
C SER A 57 13.68 -4.51 3.36
N GLY A 58 12.35 -4.48 3.50
CA GLY A 58 11.56 -5.45 4.23
C GLY A 58 10.22 -4.82 4.57
N TYR A 59 10.23 -3.79 5.42
CA TYR A 59 9.01 -3.08 5.81
C TYR A 59 8.48 -2.23 4.65
N GLN A 60 7.39 -1.51 4.88
CA GLN A 60 6.77 -0.65 3.89
C GLN A 60 7.77 0.39 3.37
N ILE A 61 7.47 0.98 2.23
CA ILE A 61 8.31 1.97 1.60
C ILE A 61 7.83 3.34 2.07
N GLU A 62 8.51 3.90 3.08
CA GLU A 62 8.16 5.21 3.62
C GLU A 62 8.51 6.32 2.62
N THR A 63 9.22 6.01 1.54
CA THR A 63 9.67 6.92 0.49
C THR A 63 9.16 6.51 -0.90
N PHE A 64 7.84 6.34 -1.04
CA PHE A 64 7.21 5.97 -2.30
C PHE A 64 5.72 6.26 -2.28
N PHE A 65 5.04 5.85 -1.22
CA PHE A 65 3.60 6.02 -1.09
C PHE A 65 3.18 6.54 0.29
N ALA A 66 4.09 7.03 1.13
CA ALA A 66 3.74 7.52 2.46
C ALA A 66 2.60 8.55 2.44
N GLN A 67 2.51 9.32 1.36
CA GLN A 67 1.49 10.34 1.15
C GLN A 67 0.14 9.68 0.87
N ASP A 68 0.12 8.60 0.09
CA ASP A 68 -1.10 7.87 -0.24
C ASP A 68 -1.54 6.96 0.91
N ILE A 69 -0.60 6.53 1.73
CA ILE A 69 -0.82 5.64 2.87
C ILE A 69 -1.70 6.34 3.88
N GLU A 70 -1.37 7.60 4.17
CA GLU A 70 -2.13 8.37 5.14
C GLU A 70 -3.53 8.68 4.60
N SER A 71 -3.63 8.79 3.27
CA SER A 71 -4.83 9.08 2.52
C SER A 71 -5.79 7.88 2.52
N VAL A 72 -5.29 6.68 2.26
CA VAL A 72 -6.11 5.47 2.24
C VAL A 72 -6.45 5.09 3.68
N GLN A 73 -5.49 5.16 4.62
CA GLN A 73 -5.79 4.83 6.00
C GLN A 73 -6.84 5.77 6.57
N LYS A 74 -6.91 7.02 6.10
CA LYS A 74 -7.89 8.02 6.52
C LYS A 74 -9.31 7.47 6.31
N GLU A 75 -9.50 6.58 5.35
CA GLU A 75 -10.83 6.00 5.12
C GLU A 75 -11.13 4.98 6.22
N LEU A 76 -10.12 4.24 6.68
CA LEU A 76 -10.20 3.20 7.70
C LEU A 76 -10.24 3.68 9.16
N GLU A 77 -9.55 4.75 9.50
CA GLU A 77 -9.48 5.30 10.86
C GLU A 77 -10.85 5.65 11.45
N ASN A 78 -11.90 5.75 10.63
CA ASN A 78 -13.24 6.05 11.12
C ASN A 78 -14.17 4.85 11.01
N LEU A 79 -13.75 3.73 10.41
CA LEU A 79 -14.59 2.54 10.31
C LEU A 79 -14.67 1.81 11.65
N SER A 80 -15.71 1.00 11.84
CA SER A 80 -15.95 0.21 13.04
C SER A 80 -15.15 -1.11 12.95
N GLU A 81 -15.04 -1.88 14.04
CA GLU A 81 -14.31 -3.15 14.05
C GLU A 81 -14.95 -4.04 13.00
N GLU A 82 -16.26 -4.22 12.98
CA GLU A 82 -16.94 -5.09 12.02
C GLU A 82 -16.53 -4.79 10.56
N GLU A 83 -16.17 -3.55 10.26
CA GLU A 83 -15.77 -3.16 8.93
C GLU A 83 -14.33 -3.59 8.69
N LEU A 84 -13.44 -3.21 9.60
CA LEU A 84 -12.00 -3.48 9.54
C LEU A 84 -11.59 -4.89 9.88
N LEU A 85 -12.04 -5.34 11.06
CA LEU A 85 -11.84 -6.64 11.67
C LEU A 85 -12.31 -7.67 10.67
N ALA A 86 -13.43 -7.43 9.99
CA ALA A 86 -13.93 -8.39 9.04
C ALA A 86 -13.01 -8.52 7.82
N MET A 87 -12.25 -7.48 7.46
CA MET A 87 -11.36 -7.52 6.29
C MET A 87 -10.11 -8.30 6.63
N LEU A 88 -9.41 -7.86 7.68
CA LEU A 88 -8.18 -8.48 8.14
C LEU A 88 -8.42 -9.93 8.53
N ASN A 89 -9.59 -10.24 9.13
CA ASN A 89 -9.91 -11.60 9.54
C ASN A 89 -10.47 -12.41 8.37
N GLY A 90 -11.06 -11.71 7.40
CA GLY A 90 -11.67 -12.27 6.21
C GLY A 90 -12.97 -12.98 6.56
N ASP A 91 -13.89 -12.29 7.26
CA ASP A 91 -15.18 -12.85 7.69
C ASP A 91 -16.32 -11.83 7.50
N GLN A 92 -17.36 -11.87 8.34
CA GLN A 92 -18.52 -10.98 8.33
C GLN A 92 -18.98 -10.61 9.74
N GLN A 93 -18.05 -10.62 10.70
CA GLN A 93 -18.39 -10.25 12.07
C GLN A 93 -18.63 -8.75 12.12
N MET A 1 -16.02 -0.16 29.57
CA MET A 1 -14.93 0.38 30.39
C MET A 1 -13.64 0.39 29.60
N ASN A 2 -13.26 -0.73 28.97
CA ASN A 2 -12.03 -0.77 28.19
C ASN A 2 -12.30 -0.06 26.86
N ILE A 3 -11.55 1.01 26.59
CA ILE A 3 -11.69 1.82 25.37
C ILE A 3 -11.62 0.93 24.13
N ASN A 4 -12.57 1.14 23.22
CA ASN A 4 -12.68 0.41 21.96
C ASN A 4 -12.16 1.28 20.82
N GLU A 5 -12.36 2.60 20.87
CA GLU A 5 -11.91 3.55 19.84
C GLU A 5 -10.39 3.44 19.66
N GLN A 6 -9.69 3.30 20.78
CA GLN A 6 -8.25 3.16 20.83
C GLN A 6 -7.85 1.78 20.28
N THR A 7 -8.70 0.76 20.46
CA THR A 7 -8.39 -0.57 19.96
C THR A 7 -8.53 -0.64 18.44
N LEU A 8 -9.46 0.09 17.82
CA LEU A 8 -9.66 0.07 16.37
C LEU A 8 -8.34 0.36 15.70
N ASP A 9 -7.46 1.16 16.33
CA ASP A 9 -6.15 1.53 15.81
C ASP A 9 -5.35 0.30 15.40
N LYS A 10 -5.29 -0.73 16.24
CA LYS A 10 -4.53 -1.93 15.87
C LYS A 10 -5.19 -2.65 14.69
N LEU A 11 -6.52 -2.53 14.58
CA LEU A 11 -7.30 -3.16 13.53
C LEU A 11 -7.10 -2.41 12.23
N ARG A 12 -7.29 -1.09 12.20
CA ARG A 12 -7.15 -0.31 10.97
C ARG A 12 -5.76 -0.41 10.41
N GLN A 13 -4.74 -0.32 11.25
CA GLN A 13 -3.37 -0.42 10.79
C GLN A 13 -3.14 -1.82 10.17
N ALA A 14 -3.82 -2.85 10.67
CA ALA A 14 -3.70 -4.21 10.17
C ALA A 14 -4.40 -4.31 8.80
N VAL A 15 -5.53 -3.63 8.61
CA VAL A 15 -6.26 -3.66 7.35
C VAL A 15 -5.46 -2.90 6.31
N LEU A 16 -5.09 -1.64 6.59
CA LEU A 16 -4.32 -0.85 5.64
C LEU A 16 -3.06 -1.59 5.23
N GLN A 17 -2.44 -2.39 6.10
CA GLN A 17 -1.25 -3.15 5.73
C GLN A 17 -1.56 -4.02 4.51
N LYS A 18 -2.66 -4.80 4.48
CA LYS A 18 -2.91 -5.60 3.28
C LYS A 18 -3.16 -4.70 2.07
N LYS A 19 -3.84 -3.57 2.22
CA LYS A 19 -4.14 -2.65 1.12
C LYS A 19 -2.84 -2.24 0.43
N ILE A 20 -1.75 -2.04 1.17
CA ILE A 20 -0.47 -1.65 0.57
C ILE A 20 0.02 -2.75 -0.38
N LYS A 21 -0.16 -4.03 -0.03
CA LYS A 21 0.23 -5.20 -0.83
C LYS A 21 -0.73 -5.35 -2.01
N GLU A 22 -1.99 -4.92 -1.86
CA GLU A 22 -2.98 -5.02 -2.92
C GLU A 22 -2.70 -3.99 -4.01
N ARG A 23 -2.49 -2.71 -3.68
CA ARG A 23 -2.24 -1.65 -4.68
C ARG A 23 -1.04 -2.01 -5.56
N ILE A 24 0.00 -2.61 -4.99
CA ILE A 24 1.19 -3.00 -5.73
C ILE A 24 0.91 -4.25 -6.58
N GLN A 25 0.33 -5.29 -5.98
CA GLN A 25 0.07 -6.54 -6.67
C GLN A 25 -0.98 -6.47 -7.77
N ASN A 26 -2.11 -5.85 -7.46
CA ASN A 26 -3.25 -5.70 -8.37
C ASN A 26 -2.95 -4.60 -9.38
N SER A 27 -2.57 -3.42 -8.87
CA SER A 27 -2.25 -2.19 -9.59
C SER A 27 -3.35 -1.66 -10.53
N LEU A 28 -4.49 -2.33 -10.57
CA LEU A 28 -5.65 -2.02 -11.38
C LEU A 28 -6.73 -1.31 -10.56
N SER A 29 -7.89 -1.19 -11.20
CA SER A 29 -9.13 -0.61 -10.70
C SER A 29 -10.26 -1.58 -11.01
N THR A 30 -10.34 -2.00 -12.27
CA THR A 30 -11.34 -2.92 -12.78
C THR A 30 -10.75 -3.71 -13.96
N GLU A 31 -9.46 -4.07 -13.86
CA GLU A 31 -8.69 -4.83 -14.86
C GLU A 31 -8.48 -4.07 -16.19
N LYS A 32 -8.75 -2.76 -16.20
CA LYS A 32 -8.65 -1.86 -17.36
C LYS A 32 -7.47 -2.14 -18.31
N TYR A 33 -6.24 -1.78 -17.93
CA TYR A 33 -5.07 -2.00 -18.76
C TYR A 33 -3.80 -1.87 -17.90
N GLY A 34 -2.64 -2.17 -18.48
CA GLY A 34 -1.32 -2.11 -17.89
C GLY A 34 -0.46 -1.13 -18.72
N SER A 35 0.81 -0.95 -18.39
CA SER A 35 1.71 -0.05 -19.11
C SER A 35 3.15 -0.36 -18.72
N GLY A 36 4.11 0.07 -19.53
CA GLY A 36 5.55 -0.09 -19.34
C GLY A 36 6.30 0.97 -20.15
N SER A 37 7.63 0.96 -20.09
CA SER A 37 8.49 1.90 -20.81
C SER A 37 9.92 1.34 -20.77
N GLY A 38 10.84 1.91 -21.55
CA GLY A 38 12.24 1.52 -21.62
C GLY A 38 13.12 2.78 -21.59
N SER A 39 14.41 2.65 -21.34
CA SER A 39 15.34 3.77 -21.26
C SER A 39 16.23 3.85 -22.50
N GLY A 40 17.54 3.98 -22.33
CA GLY A 40 18.54 4.08 -23.38
C GLY A 40 19.82 4.63 -22.76
N SER A 41 20.16 5.89 -23.06
CA SER A 41 21.35 6.60 -22.57
C SER A 41 22.71 5.92 -22.84
N GLY A 42 22.75 4.83 -23.61
CA GLY A 42 24.00 4.15 -23.92
C GLY A 42 24.92 5.08 -24.72
N SER A 43 26.21 5.05 -24.43
CA SER A 43 27.22 5.87 -25.08
C SER A 43 28.59 5.18 -24.89
N GLY A 44 29.64 5.78 -25.43
CA GLY A 44 31.01 5.30 -25.35
C GLY A 44 31.94 6.35 -25.96
N SER A 45 33.24 6.26 -25.67
CA SER A 45 34.24 7.19 -26.19
C SER A 45 35.60 6.48 -26.12
N GLY A 46 35.88 5.61 -27.09
CA GLY A 46 37.13 4.84 -27.18
C GLY A 46 37.23 3.71 -26.16
N SER A 47 36.73 3.91 -24.94
CA SER A 47 36.70 2.95 -23.86
C SER A 47 35.66 1.86 -24.14
N GLY A 48 35.58 0.90 -23.22
CA GLY A 48 34.66 -0.23 -23.26
C GLY A 48 33.27 0.21 -22.78
N SER A 49 32.54 -0.71 -22.16
CA SER A 49 31.19 -0.47 -21.65
C SER A 49 31.04 -1.12 -20.27
N GLY A 50 29.88 -0.92 -19.64
CA GLY A 50 29.53 -1.45 -18.34
C GLY A 50 28.04 -1.26 -18.11
N SER A 51 27.52 -1.84 -17.01
CA SER A 51 26.13 -1.78 -16.60
C SER A 51 26.12 -2.13 -15.11
N GLY A 52 24.94 -2.16 -14.48
CA GLY A 52 24.76 -2.48 -13.07
C GLY A 52 23.28 -2.38 -12.74
N SER A 53 22.85 -3.15 -11.74
CA SER A 53 21.47 -3.20 -11.27
C SER A 53 21.45 -3.55 -9.79
N GLY A 54 20.28 -3.76 -9.21
CA GLY A 54 20.07 -4.09 -7.81
C GLY A 54 18.63 -3.79 -7.43
N SER A 55 18.26 -4.08 -6.19
CA SER A 55 16.92 -3.86 -5.63
C SER A 55 17.04 -3.90 -4.11
N GLY A 56 15.90 -3.83 -3.42
CA GLY A 56 15.76 -3.87 -1.98
C GLY A 56 14.33 -4.30 -1.64
N SER A 57 14.04 -4.51 -0.36
CA SER A 57 12.74 -4.92 0.15
C SER A 57 12.72 -4.71 1.67
N GLY A 58 11.57 -4.90 2.30
CA GLY A 58 11.36 -4.75 3.73
C GLY A 58 9.99 -4.15 3.98
N TYR A 59 9.93 -3.19 4.91
CA TYR A 59 8.73 -2.45 5.31
C TYR A 59 8.18 -1.63 4.13
N GLN A 60 7.11 -0.87 4.37
CA GLN A 60 6.47 -0.02 3.37
C GLN A 60 7.47 0.98 2.79
N ILE A 61 7.20 1.42 1.56
CA ILE A 61 8.04 2.35 0.84
C ILE A 61 7.49 3.75 1.11
N GLU A 62 7.99 4.39 2.15
CA GLU A 62 7.60 5.73 2.58
C GLU A 62 7.99 6.80 1.53
N THR A 63 8.75 6.41 0.51
CA THR A 63 9.23 7.27 -0.57
C THR A 63 8.77 6.72 -1.92
N PHE A 64 7.45 6.47 -2.04
CA PHE A 64 6.83 5.99 -3.25
C PHE A 64 5.32 6.20 -3.24
N PHE A 65 4.64 5.73 -2.20
CA PHE A 65 3.18 5.83 -2.10
C PHE A 65 2.69 6.49 -0.81
N ALA A 66 3.56 7.13 -0.02
CA ALA A 66 3.15 7.77 1.24
C ALA A 66 1.98 8.74 1.05
N GLN A 67 1.90 9.37 -0.12
CA GLN A 67 0.85 10.31 -0.45
C GLN A 67 -0.50 9.59 -0.51
N ASP A 68 -0.55 8.38 -1.07
CA ASP A 68 -1.79 7.60 -1.15
C ASP A 68 -2.10 6.86 0.15
N ILE A 69 -1.05 6.42 0.86
CA ILE A 69 -1.14 5.69 2.13
C ILE A 69 -1.97 6.49 3.13
N GLU A 70 -1.70 7.79 3.24
CA GLU A 70 -2.41 8.64 4.18
C GLU A 70 -3.90 8.65 3.85
N SER A 71 -4.26 8.53 2.58
CA SER A 71 -5.67 8.56 2.19
C SER A 71 -6.35 7.27 2.57
N VAL A 72 -5.63 6.16 2.56
CA VAL A 72 -6.16 4.86 2.93
C VAL A 72 -6.31 4.83 4.44
N GLN A 73 -5.28 5.29 5.17
CA GLN A 73 -5.33 5.29 6.61
C GLN A 73 -6.44 6.22 7.09
N LYS A 74 -6.66 7.34 6.39
CA LYS A 74 -7.70 8.31 6.70
C LYS A 74 -9.08 7.71 6.48
N GLU A 75 -9.22 6.73 5.59
CA GLU A 75 -10.52 6.10 5.36
C GLU A 75 -10.81 5.19 6.56
N LEU A 76 -9.84 4.37 6.94
CA LEU A 76 -9.94 3.42 8.02
C LEU A 76 -9.98 3.96 9.44
N GLU A 77 -9.36 5.08 9.73
CA GLU A 77 -9.35 5.65 11.08
C GLU A 77 -10.72 6.04 11.61
N ASN A 78 -11.72 6.17 10.73
CA ASN A 78 -13.10 6.49 11.13
C ASN A 78 -13.93 5.22 11.09
N LEU A 79 -13.36 4.06 10.69
CA LEU A 79 -14.12 2.82 10.65
C LEU A 79 -14.10 2.14 12.01
N SER A 80 -15.13 1.32 12.25
CA SER A 80 -15.36 0.53 13.45
C SER A 80 -14.64 -0.82 13.38
N GLU A 81 -14.47 -1.55 14.48
CA GLU A 81 -13.80 -2.85 14.51
C GLU A 81 -14.53 -3.74 13.53
N GLU A 82 -15.84 -3.85 13.57
CA GLU A 82 -16.65 -4.69 12.70
C GLU A 82 -16.34 -4.48 11.21
N GLU A 83 -15.91 -3.28 10.83
CA GLU A 83 -15.55 -2.95 9.47
C GLU A 83 -14.13 -3.45 9.15
N LEU A 84 -13.17 -3.07 9.99
CA LEU A 84 -11.75 -3.37 9.86
C LEU A 84 -11.38 -4.80 10.23
N LEU A 85 -11.79 -5.22 11.42
CA LEU A 85 -11.61 -6.53 12.01
C LEU A 85 -12.16 -7.54 11.01
N ALA A 86 -13.31 -7.23 10.39
CA ALA A 86 -13.88 -8.18 9.44
C ALA A 86 -12.98 -8.38 8.22
N MET A 87 -12.15 -7.40 7.85
CA MET A 87 -11.27 -7.51 6.67
C MET A 87 -10.04 -8.33 6.99
N LEU A 88 -9.30 -7.93 8.02
CA LEU A 88 -8.08 -8.60 8.46
C LEU A 88 -8.36 -10.04 8.88
N ASN A 89 -9.51 -10.31 9.51
CA ASN A 89 -9.84 -11.67 9.93
C ASN A 89 -10.50 -12.45 8.79
N GLY A 90 -11.13 -11.73 7.87
CA GLY A 90 -11.83 -12.26 6.72
C GLY A 90 -13.11 -12.94 7.22
N ASP A 91 -14.02 -12.15 7.79
CA ASP A 91 -15.28 -12.64 8.34
C ASP A 91 -16.44 -11.71 7.94
N GLN A 92 -17.55 -11.74 8.69
CA GLN A 92 -18.76 -10.95 8.48
C GLN A 92 -19.40 -10.49 9.79
N GLN A 93 -18.62 -10.17 10.82
CA GLN A 93 -19.13 -9.74 12.12
C GLN A 93 -18.57 -8.42 12.56
N MET A 1 -6.56 1.55 28.78
CA MET A 1 -7.05 0.20 28.52
C MET A 1 -8.41 0.27 27.86
N ASN A 2 -9.48 0.64 28.59
CA ASN A 2 -10.84 0.72 28.03
C ASN A 2 -10.91 1.82 26.97
N ILE A 3 -10.69 1.48 25.70
CA ILE A 3 -10.73 2.39 24.57
C ILE A 3 -11.08 1.58 23.33
N ASN A 4 -11.77 2.24 22.39
CA ASN A 4 -12.20 1.64 21.14
C ASN A 4 -11.57 2.32 19.95
N GLU A 5 -11.69 3.65 19.83
CA GLU A 5 -11.16 4.42 18.71
C GLU A 5 -9.65 4.26 18.53
N GLN A 6 -8.92 4.22 19.65
CA GLN A 6 -7.49 4.08 19.63
C GLN A 6 -7.08 2.64 19.28
N THR A 7 -7.93 1.67 19.61
CA THR A 7 -7.69 0.27 19.32
C THR A 7 -7.85 -0.02 17.83
N LEU A 8 -8.76 0.66 17.13
CA LEU A 8 -9.02 0.48 15.69
C LEU A 8 -7.71 0.61 14.95
N ASP A 9 -6.74 1.38 15.46
CA ASP A 9 -5.42 1.58 14.87
C ASP A 9 -4.77 0.23 14.56
N LYS A 10 -4.83 -0.75 15.47
CA LYS A 10 -4.23 -2.06 15.20
C LYS A 10 -5.02 -2.80 14.13
N LEU A 11 -6.32 -2.55 14.02
CA LEU A 11 -7.20 -3.16 13.05
C LEU A 11 -7.00 -2.55 11.65
N ARG A 12 -7.10 -1.24 11.50
CA ARG A 12 -6.95 -0.55 10.22
C ARG A 12 -5.59 -0.82 9.60
N GLN A 13 -4.52 -0.76 10.39
CA GLN A 13 -3.18 -1.03 9.90
C GLN A 13 -3.07 -2.47 9.36
N ALA A 14 -3.84 -3.42 9.91
CA ALA A 14 -3.85 -4.81 9.48
C ALA A 14 -4.58 -4.91 8.14
N VAL A 15 -5.70 -4.20 7.96
CA VAL A 15 -6.44 -4.21 6.71
C VAL A 15 -5.55 -3.60 5.63
N LEU A 16 -5.04 -2.37 5.86
CA LEU A 16 -4.19 -1.70 4.88
C LEU A 16 -2.98 -2.55 4.48
N GLN A 17 -2.43 -3.38 5.37
CA GLN A 17 -1.30 -4.23 5.02
C GLN A 17 -1.62 -5.05 3.77
N LYS A 18 -2.81 -5.65 3.68
CA LYS A 18 -3.16 -6.41 2.47
C LYS A 18 -3.38 -5.42 1.33
N LYS A 19 -3.96 -4.23 1.57
CA LYS A 19 -4.20 -3.22 0.55
C LYS A 19 -2.90 -2.85 -0.14
N ILE A 20 -1.75 -2.79 0.55
CA ILE A 20 -0.48 -2.45 -0.09
C ILE A 20 -0.18 -3.47 -1.21
N LYS A 21 -0.52 -4.74 -0.98
CA LYS A 21 -0.36 -5.88 -1.91
C LYS A 21 -1.41 -5.78 -3.02
N GLU A 22 -2.59 -5.25 -2.71
CA GLU A 22 -3.66 -5.14 -3.68
C GLU A 22 -3.30 -4.05 -4.68
N ARG A 23 -2.89 -2.87 -4.22
CA ARG A 23 -2.53 -1.77 -5.11
C ARG A 23 -1.32 -2.10 -5.99
N ILE A 24 -0.35 -2.88 -5.50
CA ILE A 24 0.82 -3.26 -6.31
C ILE A 24 0.44 -4.37 -7.29
N GLN A 25 -0.27 -5.41 -6.83
CA GLN A 25 -0.63 -6.54 -7.69
C GLN A 25 -1.65 -6.14 -8.74
N ASN A 26 -2.74 -5.48 -8.34
CA ASN A 26 -3.78 -5.07 -9.27
C ASN A 26 -3.36 -3.82 -10.04
N SER A 27 -2.93 -2.76 -9.33
CA SER A 27 -2.50 -1.47 -9.87
C SER A 27 -3.50 -0.89 -10.89
N LEU A 28 -4.78 -1.22 -10.72
CA LEU A 28 -5.91 -0.83 -11.52
C LEU A 28 -7.08 -0.49 -10.58
N SER A 29 -8.22 -0.16 -11.16
CA SER A 29 -9.45 0.18 -10.46
C SER A 29 -10.60 -0.66 -10.96
N THR A 30 -10.84 -0.67 -12.27
CA THR A 30 -11.93 -1.42 -12.89
C THR A 30 -11.36 -2.08 -14.16
N GLU A 31 -10.07 -2.45 -14.09
CA GLU A 31 -9.26 -3.09 -15.12
C GLU A 31 -9.02 -2.25 -16.37
N LYS A 32 -9.49 -0.99 -16.38
CA LYS A 32 -9.41 -0.01 -17.45
C LYS A 32 -8.31 -0.28 -18.48
N TYR A 33 -7.05 -0.05 -18.12
CA TYR A 33 -5.90 -0.32 -18.98
C TYR A 33 -4.75 -0.69 -18.05
N GLY A 34 -5.03 -1.55 -17.06
CA GLY A 34 -4.06 -1.99 -16.08
C GLY A 34 -3.44 -0.78 -15.37
N SER A 35 -2.13 -0.58 -15.51
CA SER A 35 -1.38 0.49 -14.89
C SER A 35 -0.61 1.30 -15.96
N GLY A 36 0.33 0.69 -16.69
CA GLY A 36 1.12 1.36 -17.71
C GLY A 36 2.19 0.44 -18.31
N SER A 37 2.94 0.93 -19.30
CA SER A 37 3.98 0.19 -19.98
C SER A 37 5.26 0.00 -19.14
N GLY A 38 6.11 1.01 -19.00
CA GLY A 38 7.35 0.90 -18.24
C GLY A 38 8.30 2.03 -18.56
N SER A 39 9.51 1.72 -19.00
CA SER A 39 10.55 2.68 -19.36
C SER A 39 11.57 2.03 -20.30
N GLY A 40 12.68 2.72 -20.52
CA GLY A 40 13.82 2.31 -21.33
C GLY A 40 15.08 2.39 -20.48
N SER A 41 16.21 2.02 -21.07
CA SER A 41 17.52 2.01 -20.43
C SER A 41 18.34 3.22 -20.93
N GLY A 42 19.64 3.23 -20.67
CA GLY A 42 20.56 4.27 -21.07
C GLY A 42 21.94 3.62 -21.22
N SER A 43 22.80 4.21 -22.05
CA SER A 43 24.15 3.72 -22.31
C SER A 43 25.06 4.03 -21.13
N GLY A 44 25.38 5.31 -20.93
CA GLY A 44 26.23 5.82 -19.88
C GLY A 44 26.83 7.15 -20.30
N SER A 45 27.61 7.75 -19.41
CA SER A 45 28.27 9.04 -19.60
C SER A 45 29.80 8.94 -19.46
N GLY A 46 30.34 7.73 -19.31
CA GLY A 46 31.77 7.49 -19.17
C GLY A 46 32.05 6.00 -19.30
N SER A 47 33.32 5.63 -19.15
CA SER A 47 33.82 4.26 -19.23
C SER A 47 34.80 4.01 -18.08
N GLY A 48 35.44 2.83 -18.05
CA GLY A 48 36.41 2.46 -17.02
C GLY A 48 35.89 2.60 -15.59
N SER A 49 34.58 2.42 -15.40
CA SER A 49 33.91 2.53 -14.12
C SER A 49 32.87 1.42 -14.02
N GLY A 50 31.72 1.57 -14.68
CA GLY A 50 30.64 0.59 -14.68
C GLY A 50 29.50 1.00 -13.75
N SER A 51 28.51 0.11 -13.61
CA SER A 51 27.32 0.30 -12.80
C SER A 51 26.81 -1.09 -12.39
N GLY A 52 26.04 -1.17 -11.32
CA GLY A 52 25.46 -2.40 -10.80
C GLY A 52 25.12 -2.21 -9.33
N SER A 53 23.86 -1.87 -9.03
CA SER A 53 23.34 -1.66 -7.69
C SER A 53 21.94 -2.32 -7.59
N GLY A 54 21.42 -2.55 -6.39
CA GLY A 54 20.12 -3.19 -6.16
C GLY A 54 20.06 -3.77 -4.75
N SER A 55 19.10 -4.66 -4.47
CA SER A 55 18.85 -5.34 -3.21
C SER A 55 18.17 -4.42 -2.20
N GLY A 56 17.72 -4.97 -1.07
CA GLY A 56 17.04 -4.30 0.01
C GLY A 56 15.62 -4.86 0.08
N SER A 57 15.23 -5.43 1.22
CA SER A 57 13.90 -5.99 1.42
C SER A 57 13.55 -5.97 2.90
N GLY A 58 12.24 -6.04 3.18
CA GLY A 58 11.65 -6.04 4.50
C GLY A 58 10.25 -5.44 4.42
N TYR A 59 10.08 -4.27 5.03
CA TYR A 59 8.82 -3.54 5.08
C TYR A 59 8.37 -3.00 3.72
N GLN A 60 7.36 -2.15 3.74
CA GLN A 60 6.78 -1.48 2.57
C GLN A 60 7.82 -0.58 1.88
N ILE A 61 7.43 0.06 0.78
CA ILE A 61 8.30 0.96 0.04
C ILE A 61 7.80 2.36 0.38
N GLU A 62 8.46 2.97 1.37
CA GLU A 62 8.17 4.31 1.88
C GLU A 62 8.54 5.40 0.86
N THR A 63 9.17 5.03 -0.25
CA THR A 63 9.63 5.92 -1.30
C THR A 63 9.11 5.50 -2.70
N PHE A 64 7.85 5.03 -2.80
CA PHE A 64 7.27 4.64 -4.07
C PHE A 64 5.80 5.00 -4.06
N PHE A 65 4.95 4.14 -3.52
CA PHE A 65 3.50 4.32 -3.43
C PHE A 65 3.09 5.13 -2.20
N ALA A 66 4.05 5.70 -1.46
CA ALA A 66 3.79 6.48 -0.26
C ALA A 66 2.77 7.61 -0.45
N GLN A 67 2.60 8.10 -1.68
CA GLN A 67 1.67 9.17 -2.02
C GLN A 67 0.23 8.69 -1.95
N ASP A 68 -0.06 7.52 -2.53
CA ASP A 68 -1.41 6.94 -2.49
C ASP A 68 -1.68 6.25 -1.16
N ILE A 69 -0.64 5.77 -0.48
CA ILE A 69 -0.73 5.08 0.80
C ILE A 69 -1.42 5.92 1.86
N GLU A 70 -1.06 7.19 1.97
CA GLU A 70 -1.63 8.08 2.96
C GLU A 70 -3.14 8.21 2.69
N SER A 71 -3.53 8.25 1.42
CA SER A 71 -4.89 8.39 0.98
C SER A 71 -5.71 7.14 1.32
N VAL A 72 -5.08 5.98 1.17
CA VAL A 72 -5.62 4.67 1.43
C VAL A 72 -5.80 4.54 2.95
N GLN A 73 -4.77 4.82 3.75
CA GLN A 73 -4.88 4.69 5.20
C GLN A 73 -5.90 5.68 5.75
N LYS A 74 -6.00 6.88 5.16
CA LYS A 74 -6.93 7.93 5.55
C LYS A 74 -8.37 7.42 5.46
N GLU A 75 -8.64 6.46 4.59
CA GLU A 75 -9.99 5.91 4.45
C GLU A 75 -10.34 5.06 5.68
N LEU A 76 -9.40 4.22 6.15
CA LEU A 76 -9.61 3.31 7.28
C LEU A 76 -9.58 3.89 8.67
N GLU A 77 -8.84 4.98 8.91
CA GLU A 77 -8.76 5.57 10.25
C GLU A 77 -10.12 6.05 10.79
N ASN A 78 -11.12 6.21 9.91
CA ASN A 78 -12.45 6.62 10.33
C ASN A 78 -13.39 5.41 10.38
N LEU A 79 -12.94 4.22 9.96
CA LEU A 79 -13.80 3.03 10.00
C LEU A 79 -13.76 2.40 11.39
N SER A 80 -14.82 1.69 11.76
CA SER A 80 -14.96 1.01 13.05
C SER A 80 -14.34 -0.39 13.00
N GLU A 81 -14.26 -1.13 14.12
CA GLU A 81 -13.72 -2.47 14.08
C GLU A 81 -14.57 -3.32 13.15
N GLU A 82 -15.90 -3.21 13.20
CA GLU A 82 -16.83 -3.97 12.37
C GLU A 82 -16.47 -3.87 10.90
N GLU A 83 -15.91 -2.73 10.50
CA GLU A 83 -15.51 -2.53 9.13
C GLU A 83 -14.16 -3.15 8.87
N LEU A 84 -13.15 -2.80 9.68
CA LEU A 84 -11.77 -3.25 9.54
C LEU A 84 -11.47 -4.68 9.98
N LEU A 85 -11.83 -4.99 11.23
CA LEU A 85 -11.69 -6.26 11.90
C LEU A 85 -12.38 -7.29 11.03
N ALA A 86 -13.52 -6.96 10.44
CA ALA A 86 -14.22 -7.92 9.61
C ALA A 86 -13.47 -8.25 8.32
N MET A 87 -12.64 -7.33 7.79
CA MET A 87 -11.92 -7.55 6.53
C MET A 87 -10.73 -8.47 6.75
N LEU A 88 -9.87 -8.07 7.68
CA LEU A 88 -8.70 -8.86 8.02
C LEU A 88 -9.14 -10.24 8.51
N ASN A 89 -10.24 -10.28 9.28
CA ASN A 89 -10.73 -11.53 9.81
C ASN A 89 -11.48 -12.36 8.78
N GLY A 90 -12.04 -11.69 7.78
CA GLY A 90 -12.82 -12.27 6.68
C GLY A 90 -14.25 -12.62 7.09
N ASP A 91 -14.63 -12.26 8.31
CA ASP A 91 -15.95 -12.48 8.93
C ASP A 91 -16.85 -11.28 8.55
N GLN A 92 -17.99 -11.14 9.23
CA GLN A 92 -18.97 -10.07 9.04
C GLN A 92 -19.24 -9.32 10.34
N GLN A 93 -18.33 -9.43 11.29
CA GLN A 93 -18.40 -8.77 12.57
C GLN A 93 -17.77 -7.42 12.36
N MET A 1 -8.14 -3.00 28.82
CA MET A 1 -9.16 -2.74 27.79
C MET A 1 -10.07 -1.64 28.30
N ASN A 2 -9.75 -0.37 28.03
CA ASN A 2 -10.56 0.78 28.49
C ASN A 2 -10.74 1.80 27.37
N ILE A 3 -10.70 1.35 26.11
CA ILE A 3 -10.86 2.21 24.94
C ILE A 3 -11.36 1.34 23.79
N ASN A 4 -11.78 1.99 22.70
CA ASN A 4 -12.29 1.40 21.47
C ASN A 4 -11.74 2.20 20.30
N GLU A 5 -11.83 3.54 20.33
CA GLU A 5 -11.36 4.43 19.26
C GLU A 5 -9.85 4.24 19.03
N GLN A 6 -9.08 4.08 20.10
CA GLN A 6 -7.64 3.84 19.97
C GLN A 6 -7.37 2.38 19.58
N THR A 7 -8.26 1.44 19.93
CA THR A 7 -8.06 0.04 19.57
C THR A 7 -8.18 -0.13 18.05
N LEU A 8 -9.01 0.64 17.34
CA LEU A 8 -9.17 0.54 15.90
C LEU A 8 -7.78 0.65 15.26
N ASP A 9 -6.83 1.36 15.89
CA ASP A 9 -5.47 1.52 15.39
C ASP A 9 -4.83 0.17 15.08
N LYS A 10 -4.94 -0.82 15.98
CA LYS A 10 -4.35 -2.14 15.72
C LYS A 10 -5.09 -2.81 14.56
N LEU A 11 -6.36 -2.50 14.35
CA LEU A 11 -7.18 -3.05 13.29
C LEU A 11 -6.82 -2.41 11.94
N ARG A 12 -6.85 -1.08 11.82
CA ARG A 12 -6.54 -0.40 10.56
C ARG A 12 -5.15 -0.73 10.07
N GLN A 13 -4.15 -0.79 10.96
CA GLN A 13 -2.79 -1.11 10.60
C GLN A 13 -2.72 -2.55 10.07
N ALA A 14 -3.59 -3.44 10.56
CA ALA A 14 -3.66 -4.83 10.14
C ALA A 14 -4.28 -4.86 8.73
N VAL A 15 -5.34 -4.10 8.47
CA VAL A 15 -6.00 -4.05 7.17
C VAL A 15 -5.08 -3.44 6.12
N LEU A 16 -4.47 -2.27 6.40
CA LEU A 16 -3.58 -1.60 5.44
C LEU A 16 -2.48 -2.53 4.94
N GLN A 17 -2.00 -3.47 5.77
CA GLN A 17 -0.96 -4.40 5.35
C GLN A 17 -1.39 -5.24 4.14
N LYS A 18 -2.66 -5.66 4.02
CA LYS A 18 -3.06 -6.42 2.84
C LYS A 18 -3.22 -5.49 1.64
N LYS A 19 -3.69 -4.25 1.85
CA LYS A 19 -3.89 -3.27 0.81
C LYS A 19 -2.61 -3.00 0.03
N ILE A 20 -1.44 -3.04 0.68
CA ILE A 20 -0.17 -2.81 -0.01
C ILE A 20 -0.01 -3.85 -1.13
N LYS A 21 -0.30 -5.12 -0.81
CA LYS A 21 -0.23 -6.26 -1.73
C LYS A 21 -1.25 -6.10 -2.84
N GLU A 22 -2.37 -5.42 -2.57
CA GLU A 22 -3.39 -5.22 -3.58
C GLU A 22 -2.92 -4.17 -4.57
N ARG A 23 -2.46 -3.00 -4.11
CA ARG A 23 -2.02 -1.95 -5.03
C ARG A 23 -0.79 -2.38 -5.84
N ILE A 24 0.13 -3.16 -5.29
CA ILE A 24 1.31 -3.60 -6.04
C ILE A 24 0.94 -4.68 -7.06
N GLN A 25 0.12 -5.67 -6.67
CA GLN A 25 -0.25 -6.76 -7.56
C GLN A 25 -1.28 -6.39 -8.61
N ASN A 26 -2.36 -5.73 -8.20
CA ASN A 26 -3.42 -5.35 -9.14
C ASN A 26 -2.97 -4.13 -9.93
N SER A 27 -2.49 -3.09 -9.24
CA SER A 27 -2.03 -1.82 -9.82
C SER A 27 -3.06 -1.22 -10.79
N LEU A 28 -4.35 -1.48 -10.55
CA LEU A 28 -5.48 -1.05 -11.35
C LEU A 28 -6.65 -0.63 -10.48
N SER A 29 -7.77 -0.34 -11.13
CA SER A 29 -9.02 0.06 -10.51
C SER A 29 -10.12 -0.89 -11.00
N THR A 30 -10.50 -0.78 -12.28
CA THR A 30 -11.55 -1.58 -12.93
C THR A 30 -10.98 -2.38 -14.12
N GLU A 31 -9.73 -2.83 -13.99
CA GLU A 31 -9.04 -3.63 -14.99
C GLU A 31 -8.95 -2.94 -16.36
N LYS A 32 -8.76 -1.62 -16.33
CA LYS A 32 -8.65 -0.80 -17.52
C LYS A 32 -7.55 -1.34 -18.44
N TYR A 33 -7.72 -1.16 -19.74
CA TYR A 33 -6.77 -1.58 -20.75
C TYR A 33 -5.66 -0.51 -20.87
N GLY A 34 -4.60 -0.80 -21.61
CA GLY A 34 -3.48 0.10 -21.85
C GLY A 34 -2.29 -0.20 -20.94
N SER A 35 -1.24 -0.79 -21.52
CA SER A 35 0.01 -1.13 -20.85
C SER A 35 1.23 -0.86 -21.75
N GLY A 36 1.05 -0.50 -23.03
CA GLY A 36 2.16 -0.23 -23.93
C GLY A 36 2.83 1.09 -23.52
N SER A 37 4.16 1.07 -23.35
CA SER A 37 5.01 2.19 -22.98
C SER A 37 6.47 1.69 -23.03
N GLY A 38 7.42 2.46 -22.51
CA GLY A 38 8.83 2.13 -22.48
C GLY A 38 9.52 2.82 -23.64
N SER A 39 10.37 3.80 -23.34
CA SER A 39 11.11 4.57 -24.33
C SER A 39 12.53 4.81 -23.83
N GLY A 40 13.47 5.09 -24.73
CA GLY A 40 14.85 5.33 -24.36
C GLY A 40 15.61 5.98 -25.51
N SER A 41 16.85 6.37 -25.24
CA SER A 41 17.73 7.01 -26.21
C SER A 41 19.17 6.60 -25.90
N GLY A 42 19.61 6.72 -24.64
CA GLY A 42 20.96 6.39 -24.22
C GLY A 42 21.93 7.51 -24.62
N SER A 43 22.01 7.81 -25.92
CA SER A 43 22.84 8.85 -26.55
C SER A 43 24.36 8.73 -26.31
N GLY A 44 24.83 7.76 -25.53
CA GLY A 44 26.24 7.55 -25.24
C GLY A 44 26.43 6.16 -24.65
N SER A 45 27.69 5.75 -24.53
CA SER A 45 28.14 4.46 -24.00
C SER A 45 29.66 4.57 -23.80
N GLY A 46 30.32 3.47 -23.44
CA GLY A 46 31.76 3.44 -23.24
C GLY A 46 32.23 4.12 -21.96
N SER A 47 31.34 4.39 -21.00
CA SER A 47 31.68 5.03 -19.74
C SER A 47 30.69 4.56 -18.68
N GLY A 48 30.99 4.88 -17.42
CA GLY A 48 30.20 4.50 -16.25
C GLY A 48 30.75 3.19 -15.68
N SER A 49 30.76 3.05 -14.36
CA SER A 49 31.26 1.85 -13.70
C SER A 49 30.70 1.77 -12.28
N GLY A 50 29.69 0.93 -12.07
CA GLY A 50 29.06 0.73 -10.77
C GLY A 50 27.69 0.09 -10.94
N SER A 51 27.09 -0.32 -9.81
CA SER A 51 25.78 -0.94 -9.69
C SER A 51 25.54 -1.20 -8.19
N GLY A 52 24.38 -1.74 -7.83
CA GLY A 52 23.97 -2.06 -6.48
C GLY A 52 22.49 -2.42 -6.43
N SER A 53 21.95 -2.56 -5.23
CA SER A 53 20.56 -2.90 -4.95
C SER A 53 20.27 -2.54 -3.48
N GLY A 54 18.99 -2.33 -3.14
CA GLY A 54 18.55 -1.99 -1.79
C GLY A 54 17.30 -2.83 -1.48
N SER A 55 16.98 -3.05 -0.21
CA SER A 55 15.83 -3.85 0.23
C SER A 55 15.07 -3.12 1.34
N GLY A 56 14.20 -3.84 2.06
CA GLY A 56 13.39 -3.34 3.17
C GLY A 56 12.64 -4.50 3.82
N SER A 57 12.17 -4.32 5.05
CA SER A 57 11.42 -5.29 5.83
C SER A 57 10.66 -4.55 6.95
N GLY A 58 9.99 -5.29 7.83
CA GLY A 58 9.20 -4.78 8.93
C GLY A 58 7.97 -4.08 8.38
N TYR A 59 8.07 -2.77 8.21
CA TYR A 59 7.04 -1.90 7.68
C TYR A 59 7.09 -1.90 6.15
N GLN A 60 6.16 -1.19 5.49
CA GLN A 60 6.15 -1.14 4.02
C GLN A 60 7.22 -0.17 3.49
N ILE A 61 7.34 -0.09 2.16
CA ILE A 61 8.31 0.73 1.45
C ILE A 61 7.87 2.20 1.50
N GLU A 62 8.39 2.95 2.49
CA GLU A 62 8.07 4.36 2.65
C GLU A 62 8.61 5.20 1.49
N THR A 63 9.50 4.63 0.68
CA THR A 63 10.14 5.30 -0.43
C THR A 63 9.70 4.72 -1.78
N PHE A 64 8.39 4.47 -1.94
CA PHE A 64 7.89 3.94 -3.20
C PHE A 64 6.43 4.30 -3.40
N PHE A 65 5.58 3.92 -2.45
CA PHE A 65 4.14 4.15 -2.49
C PHE A 65 3.63 4.94 -1.28
N ALA A 66 4.50 5.51 -0.46
CA ALA A 66 4.09 6.28 0.73
C ALA A 66 3.07 7.37 0.41
N GLN A 67 3.05 7.89 -0.82
CA GLN A 67 2.12 8.93 -1.23
C GLN A 67 0.68 8.40 -1.27
N ASP A 68 0.45 7.24 -1.89
CA ASP A 68 -0.87 6.62 -1.96
C ASP A 68 -1.23 5.89 -0.66
N ILE A 69 -0.22 5.45 0.08
CA ILE A 69 -0.39 4.72 1.33
C ILE A 69 -1.07 5.60 2.35
N GLU A 70 -0.63 6.86 2.48
CA GLU A 70 -1.23 7.75 3.44
C GLU A 70 -2.69 8.00 3.08
N SER A 71 -3.02 8.00 1.79
CA SER A 71 -4.34 8.24 1.29
C SER A 71 -5.28 7.07 1.56
N VAL A 72 -4.83 5.84 1.34
CA VAL A 72 -5.67 4.67 1.59
C VAL A 72 -5.74 4.41 3.11
N GLN A 73 -4.63 4.58 3.85
CA GLN A 73 -4.67 4.35 5.29
C GLN A 73 -5.57 5.37 5.96
N LYS A 74 -5.67 6.60 5.41
CA LYS A 74 -6.52 7.65 5.95
C LYS A 74 -7.98 7.18 5.92
N GLU A 75 -8.32 6.29 4.98
CA GLU A 75 -9.66 5.74 4.86
C GLU A 75 -9.90 4.82 6.06
N LEU A 76 -8.92 3.97 6.34
CA LEU A 76 -8.96 2.99 7.41
C LEU A 76 -8.94 3.58 8.80
N GLU A 77 -8.15 4.61 9.05
CA GLU A 77 -8.10 5.21 10.39
C GLU A 77 -9.45 5.77 10.83
N ASN A 78 -10.32 6.16 9.89
CA ASN A 78 -11.62 6.72 10.22
C ASN A 78 -12.70 5.65 10.17
N LEU A 79 -12.33 4.37 9.98
CA LEU A 79 -13.27 3.27 9.95
C LEU A 79 -13.32 2.61 11.33
N SER A 80 -14.44 1.96 11.65
CA SER A 80 -14.67 1.28 12.93
C SER A 80 -14.11 -0.14 12.90
N GLU A 81 -14.06 -0.83 14.04
CA GLU A 81 -13.54 -2.17 14.09
C GLU A 81 -14.32 -3.04 13.15
N GLU A 82 -15.64 -3.04 13.19
CA GLU A 82 -16.46 -3.87 12.33
C GLU A 82 -16.13 -3.73 10.85
N GLU A 83 -15.61 -2.58 10.42
CA GLU A 83 -15.24 -2.35 9.06
C GLU A 83 -13.86 -2.99 8.79
N LEU A 84 -12.88 -2.66 9.64
CA LEU A 84 -11.49 -3.11 9.57
C LEU A 84 -11.24 -4.55 10.02
N LEU A 85 -11.69 -4.85 11.23
CA LEU A 85 -11.62 -6.13 11.91
C LEU A 85 -12.25 -7.14 10.98
N ALA A 86 -13.35 -6.79 10.30
CA ALA A 86 -14.00 -7.73 9.42
C ALA A 86 -13.13 -8.09 8.21
N MET A 87 -12.22 -7.21 7.79
CA MET A 87 -11.35 -7.42 6.64
C MET A 87 -10.18 -8.33 6.98
N LEU A 88 -9.41 -7.94 7.99
CA LEU A 88 -8.26 -8.71 8.45
C LEU A 88 -8.67 -10.08 8.93
N ASN A 89 -9.85 -10.20 9.53
CA ASN A 89 -10.39 -11.45 10.03
C ASN A 89 -11.05 -12.22 8.89
N GLY A 90 -11.52 -11.48 7.87
CA GLY A 90 -12.19 -11.94 6.68
C GLY A 90 -13.48 -12.65 7.06
N ASP A 91 -14.36 -11.96 7.79
CA ASP A 91 -15.64 -12.43 8.31
C ASP A 91 -16.69 -11.34 8.24
N GLN A 92 -17.93 -11.64 8.65
CA GLN A 92 -19.01 -10.69 8.65
C GLN A 92 -19.66 -10.70 10.04
N GLN A 93 -19.13 -9.81 10.88
CA GLN A 93 -19.60 -9.60 12.24
C GLN A 93 -21.08 -9.24 12.23
N MET A 1 -8.65 -1.62 25.43
CA MET A 1 -9.94 -1.58 26.15
C MET A 1 -10.29 -0.17 26.62
N ASN A 2 -9.37 0.52 27.33
CA ASN A 2 -9.54 1.89 27.85
C ASN A 2 -9.54 2.94 26.74
N ILE A 3 -9.67 2.51 25.49
CA ILE A 3 -9.69 3.30 24.28
C ILE A 3 -10.24 2.39 23.17
N ASN A 4 -10.58 3.01 22.04
CA ASN A 4 -11.10 2.39 20.82
C ASN A 4 -10.38 3.03 19.63
N GLU A 5 -10.21 4.35 19.61
CA GLU A 5 -9.54 5.10 18.54
C GLU A 5 -8.08 4.62 18.39
N GLN A 6 -7.43 4.34 19.52
CA GLN A 6 -6.05 3.84 19.49
C GLN A 6 -6.06 2.37 19.09
N THR A 7 -7.11 1.62 19.44
CA THR A 7 -7.18 0.21 19.08
C THR A 7 -7.13 0.01 17.57
N LEU A 8 -7.73 0.94 16.81
CA LEU A 8 -7.83 0.92 15.34
C LEU A 8 -6.44 0.71 14.75
N ASP A 9 -5.36 1.14 15.42
CA ASP A 9 -3.99 0.99 14.96
C ASP A 9 -3.69 -0.47 14.58
N LYS A 10 -4.13 -1.45 15.39
CA LYS A 10 -3.88 -2.86 15.08
C LYS A 10 -4.71 -3.29 13.87
N LEU A 11 -5.86 -2.66 13.66
CA LEU A 11 -6.78 -2.92 12.56
C LEU A 11 -6.24 -2.33 11.26
N ARG A 12 -5.91 -1.05 11.22
CA ARG A 12 -5.42 -0.41 10.00
C ARG A 12 -4.17 -1.09 9.49
N GLN A 13 -3.22 -1.41 10.35
CA GLN A 13 -2.01 -2.10 9.95
C GLN A 13 -2.34 -3.48 9.33
N ALA A 14 -3.41 -4.15 9.82
CA ALA A 14 -3.82 -5.44 9.32
C ALA A 14 -4.45 -5.32 7.94
N VAL A 15 -5.17 -4.24 7.68
CA VAL A 15 -5.80 -4.02 6.39
C VAL A 15 -4.72 -3.66 5.39
N LEU A 16 -3.84 -2.70 5.71
CA LEU A 16 -2.78 -2.31 4.77
C LEU A 16 -1.93 -3.53 4.43
N GLN A 17 -1.72 -4.47 5.36
CA GLN A 17 -0.94 -5.67 5.08
C GLN A 17 -1.49 -6.37 3.84
N LYS A 18 -2.80 -6.61 3.73
CA LYS A 18 -3.31 -7.26 2.52
C LYS A 18 -3.18 -6.31 1.32
N LYS A 19 -3.44 -5.01 1.49
CA LYS A 19 -3.36 -4.02 0.41
C LYS A 19 -2.00 -4.04 -0.25
N ILE A 20 -0.90 -4.21 0.50
CA ILE A 20 0.43 -4.25 -0.12
C ILE A 20 0.50 -5.39 -1.14
N LYS A 21 -0.09 -6.55 -0.82
CA LYS A 21 -0.12 -7.73 -1.67
C LYS A 21 -1.01 -7.50 -2.89
N GLU A 22 -2.05 -6.67 -2.75
CA GLU A 22 -2.94 -6.40 -3.85
C GLU A 22 -2.27 -5.49 -4.86
N ARG A 23 -1.68 -4.38 -4.42
CA ARG A 23 -1.02 -3.45 -5.34
C ARG A 23 0.12 -4.12 -6.09
N ILE A 24 0.88 -5.01 -5.46
CA ILE A 24 1.99 -5.69 -6.13
C ILE A 24 1.48 -6.78 -7.08
N GLN A 25 0.53 -7.61 -6.63
CA GLN A 25 0.01 -8.71 -7.43
C GLN A 25 -0.87 -8.24 -8.58
N ASN A 26 -1.82 -7.34 -8.29
CA ASN A 26 -2.72 -6.82 -9.30
C ASN A 26 -2.04 -5.75 -10.15
N SER A 27 -1.45 -4.73 -9.49
CA SER A 27 -0.79 -3.59 -10.13
C SER A 27 -1.66 -3.04 -11.28
N LEU A 28 -2.96 -2.95 -11.03
CA LEU A 28 -3.96 -2.47 -11.97
C LEU A 28 -5.12 -1.90 -11.17
N SER A 29 -6.11 -1.37 -11.88
CA SER A 29 -7.30 -0.79 -11.32
C SER A 29 -8.51 -1.64 -11.68
N THR A 30 -8.90 -1.61 -12.96
CA THR A 30 -10.05 -2.30 -13.53
C THR A 30 -9.63 -3.16 -14.71
N GLU A 31 -8.61 -3.99 -14.45
CA GLU A 31 -8.05 -4.92 -15.41
C GLU A 31 -7.62 -4.17 -16.68
N LYS A 32 -6.98 -3.00 -16.50
CA LYS A 32 -6.51 -2.17 -17.60
C LYS A 32 -5.40 -2.89 -18.37
N TYR A 33 -4.87 -2.27 -19.43
CA TYR A 33 -3.81 -2.84 -20.24
C TYR A 33 -2.87 -1.72 -20.73
N GLY A 34 -1.77 -2.12 -21.36
CA GLY A 34 -0.74 -1.23 -21.90
C GLY A 34 0.62 -1.82 -21.57
N SER A 35 1.31 -2.37 -22.57
CA SER A 35 2.61 -3.00 -22.47
C SER A 35 3.54 -2.40 -23.54
N GLY A 36 4.79 -2.88 -23.61
CA GLY A 36 5.80 -2.45 -24.55
C GLY A 36 6.74 -1.43 -23.90
N SER A 37 8.03 -1.57 -24.17
CA SER A 37 9.12 -0.74 -23.69
C SER A 37 10.14 -0.58 -24.81
N GLY A 38 11.21 0.16 -24.54
CA GLY A 38 12.31 0.43 -25.45
C GLY A 38 13.62 0.20 -24.72
N SER A 39 14.73 0.26 -25.44
CA SER A 39 16.09 0.09 -24.94
C SER A 39 17.01 0.96 -25.79
N GLY A 40 18.29 1.04 -25.45
CA GLY A 40 19.27 1.84 -26.16
C GLY A 40 20.52 1.97 -25.31
N SER A 41 21.43 2.85 -25.71
CA SER A 41 22.68 3.12 -25.02
C SER A 41 23.01 4.60 -25.25
N GLY A 42 23.77 5.20 -24.34
CA GLY A 42 24.17 6.60 -24.41
C GLY A 42 24.35 7.16 -23.00
N SER A 43 25.01 8.31 -22.89
CA SER A 43 25.26 9.00 -21.65
C SER A 43 24.03 9.80 -21.21
N GLY A 44 23.42 9.47 -20.08
CA GLY A 44 22.26 10.20 -19.59
C GLY A 44 21.39 9.33 -18.69
N SER A 45 20.34 8.75 -19.27
CA SER A 45 19.36 7.88 -18.61
C SER A 45 18.53 8.55 -17.50
N GLY A 46 18.75 9.83 -17.21
CA GLY A 46 18.01 10.54 -16.17
C GLY A 46 16.55 10.70 -16.58
N SER A 47 15.67 10.70 -15.57
CA SER A 47 14.23 10.84 -15.63
C SER A 47 13.71 10.77 -14.18
N GLY A 48 12.46 11.16 -13.92
CA GLY A 48 11.87 11.14 -12.60
C GLY A 48 10.45 11.71 -12.62
N SER A 49 9.85 11.90 -11.44
CA SER A 49 8.51 12.43 -11.28
C SER A 49 8.35 13.13 -9.93
N GLY A 50 8.61 12.41 -8.84
CA GLY A 50 8.52 12.87 -7.45
C GLY A 50 9.00 11.76 -6.52
N SER A 51 9.02 12.04 -5.23
CA SER A 51 9.43 11.13 -4.16
C SER A 51 8.59 11.48 -2.92
N GLY A 52 8.68 10.72 -1.84
CA GLY A 52 7.95 10.91 -0.60
C GLY A 52 8.67 10.18 0.53
N SER A 53 8.02 9.95 1.66
CA SER A 53 8.61 9.25 2.80
C SER A 53 7.50 8.57 3.60
N GLY A 54 7.78 7.37 4.08
CA GLY A 54 6.87 6.56 4.89
C GLY A 54 7.63 5.42 5.55
N SER A 55 7.02 4.83 6.58
CA SER A 55 7.57 3.70 7.30
C SER A 55 6.84 2.46 6.83
N GLY A 56 7.57 1.35 6.77
CA GLY A 56 7.08 0.05 6.36
C GLY A 56 7.13 -0.91 7.55
N SER A 57 6.61 -2.12 7.35
CA SER A 57 6.61 -3.15 8.38
C SER A 57 6.52 -4.51 7.69
N GLY A 58 7.07 -5.54 8.34
CA GLY A 58 7.06 -6.89 7.82
C GLY A 58 7.91 -7.05 6.56
N TYR A 59 7.72 -8.19 5.89
CA TYR A 59 8.40 -8.62 4.68
C TYR A 59 8.05 -7.81 3.42
N GLN A 60 7.79 -6.50 3.53
CA GLN A 60 7.47 -5.63 2.39
C GLN A 60 8.74 -5.26 1.61
N ILE A 61 8.60 -4.39 0.60
CA ILE A 61 9.67 -3.92 -0.27
C ILE A 61 9.79 -2.40 -0.08
N GLU A 62 10.61 -2.01 0.90
CA GLU A 62 10.86 -0.62 1.29
C GLU A 62 11.51 0.25 0.21
N THR A 63 11.99 -0.37 -0.86
CA THR A 63 12.66 0.26 -1.98
C THR A 63 11.94 -0.03 -3.31
N PHE A 64 10.61 0.07 -3.28
CA PHE A 64 9.77 -0.15 -4.45
C PHE A 64 8.49 0.68 -4.35
N PHE A 65 7.77 0.56 -3.23
CA PHE A 65 6.50 1.27 -3.04
C PHE A 65 6.37 2.07 -1.75
N ALA A 66 7.43 2.21 -0.95
CA ALA A 66 7.38 2.95 0.32
C ALA A 66 6.79 4.37 0.16
N GLN A 67 6.96 4.97 -1.02
CA GLN A 67 6.45 6.31 -1.31
C GLN A 67 4.91 6.32 -1.34
N ASP A 68 4.29 5.30 -1.94
CA ASP A 68 2.82 5.16 -2.01
C ASP A 68 2.26 4.57 -0.71
N ILE A 69 3.07 3.78 -0.01
CA ILE A 69 2.70 3.13 1.24
C ILE A 69 2.21 4.15 2.28
N GLU A 70 2.85 5.32 2.33
CA GLU A 70 2.46 6.37 3.26
C GLU A 70 1.04 6.81 2.92
N SER A 71 0.71 6.86 1.64
CA SER A 71 -0.57 7.28 1.12
C SER A 71 -1.63 6.23 1.46
N VAL A 72 -1.30 4.95 1.33
CA VAL A 72 -2.18 3.83 1.63
C VAL A 72 -2.48 3.84 3.13
N GLN A 73 -1.44 3.94 3.97
CA GLN A 73 -1.67 3.94 5.42
C GLN A 73 -2.40 5.23 5.82
N LYS A 74 -2.15 6.35 5.15
CA LYS A 74 -2.80 7.63 5.40
C LYS A 74 -4.29 7.50 5.12
N GLU A 75 -4.69 6.61 4.22
CA GLU A 75 -6.10 6.40 3.91
C GLU A 75 -6.73 5.67 5.11
N LEU A 76 -6.03 4.70 5.68
CA LEU A 76 -6.52 3.88 6.78
C LEU A 76 -6.47 4.48 8.18
N GLU A 77 -5.52 5.33 8.49
CA GLU A 77 -5.41 5.94 9.82
C GLU A 77 -6.61 6.82 10.18
N ASN A 78 -7.47 7.14 9.20
CA ASN A 78 -8.68 7.92 9.41
C ASN A 78 -9.90 7.00 9.39
N LEU A 79 -9.72 5.69 9.14
CA LEU A 79 -10.87 4.79 9.14
C LEU A 79 -11.07 4.20 10.54
N SER A 80 -12.31 3.85 10.81
CA SER A 80 -12.84 3.26 12.03
C SER A 80 -12.69 1.74 12.02
N GLU A 81 -12.91 1.06 13.15
CA GLU A 81 -12.79 -0.38 13.22
C GLU A 81 -13.72 -0.99 12.21
N GLU A 82 -14.95 -0.53 12.17
CA GLU A 82 -16.03 -0.96 11.34
C GLU A 82 -15.60 -0.99 9.88
N GLU A 83 -14.73 -0.07 9.46
CA GLU A 83 -14.22 0.00 8.12
C GLU A 83 -13.08 -0.99 7.85
N LEU A 84 -12.07 -0.96 8.73
CA LEU A 84 -10.85 -1.75 8.68
C LEU A 84 -11.05 -3.20 9.10
N LEU A 85 -11.62 -3.38 10.29
CA LEU A 85 -11.96 -4.63 10.92
C LEU A 85 -12.84 -5.40 9.93
N ALA A 86 -13.71 -4.73 9.18
CA ALA A 86 -14.55 -5.42 8.21
C ALA A 86 -13.73 -6.04 7.08
N MET A 87 -12.57 -5.47 6.75
CA MET A 87 -11.71 -5.96 5.67
C MET A 87 -10.90 -7.16 6.17
N LEU A 88 -10.16 -6.97 7.26
CA LEU A 88 -9.31 -8.00 7.86
C LEU A 88 -10.14 -9.16 8.42
N ASN A 89 -11.30 -8.88 9.03
CA ASN A 89 -12.15 -9.92 9.59
C ASN A 89 -13.05 -10.53 8.52
N GLY A 90 -13.30 -9.78 7.43
CA GLY A 90 -14.14 -10.20 6.30
C GLY A 90 -15.64 -10.08 6.55
N ASP A 91 -16.02 -9.41 7.63
CA ASP A 91 -17.41 -9.18 8.06
C ASP A 91 -17.90 -7.80 7.63
N GLN A 92 -19.09 -7.42 8.07
CA GLN A 92 -19.76 -6.16 7.74
C GLN A 92 -20.27 -5.42 8.98
N GLN A 93 -19.58 -5.55 10.12
CA GLN A 93 -20.02 -4.85 11.32
C GLN A 93 -19.91 -3.35 11.07
N MET A 1 -16.41 3.88 23.83
CA MET A 1 -15.74 4.63 24.91
C MET A 1 -14.28 4.90 24.58
N ASN A 2 -13.47 3.83 24.59
CA ASN A 2 -12.04 3.87 24.36
C ASN A 2 -11.69 4.44 23.00
N ILE A 3 -10.43 4.85 22.89
CA ILE A 3 -9.82 5.42 21.71
C ILE A 3 -9.99 4.46 20.53
N ASN A 4 -10.59 4.98 19.47
CA ASN A 4 -10.86 4.25 18.27
C ASN A 4 -9.76 4.46 17.23
N GLU A 5 -9.25 5.69 17.09
CA GLU A 5 -8.22 6.09 16.14
C GLU A 5 -6.92 5.29 16.34
N GLN A 6 -6.60 5.05 17.61
CA GLN A 6 -5.41 4.30 17.98
C GLN A 6 -5.63 2.82 17.68
N THR A 7 -6.88 2.36 17.74
CA THR A 7 -7.18 0.97 17.44
C THR A 7 -7.05 0.71 15.94
N LEU A 8 -7.39 1.66 15.06
CA LEU A 8 -7.29 1.49 13.61
C LEU A 8 -5.86 1.06 13.29
N ASP A 9 -4.87 1.44 14.09
CA ASP A 9 -3.47 1.09 13.91
C ASP A 9 -3.27 -0.42 13.76
N LYS A 10 -3.94 -1.24 14.59
CA LYS A 10 -3.82 -2.70 14.49
C LYS A 10 -4.50 -3.19 13.21
N LEU A 11 -5.52 -2.48 12.73
CA LEU A 11 -6.27 -2.80 11.53
C LEU A 11 -5.47 -2.43 10.28
N ARG A 12 -5.00 -1.18 10.15
CA ARG A 12 -4.25 -0.72 8.99
C ARG A 12 -3.03 -1.58 8.72
N GLN A 13 -2.29 -1.92 9.76
CA GLN A 13 -1.11 -2.76 9.62
C GLN A 13 -1.49 -4.17 9.12
N ALA A 14 -2.69 -4.66 9.46
CA ALA A 14 -3.18 -5.97 9.04
C ALA A 14 -3.56 -5.93 7.56
N VAL A 15 -4.11 -4.82 7.08
CA VAL A 15 -4.51 -4.66 5.68
C VAL A 15 -3.25 -4.49 4.83
N LEU A 16 -2.37 -3.54 5.18
CA LEU A 16 -1.15 -3.28 4.41
C LEU A 16 -0.33 -4.55 4.22
N GLN A 17 -0.36 -5.50 5.16
CA GLN A 17 0.36 -6.76 5.01
C GLN A 17 -0.01 -7.44 3.69
N LYS A 18 -1.29 -7.53 3.31
CA LYS A 18 -1.62 -8.16 2.02
C LYS A 18 -1.14 -7.26 0.88
N LYS A 19 -1.22 -5.93 1.03
CA LYS A 19 -0.78 -4.96 0.03
C LYS A 19 0.66 -5.19 -0.36
N ILE A 20 1.51 -5.65 0.55
CA ILE A 20 2.92 -5.90 0.26
C ILE A 20 3.02 -6.91 -0.88
N LYS A 21 2.24 -7.99 -0.76
CA LYS A 21 2.15 -9.08 -1.72
C LYS A 21 1.49 -8.61 -3.01
N GLU A 22 0.60 -7.63 -2.93
CA GLU A 22 -0.09 -7.13 -4.10
C GLU A 22 0.85 -6.29 -4.94
N ARG A 23 1.56 -5.33 -4.34
CA ARG A 23 2.48 -4.48 -5.09
C ARG A 23 3.61 -5.27 -5.71
N ILE A 24 4.12 -6.30 -5.02
CA ILE A 24 5.20 -7.11 -5.55
C ILE A 24 4.69 -8.01 -6.67
N GLN A 25 3.55 -8.69 -6.49
CA GLN A 25 3.05 -9.60 -7.50
C GLN A 25 2.40 -8.91 -8.70
N ASN A 26 1.50 -7.95 -8.46
CA ASN A 26 0.81 -7.25 -9.54
C ASN A 26 1.80 -6.35 -10.25
N SER A 27 2.50 -5.51 -9.48
CA SER A 27 3.48 -4.54 -9.99
C SER A 27 2.92 -3.71 -11.14
N LEU A 28 1.60 -3.56 -11.19
CA LEU A 28 0.86 -2.84 -12.20
C LEU A 28 -0.25 -2.05 -11.50
N SER A 29 -0.75 -1.05 -12.21
CA SER A 29 -1.83 -0.18 -11.77
C SER A 29 -3.22 -0.67 -12.16
N THR A 30 -3.37 -1.17 -13.38
CA THR A 30 -4.64 -1.67 -13.91
C THR A 30 -4.34 -2.53 -15.17
N GLU A 31 -3.26 -3.29 -15.12
CA GLU A 31 -2.79 -4.16 -16.22
C GLU A 31 -2.26 -3.35 -17.41
N LYS A 32 -2.06 -2.06 -17.18
CA LYS A 32 -1.58 -1.04 -18.10
C LYS A 32 -0.28 -1.53 -18.75
N TYR A 33 -0.05 -1.15 -20.01
CA TYR A 33 1.13 -1.51 -20.80
C TYR A 33 1.42 -3.03 -20.79
N GLY A 34 0.40 -3.88 -20.61
CA GLY A 34 0.49 -5.34 -20.57
C GLY A 34 1.36 -5.91 -21.69
N SER A 35 2.56 -6.42 -21.35
CA SER A 35 3.52 -7.02 -22.28
C SER A 35 3.96 -6.05 -23.39
N GLY A 36 3.71 -4.75 -23.24
CA GLY A 36 4.05 -3.74 -24.23
C GLY A 36 5.41 -3.12 -23.97
N SER A 37 6.08 -2.73 -25.05
CA SER A 37 7.37 -2.08 -25.02
C SER A 37 7.42 -1.12 -26.21
N GLY A 38 8.11 -1.46 -27.28
CA GLY A 38 8.21 -0.61 -28.46
C GLY A 38 8.94 0.70 -28.15
N SER A 39 8.70 1.73 -28.96
CA SER A 39 9.30 3.05 -28.80
C SER A 39 8.67 3.82 -27.64
N GLY A 40 9.13 5.04 -27.41
CA GLY A 40 8.64 5.93 -26.37
C GLY A 40 8.10 7.20 -27.04
N SER A 41 7.25 7.95 -26.34
CA SER A 41 6.64 9.18 -26.83
C SER A 41 6.38 10.21 -25.72
N GLY A 42 6.68 9.92 -24.45
CA GLY A 42 6.46 10.88 -23.36
C GLY A 42 6.44 10.28 -21.94
N SER A 43 6.36 8.95 -21.82
CA SER A 43 6.35 8.19 -20.56
C SER A 43 5.40 8.71 -19.46
N GLY A 44 4.30 9.35 -19.83
CA GLY A 44 3.32 9.89 -18.91
C GLY A 44 2.58 8.76 -18.18
N SER A 45 2.19 9.00 -16.93
CA SER A 45 1.46 8.03 -16.09
C SER A 45 0.67 8.68 -14.93
N GLY A 46 0.80 9.99 -14.68
CA GLY A 46 0.09 10.65 -13.59
C GLY A 46 0.93 10.62 -12.32
N SER A 47 0.32 10.88 -11.18
CA SER A 47 0.97 10.88 -9.87
C SER A 47 -0.01 10.35 -8.83
N GLY A 48 0.47 10.01 -7.64
CA GLY A 48 -0.30 9.46 -6.53
C GLY A 48 -0.77 10.53 -5.54
N SER A 49 -1.14 10.04 -4.36
CA SER A 49 -1.64 10.78 -3.20
C SER A 49 -1.19 10.05 -1.93
N GLY A 50 -1.70 10.43 -0.76
CA GLY A 50 -1.40 9.84 0.53
C GLY A 50 -2.13 10.61 1.62
N SER A 51 -1.51 11.68 2.12
CA SER A 51 -2.00 12.60 3.15
C SER A 51 -2.60 11.84 4.35
N GLY A 52 -1.74 11.37 5.25
CA GLY A 52 -2.17 10.63 6.43
C GLY A 52 -1.67 11.26 7.72
N SER A 53 -2.16 10.77 8.87
CA SER A 53 -1.80 11.24 10.20
C SER A 53 -0.34 10.94 10.56
N GLY A 54 0.11 9.70 10.37
CA GLY A 54 1.46 9.28 10.69
C GLY A 54 1.58 7.76 10.58
N SER A 55 2.78 7.30 10.27
CA SER A 55 3.13 5.89 10.10
C SER A 55 3.48 5.22 11.43
N GLY A 56 3.88 3.97 11.34
CA GLY A 56 4.32 3.06 12.39
C GLY A 56 5.06 1.93 11.69
N SER A 57 5.56 0.93 12.42
CA SER A 57 6.29 -0.16 11.82
C SER A 57 5.33 -1.26 11.31
N GLY A 58 5.85 -2.15 10.49
CA GLY A 58 5.12 -3.27 9.92
C GLY A 58 6.04 -4.47 9.80
N TYR A 59 5.46 -5.66 9.61
CA TYR A 59 6.22 -6.90 9.49
C TYR A 59 6.92 -7.04 8.12
N GLN A 60 6.69 -6.10 7.20
CA GLN A 60 7.28 -6.11 5.87
C GLN A 60 8.79 -5.80 5.88
N ILE A 61 9.42 -5.95 4.72
CA ILE A 61 10.84 -5.70 4.49
C ILE A 61 11.05 -4.18 4.34
N GLU A 62 11.55 -3.53 5.39
CA GLU A 62 11.81 -2.08 5.43
C GLU A 62 12.89 -1.60 4.45
N THR A 63 13.63 -2.50 3.82
CA THR A 63 14.71 -2.17 2.90
C THR A 63 14.54 -2.87 1.54
N PHE A 64 13.32 -2.93 1.01
CA PHE A 64 13.06 -3.58 -0.28
C PHE A 64 12.00 -2.87 -1.10
N PHE A 65 10.91 -2.43 -0.45
CA PHE A 65 9.80 -1.74 -1.08
C PHE A 65 9.22 -0.65 -0.17
N ALA A 66 9.90 -0.31 0.94
CA ALA A 66 9.46 0.71 1.88
C ALA A 66 9.10 2.03 1.20
N GLN A 67 9.80 2.36 0.11
CA GLN A 67 9.57 3.58 -0.65
C GLN A 67 8.14 3.63 -1.17
N ASP A 68 7.67 2.51 -1.74
CA ASP A 68 6.30 2.42 -2.25
C ASP A 68 5.30 2.16 -1.14
N ILE A 69 5.73 1.40 -0.13
CA ILE A 69 4.92 1.03 1.00
C ILE A 69 4.42 2.25 1.74
N GLU A 70 5.29 3.24 1.98
CA GLU A 70 4.92 4.44 2.70
C GLU A 70 3.80 5.16 1.96
N SER A 71 3.84 5.13 0.63
CA SER A 71 2.88 5.79 -0.23
C SER A 71 1.51 5.15 -0.12
N VAL A 72 1.43 3.84 -0.19
CA VAL A 72 0.14 3.19 -0.08
C VAL A 72 -0.32 3.19 1.38
N GLN A 73 0.55 2.86 2.35
CA GLN A 73 0.20 2.81 3.77
C GLN A 73 -0.32 4.16 4.27
N LYS A 74 0.16 5.26 3.70
CA LYS A 74 -0.26 6.62 4.03
C LYS A 74 -1.78 6.76 3.87
N GLU A 75 -2.40 5.96 3.01
CA GLU A 75 -3.85 6.00 2.83
C GLU A 75 -4.53 5.27 4.01
N LEU A 76 -3.97 4.14 4.41
CA LEU A 76 -4.50 3.30 5.46
C LEU A 76 -4.43 3.92 6.85
N GLU A 77 -3.40 4.71 7.13
CA GLU A 77 -3.25 5.35 8.44
C GLU A 77 -4.35 6.37 8.75
N ASN A 78 -5.13 6.78 7.74
CA ASN A 78 -6.23 7.72 7.90
C ASN A 78 -7.57 7.05 7.62
N LEU A 79 -7.57 5.76 7.24
CA LEU A 79 -8.80 5.04 6.94
C LEU A 79 -9.46 4.57 8.25
N SER A 80 -10.79 4.41 8.24
CA SER A 80 -11.57 3.98 9.40
C SER A 80 -11.53 2.45 9.56
N GLU A 81 -11.98 1.91 10.71
CA GLU A 81 -11.99 0.47 10.91
C GLU A 81 -12.85 -0.16 9.82
N GLU A 82 -14.06 0.31 9.59
CA GLU A 82 -14.95 -0.27 8.57
C GLU A 82 -14.29 -0.38 7.20
N GLU A 83 -13.33 0.47 6.89
CA GLU A 83 -12.61 0.45 5.63
C GLU A 83 -11.54 -0.64 5.68
N LEU A 84 -10.68 -0.62 6.71
CA LEU A 84 -9.57 -1.54 6.93
C LEU A 84 -9.97 -2.93 7.43
N LEU A 85 -10.73 -2.95 8.53
CA LEU A 85 -11.27 -4.09 9.23
C LEU A 85 -12.04 -4.90 8.20
N ALA A 86 -12.78 -4.25 7.32
CA ALA A 86 -13.54 -4.99 6.35
C ALA A 86 -12.65 -5.75 5.35
N MET A 87 -11.44 -5.26 5.09
CA MET A 87 -10.52 -5.87 4.12
C MET A 87 -9.85 -7.09 4.71
N LEU A 88 -9.20 -6.92 5.87
CA LEU A 88 -8.53 -8.01 6.58
C LEU A 88 -9.54 -9.07 6.99
N ASN A 89 -10.78 -8.69 7.30
CA ASN A 89 -11.81 -9.63 7.69
C ASN A 89 -12.50 -10.22 6.46
N GLY A 90 -12.35 -9.55 5.31
CA GLY A 90 -12.90 -9.93 4.00
C GLY A 90 -14.41 -10.06 4.11
N ASP A 91 -15.03 -9.05 4.70
CA ASP A 91 -16.45 -8.92 4.95
C ASP A 91 -16.87 -7.49 4.67
N GLN A 92 -18.14 -7.16 4.88
CA GLN A 92 -18.69 -5.83 4.68
C GLN A 92 -19.57 -5.56 5.90
N GLN A 93 -18.93 -5.13 6.98
CA GLN A 93 -19.62 -4.78 8.21
C GLN A 93 -20.59 -3.65 7.90
N MET A 1 -8.37 -2.88 26.52
CA MET A 1 -9.34 -3.81 27.09
C MET A 1 -10.74 -3.18 27.22
N ASN A 2 -10.93 -2.07 27.95
CA ASN A 2 -12.24 -1.43 28.11
C ASN A 2 -12.56 -0.53 26.92
N ILE A 3 -12.32 -0.98 25.69
CA ILE A 3 -12.55 -0.24 24.45
C ILE A 3 -12.64 -1.25 23.32
N ASN A 4 -13.03 -0.75 22.16
CA ASN A 4 -13.19 -1.48 20.91
C ASN A 4 -12.80 -0.54 19.77
N GLU A 5 -13.32 0.69 19.77
CA GLU A 5 -13.07 1.72 18.77
C GLU A 5 -11.60 2.07 18.65
N GLN A 6 -10.94 2.18 19.80
CA GLN A 6 -9.52 2.51 19.83
C GLN A 6 -8.71 1.28 19.45
N THR A 7 -9.23 0.08 19.69
CA THR A 7 -8.52 -1.13 19.30
C THR A 7 -8.44 -1.25 17.78
N LEU A 8 -9.45 -0.82 17.03
CA LEU A 8 -9.48 -0.88 15.57
C LEU A 8 -8.21 -0.23 15.03
N ASP A 9 -7.61 0.75 15.74
CA ASP A 9 -6.38 1.43 15.34
C ASP A 9 -5.25 0.43 15.02
N LYS A 10 -5.07 -0.62 15.83
CA LYS A 10 -4.02 -1.61 15.59
C LYS A 10 -4.37 -2.45 14.36
N LEU A 11 -5.67 -2.61 14.08
CA LEU A 11 -6.18 -3.35 12.93
C LEU A 11 -6.02 -2.54 11.65
N ARG A 12 -6.53 -1.30 11.58
CA ARG A 12 -6.45 -0.46 10.39
C ARG A 12 -5.01 -0.26 9.96
N GLN A 13 -4.10 -0.05 10.90
CA GLN A 13 -2.69 0.13 10.59
C GLN A 13 -2.11 -1.16 9.96
N ALA A 14 -2.60 -2.34 10.37
CA ALA A 14 -2.15 -3.61 9.83
C ALA A 14 -2.64 -3.75 8.38
N VAL A 15 -3.91 -3.41 8.13
CA VAL A 15 -4.50 -3.47 6.81
C VAL A 15 -3.77 -2.47 5.90
N LEU A 16 -3.62 -1.21 6.31
CA LEU A 16 -2.93 -0.18 5.52
C LEU A 16 -1.48 -0.53 5.23
N GLN A 17 -0.77 -1.23 6.13
CA GLN A 17 0.62 -1.60 5.89
C GLN A 17 0.74 -2.36 4.57
N LYS A 18 -0.13 -3.35 4.31
CA LYS A 18 -0.03 -4.06 3.04
C LYS A 18 -0.50 -3.19 1.90
N LYS A 19 -1.48 -2.29 2.12
CA LYS A 19 -2.01 -1.42 1.06
C LYS A 19 -0.87 -0.66 0.42
N ILE A 20 0.17 -0.27 1.16
CA ILE A 20 1.31 0.46 0.62
C ILE A 20 1.93 -0.35 -0.53
N LYS A 21 2.18 -1.65 -0.32
CA LYS A 21 2.74 -2.55 -1.32
C LYS A 21 1.77 -2.79 -2.46
N GLU A 22 0.46 -2.75 -2.19
CA GLU A 22 -0.53 -3.00 -3.23
C GLU A 22 -0.62 -1.80 -4.15
N ARG A 23 -0.76 -0.59 -3.61
CA ARG A 23 -0.87 0.62 -4.41
C ARG A 23 0.33 0.85 -5.31
N ILE A 24 1.53 0.54 -4.84
CA ILE A 24 2.75 0.70 -5.60
C ILE A 24 2.91 -0.43 -6.62
N GLN A 25 2.70 -1.69 -6.22
CA GLN A 25 2.88 -2.83 -7.12
C GLN A 25 1.80 -2.90 -8.19
N ASN A 26 0.53 -2.71 -7.84
CA ASN A 26 -0.55 -2.77 -8.81
C ASN A 26 -0.53 -1.48 -9.63
N SER A 27 -0.52 -0.33 -8.95
CA SER A 27 -0.50 1.01 -9.57
C SER A 27 -1.60 1.14 -10.65
N LEU A 28 -2.69 0.41 -10.48
CA LEU A 28 -3.84 0.34 -11.37
C LEU A 28 -5.12 0.28 -10.55
N SER A 29 -6.23 0.18 -11.28
CA SER A 29 -7.58 0.10 -10.75
C SER A 29 -8.39 -1.01 -11.41
N THR A 30 -8.16 -1.25 -12.70
CA THR A 30 -8.83 -2.24 -13.52
C THR A 30 -7.88 -2.63 -14.67
N GLU A 31 -6.57 -2.62 -14.39
CA GLU A 31 -5.49 -2.95 -15.34
C GLU A 31 -5.50 -2.02 -16.58
N LYS A 32 -6.09 -0.84 -16.40
CA LYS A 32 -6.26 0.21 -17.39
C LYS A 32 -4.94 0.76 -17.91
N TYR A 33 -3.90 0.81 -17.08
CA TYR A 33 -2.57 1.31 -17.42
C TYR A 33 -1.52 0.44 -16.73
N GLY A 34 -0.32 0.42 -17.29
CA GLY A 34 0.82 -0.33 -16.80
C GLY A 34 2.11 -0.09 -17.57
N SER A 35 2.06 0.21 -18.88
CA SER A 35 3.24 0.44 -19.70
C SER A 35 4.07 1.63 -19.20
N GLY A 36 5.33 1.70 -19.58
CA GLY A 36 6.23 2.76 -19.20
C GLY A 36 7.66 2.38 -19.55
N SER A 37 8.47 3.38 -19.90
CA SER A 37 9.87 3.29 -20.24
C SER A 37 10.43 4.71 -20.27
N GLY A 38 11.75 4.83 -20.30
CA GLY A 38 12.48 6.08 -20.31
C GLY A 38 13.94 5.74 -20.10
N SER A 39 14.56 5.15 -21.12
CA SER A 39 15.95 4.74 -21.13
C SER A 39 16.77 5.66 -22.05
N GLY A 40 18.09 5.57 -21.96
CA GLY A 40 19.04 6.35 -22.75
C GLY A 40 20.41 5.80 -22.41
N SER A 41 21.12 6.46 -21.48
CA SER A 41 22.43 5.99 -21.06
C SER A 41 22.22 4.75 -20.16
N GLY A 42 23.31 4.11 -19.73
CA GLY A 42 23.22 2.93 -18.88
C GLY A 42 22.72 1.73 -19.68
N SER A 43 23.36 1.48 -20.82
CA SER A 43 23.05 0.36 -21.71
C SER A 43 23.71 -0.91 -21.13
N GLY A 44 23.67 -2.02 -21.85
CA GLY A 44 24.26 -3.27 -21.40
C GLY A 44 23.64 -4.45 -22.15
N SER A 45 23.47 -5.56 -21.44
CA SER A 45 22.89 -6.78 -21.99
C SER A 45 21.39 -6.57 -22.26
N GLY A 46 20.78 -7.58 -22.90
CA GLY A 46 19.38 -7.62 -23.25
C GLY A 46 18.59 -8.13 -22.05
N SER A 47 17.75 -9.15 -22.26
CA SER A 47 16.94 -9.74 -21.19
C SER A 47 17.86 -10.60 -20.32
N GLY A 48 18.51 -10.01 -19.32
CA GLY A 48 19.39 -10.73 -18.40
C GLY A 48 18.65 -11.23 -17.16
N SER A 49 17.34 -10.92 -17.06
CA SER A 49 16.43 -11.29 -15.98
C SER A 49 16.95 -10.86 -14.59
N GLY A 50 17.93 -9.96 -14.51
CA GLY A 50 18.48 -9.49 -13.26
C GLY A 50 17.41 -8.69 -12.54
N SER A 51 16.95 -7.61 -13.21
CA SER A 51 15.93 -6.70 -12.72
C SER A 51 16.15 -6.35 -11.25
N GLY A 52 17.39 -6.00 -10.87
CA GLY A 52 17.75 -5.66 -9.51
C GLY A 52 17.40 -4.20 -9.18
N SER A 53 17.91 -3.72 -8.04
CA SER A 53 17.78 -2.39 -7.44
C SER A 53 16.58 -2.23 -6.52
N GLY A 54 15.67 -3.22 -6.46
CA GLY A 54 14.50 -3.17 -5.61
C GLY A 54 14.88 -3.60 -4.20
N SER A 55 15.52 -2.71 -3.44
CA SER A 55 15.92 -2.99 -2.07
C SER A 55 14.71 -2.99 -1.14
N GLY A 56 13.96 -1.88 -1.10
CA GLY A 56 12.77 -1.73 -0.26
C GLY A 56 13.09 -1.08 1.09
N SER A 57 12.06 -0.88 1.90
CA SER A 57 12.11 -0.29 3.24
C SER A 57 11.09 -1.03 4.12
N GLY A 58 11.17 -0.91 5.44
CA GLY A 58 10.27 -1.57 6.39
C GLY A 58 9.04 -0.76 6.77
N TYR A 59 9.10 0.58 6.64
CA TYR A 59 8.02 1.48 6.99
C TYR A 59 7.51 2.24 5.77
N GLN A 60 6.28 2.77 5.85
CA GLN A 60 5.72 3.53 4.74
C GLN A 60 6.48 4.83 4.59
N ILE A 61 6.69 5.28 3.36
CA ILE A 61 7.41 6.50 3.05
C ILE A 61 6.42 7.66 3.18
N GLU A 62 6.54 8.44 4.25
CA GLU A 62 5.69 9.60 4.57
C GLU A 62 5.81 10.76 3.54
N THR A 63 6.73 10.67 2.59
CA THR A 63 6.96 11.67 1.55
C THR A 63 7.18 10.98 0.21
N PHE A 64 6.13 10.32 -0.30
CA PHE A 64 6.19 9.61 -1.58
C PHE A 64 4.79 9.40 -2.14
N PHE A 65 3.97 8.62 -1.43
CA PHE A 65 2.58 8.30 -1.79
C PHE A 65 1.60 8.82 -0.74
N ALA A 66 2.09 9.65 0.19
CA ALA A 66 1.32 10.23 1.27
C ALA A 66 0.02 10.90 0.83
N GLN A 67 -0.03 11.48 -0.38
CA GLN A 67 -1.24 12.14 -0.85
C GLN A 67 -2.37 11.13 -1.02
N ASP A 68 -2.05 9.95 -1.54
CA ASP A 68 -3.02 8.86 -1.74
C ASP A 68 -3.25 8.10 -0.45
N ILE A 69 -2.18 7.94 0.34
CA ILE A 69 -2.17 7.23 1.59
C ILE A 69 -3.20 7.79 2.56
N GLU A 70 -3.26 9.11 2.70
CA GLU A 70 -4.19 9.74 3.62
C GLU A 70 -5.64 9.43 3.23
N SER A 71 -5.89 9.36 1.93
CA SER A 71 -7.18 9.09 1.37
C SER A 71 -7.58 7.63 1.55
N VAL A 72 -6.69 6.68 1.32
CA VAL A 72 -7.04 5.27 1.48
C VAL A 72 -7.07 4.90 2.97
N GLN A 73 -6.16 5.42 3.81
CA GLN A 73 -6.17 5.10 5.24
C GLN A 73 -7.43 5.65 5.91
N LYS A 74 -7.98 6.76 5.41
CA LYS A 74 -9.21 7.36 5.92
C LYS A 74 -10.35 6.37 5.85
N GLU A 75 -10.32 5.43 4.90
CA GLU A 75 -11.40 4.45 4.78
C GLU A 75 -11.30 3.39 5.88
N LEU A 76 -10.07 3.06 6.27
CA LEU A 76 -9.78 2.06 7.28
C LEU A 76 -9.94 2.52 8.73
N GLU A 77 -9.64 3.78 9.05
CA GLU A 77 -9.74 4.30 10.41
C GLU A 77 -11.13 4.29 11.01
N ASN A 78 -12.17 4.10 10.20
CA ASN A 78 -13.56 4.06 10.65
C ASN A 78 -14.20 2.68 10.46
N LEU A 79 -13.46 1.72 9.89
CA LEU A 79 -13.96 0.38 9.67
C LEU A 79 -13.88 -0.40 10.98
N SER A 80 -14.78 -1.37 11.17
CA SER A 80 -14.81 -2.19 12.38
C SER A 80 -13.72 -3.27 12.34
N GLU A 81 -13.44 -3.94 13.47
CA GLU A 81 -12.43 -4.98 13.54
C GLU A 81 -12.82 -6.05 12.55
N GLU A 82 -14.05 -6.53 12.58
CA GLU A 82 -14.54 -7.58 11.73
C GLU A 82 -14.27 -7.27 10.26
N GLU A 83 -14.21 -5.98 9.86
CA GLU A 83 -13.93 -5.60 8.50
C GLU A 83 -12.42 -5.65 8.21
N LEU A 84 -11.61 -5.01 9.07
CA LEU A 84 -10.15 -4.88 8.97
C LEU A 84 -9.39 -6.15 9.34
N LEU A 85 -9.69 -6.64 10.54
CA LEU A 85 -9.15 -7.83 11.17
C LEU A 85 -9.35 -8.95 10.19
N ALA A 86 -10.50 -9.01 9.52
CA ALA A 86 -10.73 -10.07 8.57
C ALA A 86 -9.74 -10.03 7.40
N MET A 87 -9.33 -8.83 6.96
CA MET A 87 -8.45 -8.68 5.81
C MET A 87 -7.03 -9.10 6.13
N LEU A 88 -6.44 -8.49 7.16
CA LEU A 88 -5.08 -8.79 7.62
C LEU A 88 -4.99 -10.23 8.11
N ASN A 89 -6.07 -10.78 8.67
CA ASN A 89 -6.04 -12.15 9.16
C ASN A 89 -6.17 -13.12 7.99
N GLY A 90 -6.79 -12.67 6.89
CA GLY A 90 -7.00 -13.47 5.69
C GLY A 90 -8.13 -14.43 5.95
N ASP A 91 -9.28 -13.85 6.25
CA ASP A 91 -10.53 -14.51 6.58
C ASP A 91 -11.67 -13.74 5.93
N GLN A 92 -12.91 -14.12 6.25
CA GLN A 92 -14.15 -13.53 5.77
C GLN A 92 -14.19 -13.49 4.25
N GLN A 93 -14.31 -14.70 3.70
CA GLN A 93 -14.40 -15.03 2.28
C GLN A 93 -13.41 -14.22 1.46
N MET A 1 -6.76 -1.85 26.12
CA MET A 1 -8.11 -2.29 26.50
C MET A 1 -9.05 -1.13 26.85
N ASN A 2 -8.60 -0.07 27.53
CA ASN A 2 -9.43 1.07 27.89
C ASN A 2 -9.50 2.10 26.75
N ILE A 3 -9.67 1.66 25.50
CA ILE A 3 -9.75 2.51 24.32
C ILE A 3 -10.31 1.72 23.14
N ASN A 4 -10.58 2.43 22.04
CA ASN A 4 -11.10 1.90 20.79
C ASN A 4 -10.41 2.61 19.65
N GLU A 5 -10.38 3.94 19.61
CA GLU A 5 -9.73 4.71 18.53
C GLU A 5 -8.25 4.35 18.42
N GLN A 6 -7.59 4.26 19.58
CA GLN A 6 -6.18 3.92 19.61
C GLN A 6 -5.98 2.46 19.22
N THR A 7 -6.96 1.59 19.44
CA THR A 7 -6.86 0.18 19.07
C THR A 7 -6.91 0.01 17.55
N LEU A 8 -7.66 0.84 16.82
CA LEU A 8 -7.82 0.81 15.36
C LEU A 8 -6.44 0.80 14.71
N ASP A 9 -5.41 1.38 15.34
CA ASP A 9 -4.02 1.42 14.84
C ASP A 9 -3.55 0.02 14.47
N LYS A 10 -3.80 -0.98 15.35
CA LYS A 10 -3.39 -2.35 15.06
C LYS A 10 -4.20 -2.92 13.90
N LEU A 11 -5.44 -2.45 13.72
CA LEU A 11 -6.29 -2.90 12.65
C LEU A 11 -5.87 -2.29 11.31
N ARG A 12 -5.78 -0.97 11.21
CA ARG A 12 -5.42 -0.26 9.99
C ARG A 12 -4.06 -0.64 9.46
N GLN A 13 -3.08 -0.84 10.34
CA GLN A 13 -1.75 -1.27 9.92
C GLN A 13 -1.82 -2.60 9.15
N ALA A 14 -2.75 -3.47 9.49
CA ALA A 14 -2.89 -4.74 8.81
C ALA A 14 -3.49 -4.54 7.43
N VAL A 15 -4.59 -3.78 7.36
CA VAL A 15 -5.30 -3.49 6.12
C VAL A 15 -4.35 -2.79 5.15
N LEU A 16 -3.57 -1.83 5.65
CA LEU A 16 -2.63 -1.07 4.83
C LEU A 16 -1.55 -2.01 4.30
N GLN A 17 -0.99 -2.87 5.14
CA GLN A 17 0.06 -3.81 4.70
C GLN A 17 -0.49 -4.73 3.62
N LYS A 18 -1.65 -5.38 3.77
CA LYS A 18 -2.16 -6.22 2.69
C LYS A 18 -2.49 -5.38 1.45
N LYS A 19 -3.04 -4.18 1.62
CA LYS A 19 -3.38 -3.28 0.52
C LYS A 19 -2.17 -2.97 -0.36
N ILE A 20 -0.94 -2.99 0.15
CA ILE A 20 0.22 -2.71 -0.70
C ILE A 20 0.29 -3.78 -1.80
N LYS A 21 0.04 -5.04 -1.42
CA LYS A 21 0.03 -6.21 -2.32
C LYS A 21 -1.10 -6.08 -3.32
N GLU A 22 -2.19 -5.42 -2.94
CA GLU A 22 -3.34 -5.26 -3.81
C GLU A 22 -3.04 -4.27 -4.92
N ARG A 23 -2.52 -3.08 -4.60
CA ARG A 23 -2.21 -2.09 -5.64
C ARG A 23 -1.12 -2.59 -6.58
N ILE A 24 -0.08 -3.26 -6.08
CA ILE A 24 0.99 -3.77 -6.93
C ILE A 24 0.49 -4.91 -7.83
N GLN A 25 -0.26 -5.87 -7.29
CA GLN A 25 -0.75 -7.02 -8.05
C GLN A 25 -1.92 -6.68 -8.99
N ASN A 26 -2.95 -6.00 -8.49
CA ASN A 26 -4.11 -5.68 -9.31
C ASN A 26 -3.74 -4.59 -10.30
N SER A 27 -3.16 -3.51 -9.79
CA SER A 27 -2.74 -2.34 -10.58
C SER A 27 -3.88 -1.72 -11.39
N LEU A 28 -5.13 -2.03 -11.04
CA LEU A 28 -6.35 -1.56 -11.69
C LEU A 28 -7.31 -0.96 -10.67
N SER A 29 -8.49 -0.58 -11.15
CA SER A 29 -9.53 0.04 -10.35
C SER A 29 -10.92 -0.58 -10.45
N THR A 30 -11.38 -0.92 -11.65
CA THR A 30 -12.72 -1.49 -11.88
C THR A 30 -12.67 -2.45 -13.08
N GLU A 31 -11.47 -2.96 -13.38
CA GLU A 31 -11.22 -3.90 -14.46
C GLU A 31 -11.60 -3.27 -15.82
N LYS A 32 -11.30 -1.97 -15.98
CA LYS A 32 -11.58 -1.21 -17.19
C LYS A 32 -10.76 -1.67 -18.41
N TYR A 33 -9.53 -2.13 -18.20
CA TYR A 33 -8.56 -2.65 -19.17
C TYR A 33 -7.21 -2.89 -18.49
N GLY A 34 -6.32 -3.67 -19.11
CA GLY A 34 -4.99 -3.97 -18.58
C GLY A 34 -4.00 -4.09 -19.72
N SER A 35 -2.89 -3.35 -19.66
CA SER A 35 -1.82 -3.35 -20.65
C SER A 35 -0.48 -3.09 -19.95
N GLY A 36 0.55 -2.80 -20.72
CA GLY A 36 1.91 -2.51 -20.29
C GLY A 36 2.68 -2.00 -21.50
N SER A 37 3.94 -1.60 -21.31
CA SER A 37 4.79 -1.09 -22.39
C SER A 37 6.24 -1.54 -22.15
N GLY A 38 7.12 -1.17 -23.08
CA GLY A 38 8.54 -1.49 -23.05
C GLY A 38 9.34 -0.40 -22.34
N SER A 39 10.62 -0.29 -22.67
CA SER A 39 11.55 0.69 -22.11
C SER A 39 12.51 1.18 -23.21
N GLY A 40 13.52 1.98 -22.85
CA GLY A 40 14.53 2.54 -23.74
C GLY A 40 15.91 2.30 -23.16
N SER A 41 16.95 2.80 -23.83
CA SER A 41 18.35 2.66 -23.45
C SER A 41 18.59 3.05 -21.98
N GLY A 42 18.15 4.24 -21.58
CA GLY A 42 18.28 4.78 -20.24
C GLY A 42 18.87 6.18 -20.27
N SER A 43 18.72 6.92 -19.17
CA SER A 43 19.17 8.28 -18.91
C SER A 43 18.78 8.54 -17.45
N GLY A 44 19.67 9.16 -16.68
CA GLY A 44 19.46 9.48 -15.28
C GLY A 44 20.11 10.80 -14.90
N SER A 45 20.14 11.09 -13.60
CA SER A 45 20.73 12.30 -13.04
C SER A 45 21.46 11.93 -11.74
N GLY A 46 20.80 12.05 -10.59
CA GLY A 46 21.32 11.74 -9.29
C GLY A 46 20.24 12.03 -8.26
N SER A 47 20.26 11.31 -7.14
CA SER A 47 19.30 11.45 -6.05
C SER A 47 19.79 10.65 -4.82
N GLY A 48 20.47 9.52 -5.05
CA GLY A 48 21.04 8.61 -4.05
C GLY A 48 20.12 8.34 -2.86
N SER A 49 18.84 8.06 -3.11
CA SER A 49 17.85 7.80 -2.06
C SER A 49 17.84 6.37 -1.50
N GLY A 50 18.58 5.41 -2.07
CA GLY A 50 18.55 4.07 -1.51
C GLY A 50 19.51 3.10 -2.17
N SER A 51 19.05 2.43 -3.23
CA SER A 51 19.84 1.45 -3.99
C SER A 51 20.45 0.37 -3.09
N GLY A 52 19.86 0.08 -1.94
CA GLY A 52 20.34 -0.88 -0.97
C GLY A 52 20.34 -2.32 -1.48
N SER A 53 21.21 -3.14 -0.92
CA SER A 53 21.36 -4.55 -1.23
C SER A 53 20.17 -5.34 -0.63
N GLY A 54 20.12 -6.64 -0.87
CA GLY A 54 19.07 -7.51 -0.36
C GLY A 54 18.76 -8.63 -1.32
N SER A 55 17.82 -9.48 -0.95
CA SER A 55 17.35 -10.63 -1.71
C SER A 55 15.83 -10.56 -1.78
N GLY A 56 15.26 -11.19 -2.80
CA GLY A 56 13.83 -11.23 -3.06
C GLY A 56 13.25 -9.83 -3.20
N SER A 57 12.45 -9.44 -2.22
CA SER A 57 11.75 -8.17 -2.13
C SER A 57 11.88 -7.52 -0.75
N GLY A 58 12.06 -8.29 0.32
CA GLY A 58 12.19 -7.75 1.68
C GLY A 58 10.91 -7.06 2.13
N TYR A 59 11.04 -5.86 2.67
CA TYR A 59 9.93 -5.03 3.15
C TYR A 59 9.40 -4.18 1.99
N GLN A 60 8.52 -3.21 2.27
CA GLN A 60 7.97 -2.34 1.23
C GLN A 60 9.09 -1.56 0.54
N ILE A 61 8.79 -1.10 -0.67
CA ILE A 61 9.75 -0.34 -1.46
C ILE A 61 9.49 1.08 -1.01
N GLU A 62 10.35 1.67 -0.20
CA GLU A 62 10.17 3.02 0.32
C GLU A 62 10.11 4.09 -0.78
N THR A 63 10.66 3.87 -1.97
CA THR A 63 10.67 4.86 -3.05
C THR A 63 10.19 4.28 -4.38
N PHE A 64 8.88 3.99 -4.47
CA PHE A 64 8.27 3.43 -5.68
C PHE A 64 6.76 3.65 -5.74
N PHE A 65 6.09 3.71 -4.60
CA PHE A 65 4.64 3.91 -4.49
C PHE A 65 4.30 4.71 -3.23
N ALA A 66 5.27 5.35 -2.56
CA ALA A 66 5.10 6.12 -1.33
C ALA A 66 3.96 7.12 -1.43
N GLN A 67 3.84 7.66 -2.63
CA GLN A 67 2.88 8.64 -3.07
C GLN A 67 1.47 8.13 -2.83
N ASP A 68 1.25 6.91 -3.29
CA ASP A 68 -0.02 6.20 -3.15
C ASP A 68 -0.16 5.60 -1.75
N ILE A 69 0.94 5.11 -1.18
CA ILE A 69 1.00 4.48 0.14
C ILE A 69 0.40 5.42 1.20
N GLU A 70 0.77 6.69 1.16
CA GLU A 70 0.27 7.66 2.12
C GLU A 70 -1.22 7.87 1.90
N SER A 71 -1.67 7.84 0.66
CA SER A 71 -3.06 8.05 0.30
C SER A 71 -3.93 6.87 0.70
N VAL A 72 -3.39 5.66 0.63
CA VAL A 72 -4.06 4.43 1.01
C VAL A 72 -4.17 4.43 2.53
N GLN A 73 -3.07 4.68 3.24
CA GLN A 73 -3.11 4.69 4.71
C GLN A 73 -3.97 5.84 5.23
N LYS A 74 -4.00 6.98 4.53
CA LYS A 74 -4.79 8.16 4.92
C LYS A 74 -6.26 7.78 5.01
N GLU A 75 -6.70 6.80 4.23
CA GLU A 75 -8.10 6.36 4.26
C GLU A 75 -8.34 5.59 5.56
N LEU A 76 -7.45 4.65 5.86
CA LEU A 76 -7.52 3.76 7.00
C LEU A 76 -7.32 4.41 8.36
N GLU A 77 -6.51 5.44 8.48
CA GLU A 77 -6.28 6.12 9.75
C GLU A 77 -7.55 6.79 10.30
N ASN A 78 -8.59 6.95 9.49
CA ASN A 78 -9.86 7.55 9.90
C ASN A 78 -11.01 6.54 9.86
N LEU A 79 -10.72 5.26 9.61
CA LEU A 79 -11.76 4.22 9.58
C LEU A 79 -11.88 3.55 10.95
N SER A 80 -13.03 2.93 11.22
CA SER A 80 -13.37 2.20 12.45
C SER A 80 -12.89 0.75 12.36
N GLU A 81 -12.92 0.01 13.48
CA GLU A 81 -12.50 -1.39 13.53
C GLU A 81 -13.35 -2.15 12.56
N GLU A 82 -14.67 -2.06 12.61
CA GLU A 82 -15.55 -2.81 11.74
C GLU A 82 -15.19 -2.64 10.28
N GLU A 83 -14.62 -1.50 9.89
CA GLU A 83 -14.22 -1.24 8.53
C GLU A 83 -12.90 -1.92 8.23
N LEU A 84 -11.89 -1.72 9.08
CA LEU A 84 -10.55 -2.26 8.91
C LEU A 84 -10.45 -3.75 9.25
N LEU A 85 -10.92 -4.09 10.44
CA LEU A 85 -10.98 -5.41 11.03
C LEU A 85 -11.72 -6.29 10.05
N ALA A 86 -12.78 -5.79 9.43
CA ALA A 86 -13.52 -6.62 8.49
C ALA A 86 -12.68 -6.96 7.25
N MET A 87 -11.72 -6.12 6.86
CA MET A 87 -10.90 -6.35 5.67
C MET A 87 -9.83 -7.39 5.94
N LEU A 88 -9.02 -7.13 6.97
CA LEU A 88 -7.93 -7.99 7.38
C LEU A 88 -8.45 -9.36 7.77
N ASN A 89 -9.59 -9.43 8.47
CA ASN A 89 -10.17 -10.70 8.92
C ASN A 89 -10.97 -11.40 7.83
N GLY A 90 -11.49 -10.62 6.88
CA GLY A 90 -12.31 -11.13 5.79
C GLY A 90 -13.68 -11.44 6.39
N ASP A 91 -14.36 -10.39 6.86
CA ASP A 91 -15.67 -10.45 7.49
C ASP A 91 -16.55 -9.28 7.01
N GLN A 92 -17.73 -9.07 7.61
CA GLN A 92 -18.69 -8.03 7.28
C GLN A 92 -19.28 -7.42 8.57
N GLN A 93 -18.47 -6.68 9.31
CA GLN A 93 -18.90 -6.03 10.55
C GLN A 93 -19.59 -4.71 10.24
N MET A 1 -0.10 1.60 23.31
CA MET A 1 -1.43 1.12 23.68
C MET A 1 -2.47 2.24 23.71
N ASN A 2 -2.18 3.36 24.37
CA ASN A 2 -3.10 4.49 24.49
C ASN A 2 -2.95 5.43 23.29
N ILE A 3 -3.38 4.99 22.10
CA ILE A 3 -3.33 5.70 20.82
C ILE A 3 -4.09 4.88 19.77
N ASN A 4 -4.45 5.55 18.68
CA ASN A 4 -5.18 5.10 17.51
C ASN A 4 -4.35 5.33 16.25
N GLU A 5 -3.87 6.55 15.98
CA GLU A 5 -3.09 6.87 14.77
C GLU A 5 -1.80 6.03 14.66
N GLN A 6 -1.17 5.77 15.79
CA GLN A 6 0.05 4.96 15.84
C GLN A 6 -0.32 3.48 15.67
N THR A 7 -1.53 3.07 16.04
CA THR A 7 -1.94 1.68 15.86
C THR A 7 -2.20 1.36 14.39
N LEU A 8 -2.68 2.31 13.59
CA LEU A 8 -2.99 2.15 12.17
C LEU A 8 -1.77 1.57 11.49
N ASP A 9 -0.56 1.84 11.97
CA ASP A 9 0.68 1.33 11.40
C ASP A 9 0.61 -0.19 11.25
N LYS A 10 0.12 -0.93 12.26
CA LYS A 10 0.03 -2.39 12.13
C LYS A 10 -1.00 -2.78 11.07
N LEU A 11 -2.02 -1.93 10.88
CA LEU A 11 -3.06 -2.13 9.90
C LEU A 11 -2.56 -1.83 8.49
N ARG A 12 -2.00 -0.65 8.23
CA ARG A 12 -1.52 -0.26 6.89
C ARG A 12 -0.42 -1.18 6.42
N GLN A 13 0.50 -1.58 7.29
CA GLN A 13 1.58 -2.49 6.92
C GLN A 13 1.00 -3.82 6.43
N ALA A 14 -0.15 -4.26 6.98
CA ALA A 14 -0.79 -5.51 6.59
C ALA A 14 -1.41 -5.34 5.20
N VAL A 15 -2.17 -4.26 5.01
CA VAL A 15 -2.83 -3.97 3.75
C VAL A 15 -1.78 -3.78 2.65
N LEU A 16 -0.71 -3.05 2.94
CA LEU A 16 0.35 -2.79 1.98
C LEU A 16 1.04 -4.09 1.57
N GLN A 17 1.24 -5.04 2.49
CA GLN A 17 1.89 -6.32 2.20
C GLN A 17 1.09 -7.12 1.18
N LYS A 18 -0.23 -7.30 1.35
CA LYS A 18 -1.03 -8.04 0.39
C LYS A 18 -1.17 -7.25 -0.91
N LYS A 19 -1.23 -5.91 -0.83
CA LYS A 19 -1.34 -5.04 -1.99
C LYS A 19 -0.20 -5.33 -2.97
N ILE A 20 0.99 -5.71 -2.50
CA ILE A 20 2.13 -6.00 -3.38
C ILE A 20 1.75 -7.07 -4.39
N LYS A 21 1.08 -8.13 -3.94
CA LYS A 21 0.65 -9.24 -4.79
C LYS A 21 -0.43 -8.79 -5.77
N GLU A 22 -1.27 -7.83 -5.37
CA GLU A 22 -2.34 -7.35 -6.22
C GLU A 22 -1.76 -6.51 -7.34
N ARG A 23 -0.90 -5.54 -7.03
CA ARG A 23 -0.29 -4.68 -8.05
C ARG A 23 0.60 -5.45 -9.00
N ILE A 24 1.32 -6.47 -8.54
CA ILE A 24 2.19 -7.25 -9.41
C ILE A 24 1.36 -8.19 -10.29
N GLN A 25 0.35 -8.88 -9.72
CA GLN A 25 -0.45 -9.83 -10.48
C GLN A 25 -1.47 -9.20 -11.43
N ASN A 26 -2.25 -8.23 -10.92
CA ASN A 26 -3.28 -7.56 -11.73
C ASN A 26 -2.59 -6.63 -12.72
N SER A 27 -1.69 -5.77 -12.22
CA SER A 27 -0.94 -4.82 -13.05
C SER A 27 -1.84 -3.90 -13.88
N LEU A 28 -3.08 -3.66 -13.43
CA LEU A 28 -4.07 -2.84 -14.12
C LEU A 28 -4.88 -1.94 -13.19
N SER A 29 -5.94 -1.33 -13.71
CA SER A 29 -6.84 -0.42 -13.00
C SER A 29 -8.34 -0.68 -13.15
N THR A 30 -8.78 -1.26 -14.28
CA THR A 30 -10.20 -1.50 -14.53
C THR A 30 -10.37 -2.63 -15.57
N GLU A 31 -9.34 -3.46 -15.74
CA GLU A 31 -9.32 -4.55 -16.71
C GLU A 31 -9.36 -3.96 -18.13
N LYS A 32 -8.75 -2.79 -18.32
CA LYS A 32 -8.70 -2.16 -19.64
C LYS A 32 -7.96 -3.09 -20.60
N TYR A 33 -8.22 -2.96 -21.90
CA TYR A 33 -7.56 -3.75 -22.92
C TYR A 33 -6.47 -2.89 -23.56
N GLY A 34 -5.41 -3.53 -24.05
CA GLY A 34 -4.28 -2.88 -24.70
C GLY A 34 -3.67 -1.78 -23.82
N SER A 35 -3.07 -0.78 -24.48
CA SER A 35 -2.45 0.37 -23.85
C SER A 35 -3.55 1.38 -23.48
N GLY A 36 -3.34 2.26 -22.50
CA GLY A 36 -4.35 3.23 -22.13
C GLY A 36 -3.88 4.18 -21.04
N SER A 37 -4.69 5.20 -20.78
CA SER A 37 -4.45 6.24 -19.79
C SER A 37 -4.61 5.69 -18.36
N GLY A 38 -3.99 6.38 -17.39
CA GLY A 38 -3.92 6.10 -15.96
C GLY A 38 -5.24 6.03 -15.18
N SER A 39 -5.15 6.10 -13.85
CA SER A 39 -6.26 6.05 -12.90
C SER A 39 -5.92 6.86 -11.63
N GLY A 40 -6.76 6.79 -10.59
CA GLY A 40 -6.58 7.51 -9.32
C GLY A 40 -6.68 6.60 -8.09
N SER A 41 -6.40 7.17 -6.92
CA SER A 41 -6.42 6.46 -5.63
C SER A 41 -7.28 7.21 -4.60
N GLY A 42 -7.32 6.75 -3.34
CA GLY A 42 -8.09 7.32 -2.24
C GLY A 42 -7.22 8.08 -1.26
N SER A 43 -7.83 8.46 -0.13
CA SER A 43 -7.23 9.19 0.97
C SER A 43 -8.15 9.08 2.20
N GLY A 44 -7.71 9.59 3.34
CA GLY A 44 -8.36 9.60 4.64
C GLY A 44 -7.87 10.80 5.45
N SER A 45 -8.18 10.80 6.75
CA SER A 45 -7.84 11.81 7.74
C SER A 45 -7.82 11.15 9.13
N GLY A 46 -7.28 11.83 10.15
CA GLY A 46 -7.21 11.30 11.50
C GLY A 46 -6.48 12.25 12.44
N SER A 47 -6.44 11.92 13.73
CA SER A 47 -5.77 12.69 14.77
C SER A 47 -5.58 11.82 16.03
N GLY A 48 -4.69 12.21 16.93
CA GLY A 48 -4.44 11.49 18.18
C GLY A 48 -2.96 11.53 18.55
N SER A 49 -2.68 11.46 19.84
CA SER A 49 -1.34 11.47 20.40
C SER A 49 -1.29 10.46 21.53
N GLY A 50 -0.10 10.00 21.92
CA GLY A 50 0.07 9.01 22.96
C GLY A 50 1.28 8.15 22.68
N SER A 51 1.36 6.97 23.30
CA SER A 51 2.47 6.04 23.14
C SER A 51 2.03 4.80 22.36
N GLY A 52 2.56 4.63 21.15
CA GLY A 52 2.31 3.52 20.23
C GLY A 52 3.65 2.97 19.79
N SER A 53 4.41 3.78 19.05
CA SER A 53 5.74 3.49 18.52
C SER A 53 5.75 2.14 17.79
N GLY A 54 5.08 2.08 16.65
CA GLY A 54 4.96 0.88 15.82
C GLY A 54 5.90 0.88 14.62
N SER A 55 6.02 -0.28 14.00
CA SER A 55 6.83 -0.57 12.83
C SER A 55 6.01 -1.47 11.88
N GLY A 56 6.56 -1.81 10.72
CA GLY A 56 5.97 -2.66 9.70
C GLY A 56 7.00 -3.75 9.39
N SER A 57 7.35 -3.98 8.12
CA SER A 57 8.35 -4.99 7.77
C SER A 57 8.92 -4.70 6.37
N GLY A 58 9.98 -5.43 6.01
CA GLY A 58 10.68 -5.36 4.73
C GLY A 58 10.88 -6.76 4.18
N TYR A 59 9.92 -7.28 3.42
CA TYR A 59 9.97 -8.63 2.83
C TYR A 59 9.73 -8.65 1.31
N GLN A 60 9.28 -7.55 0.71
CA GLN A 60 8.99 -7.43 -0.72
C GLN A 60 10.25 -7.03 -1.50
N ILE A 61 10.11 -6.80 -2.81
CA ILE A 61 11.19 -6.42 -3.71
C ILE A 61 11.37 -4.90 -3.62
N GLU A 62 12.35 -4.46 -2.83
CA GLU A 62 12.68 -3.06 -2.63
C GLU A 62 13.37 -2.47 -3.87
N THR A 63 13.70 -3.28 -4.88
CA THR A 63 14.36 -2.85 -6.10
C THR A 63 13.57 -3.25 -7.35
N PHE A 64 12.26 -2.97 -7.38
CA PHE A 64 11.43 -3.30 -8.54
C PHE A 64 10.26 -2.33 -8.61
N PHE A 65 9.29 -2.49 -7.71
CA PHE A 65 8.08 -1.68 -7.64
C PHE A 65 8.13 -0.63 -6.53
N ALA A 66 9.28 -0.41 -5.89
CA ALA A 66 9.45 0.55 -4.80
C ALA A 66 8.91 1.94 -5.12
N GLN A 67 8.96 2.35 -6.39
CA GLN A 67 8.48 3.64 -6.87
C GLN A 67 6.96 3.74 -6.72
N ASP A 68 6.22 2.71 -7.13
CA ASP A 68 4.76 2.71 -6.98
C ASP A 68 4.37 2.34 -5.55
N ILE A 69 5.21 1.58 -4.86
CA ILE A 69 5.03 1.12 -3.48
C ILE A 69 4.93 2.35 -2.58
N GLU A 70 5.84 3.31 -2.72
CA GLU A 70 5.84 4.51 -1.90
C GLU A 70 4.56 5.32 -2.11
N SER A 71 4.07 5.31 -3.35
CA SER A 71 2.89 6.02 -3.80
C SER A 71 1.62 5.38 -3.25
N VAL A 72 1.50 4.05 -3.30
CA VAL A 72 0.30 3.38 -2.80
C VAL A 72 0.31 3.35 -1.27
N GLN A 73 1.46 3.09 -0.65
CA GLN A 73 1.54 3.03 0.81
C GLN A 73 1.23 4.40 1.40
N LYS A 74 1.57 5.50 0.70
CA LYS A 74 1.30 6.86 1.14
C LYS A 74 -0.20 7.02 1.40
N GLU A 75 -1.03 6.31 0.64
CA GLU A 75 -2.48 6.37 0.80
C GLU A 75 -2.85 5.64 2.09
N LEU A 76 -2.28 4.45 2.30
CA LEU A 76 -2.57 3.64 3.47
C LEU A 76 -2.12 4.28 4.78
N GLU A 77 -1.00 5.01 4.81
CA GLU A 77 -0.54 5.63 6.05
C GLU A 77 -1.41 6.79 6.52
N ASN A 78 -2.35 7.27 5.71
CA ASN A 78 -3.27 8.33 6.11
C ASN A 78 -4.68 7.77 6.22
N LEU A 79 -4.89 6.47 5.93
CA LEU A 79 -6.19 5.86 6.05
C LEU A 79 -6.45 5.45 7.50
N SER A 80 -7.71 5.35 7.88
CA SER A 80 -8.13 4.97 9.23
C SER A 80 -8.18 3.45 9.36
N GLU A 81 -8.31 2.92 10.58
CA GLU A 81 -8.38 1.49 10.82
C GLU A 81 -9.54 0.95 10.02
N GLU A 82 -10.75 1.50 10.09
CA GLU A 82 -11.92 1.01 9.39
C GLU A 82 -11.67 0.82 7.89
N GLU A 83 -10.74 1.61 7.31
CA GLU A 83 -10.41 1.52 5.91
C GLU A 83 -9.42 0.36 5.67
N LEU A 84 -8.33 0.33 6.43
CA LEU A 84 -7.25 -0.66 6.35
C LEU A 84 -7.59 -2.01 6.95
N LEU A 85 -8.04 -1.98 8.19
CA LEU A 85 -8.45 -3.09 9.03
C LEU A 85 -9.52 -3.83 8.23
N ALA A 86 -10.44 -3.12 7.57
CA ALA A 86 -11.47 -3.79 6.80
C ALA A 86 -10.91 -4.57 5.61
N MET A 87 -9.78 -4.17 5.05
CA MET A 87 -9.18 -4.82 3.88
C MET A 87 -8.51 -6.11 4.30
N LEU A 88 -7.58 -6.04 5.25
CA LEU A 88 -6.87 -7.20 5.76
C LEU A 88 -7.84 -8.18 6.41
N ASN A 89 -8.87 -7.67 7.08
CA ASN A 89 -9.87 -8.50 7.74
C ASN A 89 -10.87 -9.07 6.74
N GLY A 90 -10.96 -8.44 5.57
CA GLY A 90 -11.84 -8.81 4.48
C GLY A 90 -13.26 -8.67 5.01
N ASP A 91 -13.55 -7.50 5.56
CA ASP A 91 -14.83 -7.14 6.16
C ASP A 91 -15.37 -5.85 5.56
N GLN A 92 -16.67 -5.62 5.74
CA GLN A 92 -17.39 -4.46 5.22
C GLN A 92 -18.50 -4.01 6.20
N GLN A 93 -18.29 -4.23 7.50
CA GLN A 93 -19.24 -3.88 8.54
C GLN A 93 -18.53 -3.53 9.84
N MET A 1 -15.81 2.45 27.15
CA MET A 1 -14.80 1.37 27.16
C MET A 1 -13.41 2.01 27.24
N ASN A 2 -12.36 1.30 26.82
CA ASN A 2 -11.00 1.83 26.81
C ASN A 2 -10.94 2.75 25.59
N ILE A 3 -9.75 2.93 25.04
CA ILE A 3 -9.54 3.74 23.85
C ILE A 3 -10.10 2.93 22.67
N ASN A 4 -10.28 3.59 21.52
CA ASN A 4 -10.81 2.96 20.31
C ASN A 4 -10.08 3.49 19.08
N GLU A 5 -9.77 4.78 19.02
CA GLU A 5 -9.05 5.40 17.90
C GLU A 5 -7.63 4.84 17.83
N GLN A 6 -7.07 4.58 19.00
CA GLN A 6 -5.74 4.00 19.14
C GLN A 6 -5.82 2.50 18.86
N THR A 7 -6.97 1.86 19.10
CA THR A 7 -7.11 0.44 18.82
C THR A 7 -7.03 0.20 17.32
N LEU A 8 -7.49 1.14 16.48
CA LEU A 8 -7.49 1.08 15.02
C LEU A 8 -6.07 0.76 14.58
N ASP A 9 -5.04 1.16 15.33
CA ASP A 9 -3.64 0.90 15.02
C ASP A 9 -3.41 -0.59 14.74
N LYS A 10 -4.00 -1.50 15.54
CA LYS A 10 -3.81 -2.94 15.28
C LYS A 10 -4.54 -3.34 13.99
N LEU A 11 -5.62 -2.64 13.65
CA LEU A 11 -6.43 -2.90 12.48
C LEU A 11 -5.72 -2.40 11.22
N ARG A 12 -5.32 -1.14 11.16
CA ARG A 12 -4.66 -0.56 9.98
C ARG A 12 -3.38 -1.29 9.64
N GLN A 13 -2.57 -1.67 10.63
CA GLN A 13 -1.34 -2.40 10.38
C GLN A 13 -1.64 -3.75 9.72
N ALA A 14 -2.79 -4.37 10.03
CA ALA A 14 -3.20 -5.65 9.44
C ALA A 14 -3.62 -5.40 7.98
N VAL A 15 -4.43 -4.37 7.74
CA VAL A 15 -4.92 -4.03 6.40
C VAL A 15 -3.75 -3.61 5.50
N LEU A 16 -2.81 -2.82 6.02
CA LEU A 16 -1.67 -2.38 5.24
C LEU A 16 -0.82 -3.58 4.83
N GLN A 17 -0.68 -4.60 5.70
CA GLN A 17 0.11 -5.79 5.38
C GLN A 17 -0.46 -6.56 4.19
N LYS A 18 -1.76 -6.88 4.14
CA LYS A 18 -2.26 -7.60 2.96
C LYS A 18 -2.12 -6.71 1.74
N LYS A 19 -2.33 -5.39 1.87
CA LYS A 19 -2.22 -4.42 0.79
C LYS A 19 -0.85 -4.50 0.13
N ILE A 20 0.23 -4.82 0.84
CA ILE A 20 1.56 -4.93 0.25
C ILE A 20 1.52 -6.00 -0.85
N LYS A 21 0.92 -7.14 -0.54
CA LYS A 21 0.78 -8.28 -1.44
C LYS A 21 -0.18 -7.96 -2.57
N GLU A 22 -1.13 -7.06 -2.34
CA GLU A 22 -2.11 -6.73 -3.35
C GLU A 22 -1.49 -5.83 -4.41
N ARG A 23 -0.82 -4.75 -4.03
CA ARG A 23 -0.24 -3.87 -5.04
C ARG A 23 0.84 -4.55 -5.87
N ILE A 24 1.63 -5.46 -5.28
CA ILE A 24 2.67 -6.17 -6.03
C ILE A 24 2.05 -7.21 -6.97
N GLN A 25 1.07 -7.98 -6.49
CA GLN A 25 0.47 -9.02 -7.31
C GLN A 25 -0.49 -8.48 -8.37
N ASN A 26 -1.40 -7.60 -7.97
CA ASN A 26 -2.40 -7.02 -8.86
C ASN A 26 -1.82 -5.93 -9.75
N SER A 27 -1.13 -4.95 -9.15
CA SER A 27 -0.53 -3.79 -9.81
C SER A 27 -1.51 -3.05 -10.75
N LEU A 28 -2.80 -3.10 -10.43
CA LEU A 28 -3.90 -2.50 -11.19
C LEU A 28 -4.88 -1.78 -10.27
N SER A 29 -5.93 -1.26 -10.90
CA SER A 29 -7.03 -0.50 -10.35
C SER A 29 -8.39 -0.97 -10.89
N THR A 30 -8.46 -1.28 -12.19
CA THR A 30 -9.66 -1.71 -12.89
C THR A 30 -9.28 -2.68 -14.02
N GLU A 31 -8.06 -3.23 -14.03
CA GLU A 31 -7.59 -4.16 -15.07
C GLU A 31 -7.42 -3.40 -16.39
N LYS A 32 -6.76 -2.23 -16.32
CA LYS A 32 -6.45 -1.37 -17.46
C LYS A 32 -5.33 -2.05 -18.26
N TYR A 33 -5.09 -1.65 -19.51
CA TYR A 33 -4.05 -2.24 -20.35
C TYR A 33 -3.35 -1.17 -21.16
N GLY A 34 -2.11 -1.43 -21.58
CA GLY A 34 -1.32 -0.50 -22.38
C GLY A 34 0.07 -0.34 -21.79
N SER A 35 0.97 -1.28 -22.11
CA SER A 35 2.35 -1.29 -21.65
C SER A 35 3.28 -1.43 -22.86
N GLY A 36 4.51 -0.97 -22.67
CA GLY A 36 5.58 -0.99 -23.66
C GLY A 36 5.55 0.29 -24.49
N SER A 37 6.70 0.64 -25.07
CA SER A 37 6.85 1.84 -25.90
C SER A 37 8.03 1.61 -26.85
N GLY A 38 9.18 1.17 -26.31
CA GLY A 38 10.38 0.92 -27.08
C GLY A 38 10.96 2.24 -27.58
N SER A 39 11.98 2.15 -28.43
CA SER A 39 12.69 3.28 -29.06
C SER A 39 13.39 4.27 -28.10
N GLY A 40 13.16 4.22 -26.79
CA GLY A 40 13.77 5.10 -25.81
C GLY A 40 15.17 4.59 -25.45
N SER A 41 16.05 4.53 -26.44
CA SER A 41 17.43 4.06 -26.37
C SER A 41 18.32 4.77 -25.34
N GLY A 42 17.88 5.88 -24.74
CA GLY A 42 18.67 6.60 -23.75
C GLY A 42 18.83 5.79 -22.46
N SER A 43 17.92 4.84 -22.19
CA SER A 43 17.90 3.95 -21.03
C SER A 43 17.89 4.68 -19.67
N GLY A 44 17.78 6.01 -19.60
CA GLY A 44 17.76 6.78 -18.37
C GLY A 44 16.32 7.04 -17.94
N SER A 45 15.80 8.23 -18.23
CA SER A 45 14.45 8.67 -17.91
C SER A 45 14.05 8.58 -16.43
N GLY A 46 15.01 8.42 -15.50
CA GLY A 46 14.79 8.31 -14.07
C GLY A 46 13.84 9.39 -13.55
N SER A 47 12.65 8.99 -13.13
CA SER A 47 11.62 9.86 -12.59
C SER A 47 11.16 9.31 -11.23
N GLY A 48 10.60 10.15 -10.37
CA GLY A 48 10.12 9.76 -9.05
C GLY A 48 9.94 11.00 -8.18
N SER A 49 10.75 11.10 -7.12
CA SER A 49 10.75 12.18 -6.13
C SER A 49 9.44 12.23 -5.35
N GLY A 50 9.34 11.45 -4.26
CA GLY A 50 8.16 11.38 -3.41
C GLY A 50 8.55 11.32 -1.94
N SER A 51 7.64 11.69 -1.04
CA SER A 51 7.82 11.68 0.42
C SER A 51 6.46 11.67 1.13
N GLY A 52 6.46 11.38 2.43
CA GLY A 52 5.26 11.31 3.27
C GLY A 52 5.64 11.45 4.73
N SER A 53 5.00 10.70 5.62
CA SER A 53 5.25 10.71 7.05
C SER A 53 5.72 9.34 7.57
N GLY A 54 5.49 8.24 6.85
CA GLY A 54 5.93 6.92 7.28
C GLY A 54 5.64 5.86 6.22
N SER A 55 6.23 4.69 6.39
CA SER A 55 6.09 3.55 5.49
C SER A 55 5.70 2.31 6.30
N GLY A 56 5.09 1.33 5.62
CA GLY A 56 4.64 0.07 6.22
C GLY A 56 5.77 -0.65 6.95
N SER A 57 5.40 -1.38 7.99
CA SER A 57 6.30 -2.12 8.87
C SER A 57 6.48 -3.59 8.44
N GLY A 58 7.37 -4.31 9.15
CA GLY A 58 7.67 -5.71 8.91
C GLY A 58 8.65 -5.94 7.77
N TYR A 59 8.82 -7.21 7.39
CA TYR A 59 9.72 -7.73 6.35
C TYR A 59 9.37 -7.28 4.91
N GLN A 60 8.80 -6.10 4.72
CA GLN A 60 8.47 -5.57 3.40
C GLN A 60 9.75 -4.94 2.82
N ILE A 61 9.72 -4.48 1.56
CA ILE A 61 10.85 -3.88 0.88
C ILE A 61 10.69 -2.35 0.89
N GLU A 62 11.31 -1.73 1.88
CA GLU A 62 11.34 -0.29 2.16
C GLU A 62 12.04 0.55 1.08
N THR A 63 12.67 -0.10 0.10
CA THR A 63 13.40 0.55 -0.97
C THR A 63 12.96 0.05 -2.36
N PHE A 64 11.68 -0.32 -2.49
CA PHE A 64 11.12 -0.82 -3.75
C PHE A 64 9.69 -0.32 -3.97
N PHE A 65 8.85 -0.26 -2.92
CA PHE A 65 7.47 0.22 -3.05
C PHE A 65 7.09 1.16 -1.91
N ALA A 66 8.02 1.58 -1.06
CA ALA A 66 7.73 2.49 0.06
C ALA A 66 7.02 3.75 -0.42
N GLN A 67 7.35 4.21 -1.63
CA GLN A 67 6.77 5.39 -2.25
C GLN A 67 5.25 5.25 -2.36
N ASP A 68 4.76 4.07 -2.74
CA ASP A 68 3.33 3.79 -2.84
C ASP A 68 2.77 3.45 -1.46
N ILE A 69 3.53 2.66 -0.71
CA ILE A 69 3.17 2.17 0.60
C ILE A 69 2.78 3.29 1.54
N GLU A 70 3.52 4.40 1.53
CA GLU A 70 3.31 5.57 2.36
C GLU A 70 1.96 6.21 2.03
N SER A 71 1.59 6.20 0.76
CA SER A 71 0.37 6.77 0.21
C SER A 71 -0.82 5.90 0.64
N VAL A 72 -0.66 4.59 0.51
CA VAL A 72 -1.68 3.63 0.85
C VAL A 72 -1.90 3.63 2.37
N GLN A 73 -0.82 3.52 3.14
CA GLN A 73 -0.92 3.49 4.60
C GLN A 73 -1.48 4.80 5.14
N LYS A 74 -1.21 5.93 4.48
CA LYS A 74 -1.72 7.24 4.86
C LYS A 74 -3.25 7.23 4.91
N GLU A 75 -3.88 6.38 4.12
CA GLU A 75 -5.33 6.29 4.11
C GLU A 75 -5.82 5.51 5.33
N LEU A 76 -5.13 4.43 5.68
CA LEU A 76 -5.48 3.54 6.77
C LEU A 76 -5.32 4.15 8.15
N GLU A 77 -4.33 5.00 8.35
CA GLU A 77 -4.07 5.67 9.64
C GLU A 77 -5.23 6.60 10.06
N ASN A 78 -6.14 6.92 9.15
CA ASN A 78 -7.32 7.75 9.40
C ASN A 78 -8.62 6.97 9.24
N LEU A 79 -8.58 5.70 8.79
CA LEU A 79 -9.82 4.93 8.62
C LEU A 79 -10.30 4.36 9.96
N SER A 80 -11.60 4.09 10.07
CA SER A 80 -12.30 3.55 11.24
C SER A 80 -12.19 2.01 11.29
N GLU A 81 -12.64 1.35 12.36
CA GLU A 81 -12.54 -0.11 12.45
C GLU A 81 -13.39 -0.71 11.36
N GLU A 82 -14.64 -0.30 11.22
CA GLU A 82 -15.56 -0.82 10.23
C GLU A 82 -14.96 -0.79 8.83
N GLU A 83 -14.04 0.15 8.57
CA GLU A 83 -13.38 0.24 7.30
C GLU A 83 -12.23 -0.77 7.20
N LEU A 84 -11.33 -0.77 8.18
CA LEU A 84 -10.13 -1.63 8.25
C LEU A 84 -10.40 -3.07 8.66
N LEU A 85 -11.07 -3.21 9.81
CA LEU A 85 -11.47 -4.45 10.45
C LEU A 85 -12.25 -5.23 9.41
N ALA A 86 -13.10 -4.58 8.63
CA ALA A 86 -13.87 -5.29 7.63
C ALA A 86 -13.02 -5.89 6.51
N MET A 87 -11.85 -5.30 6.22
CA MET A 87 -10.95 -5.75 5.14
C MET A 87 -10.17 -6.96 5.61
N LEU A 88 -9.49 -6.83 6.75
CA LEU A 88 -8.71 -7.92 7.34
C LEU A 88 -9.63 -9.07 7.74
N ASN A 89 -10.86 -8.78 8.17
CA ASN A 89 -11.79 -9.84 8.57
C ASN A 89 -12.47 -10.41 7.34
N GLY A 90 -12.49 -9.65 6.25
CA GLY A 90 -13.12 -10.03 5.00
C GLY A 90 -14.59 -10.33 5.25
N ASP A 91 -15.25 -9.39 5.91
CA ASP A 91 -16.66 -9.47 6.29
C ASP A 91 -17.58 -8.89 5.20
N GLN A 92 -18.84 -8.68 5.55
CA GLN A 92 -19.91 -8.18 4.72
C GLN A 92 -20.67 -7.01 5.34
N GLN A 93 -20.01 -6.29 6.24
CA GLN A 93 -20.60 -5.14 6.91
C GLN A 93 -20.46 -3.94 5.99
N MET A 1 -7.94 -0.64 24.27
CA MET A 1 -9.03 -0.93 25.23
C MET A 1 -9.95 0.26 25.52
N ASN A 2 -9.54 1.52 25.39
CA ASN A 2 -10.41 2.68 25.71
C ASN A 2 -10.38 3.77 24.64
N ILE A 3 -10.32 3.38 23.36
CA ILE A 3 -10.25 4.33 22.25
C ILE A 3 -10.59 3.65 20.92
N ASN A 4 -10.92 4.45 19.89
CA ASN A 4 -11.25 3.99 18.56
C ASN A 4 -10.20 4.46 17.56
N GLU A 5 -9.82 5.74 17.55
CA GLU A 5 -8.83 6.29 16.60
C GLU A 5 -7.49 5.55 16.70
N GLN A 6 -7.06 5.29 17.92
CA GLN A 6 -5.81 4.59 18.18
C GLN A 6 -6.00 3.09 17.92
N THR A 7 -7.22 2.57 18.04
CA THR A 7 -7.46 1.15 17.75
C THR A 7 -7.34 0.92 16.24
N LEU A 8 -7.64 1.90 15.37
CA LEU A 8 -7.58 1.77 13.92
C LEU A 8 -6.19 1.29 13.57
N ASP A 9 -5.17 1.62 14.35
CA ASP A 9 -3.77 1.23 14.14
C ASP A 9 -3.70 -0.29 13.97
N LYS A 10 -4.33 -1.07 14.86
CA LYS A 10 -4.28 -2.53 14.74
C LYS A 10 -5.01 -3.00 13.49
N LEU A 11 -6.01 -2.26 13.04
CA LEU A 11 -6.76 -2.59 11.84
C LEU A 11 -5.95 -2.26 10.60
N ARG A 12 -5.47 -1.02 10.41
CA ARG A 12 -4.70 -0.59 9.23
C ARG A 12 -3.46 -1.45 9.05
N GLN A 13 -2.75 -1.74 10.13
CA GLN A 13 -1.54 -2.56 10.07
C GLN A 13 -1.86 -3.97 9.54
N ALA A 14 -3.08 -4.48 9.79
CA ALA A 14 -3.50 -5.79 9.32
C ALA A 14 -3.78 -5.71 7.81
N VAL A 15 -4.53 -4.69 7.39
CA VAL A 15 -4.88 -4.47 5.99
C VAL A 15 -3.59 -4.28 5.17
N LEU A 16 -2.73 -3.36 5.59
CA LEU A 16 -1.47 -3.03 4.92
C LEU A 16 -0.57 -4.23 4.73
N GLN A 17 -0.56 -5.19 5.67
CA GLN A 17 0.29 -6.37 5.54
C GLN A 17 -0.06 -7.13 4.25
N LYS A 18 -1.35 -7.40 4.00
CA LYS A 18 -1.69 -8.12 2.78
C LYS A 18 -1.46 -7.26 1.55
N LYS A 19 -1.63 -5.93 1.65
CA LYS A 19 -1.41 -5.04 0.51
C LYS A 19 -0.01 -5.24 -0.06
N ILE A 20 1.00 -5.58 0.75
CA ILE A 20 2.36 -5.80 0.23
C ILE A 20 2.35 -6.98 -0.75
N LYS A 21 1.57 -8.02 -0.45
CA LYS A 21 1.41 -9.23 -1.27
C LYS A 21 0.60 -8.92 -2.52
N GLU A 22 -0.31 -7.94 -2.44
CA GLU A 22 -1.14 -7.57 -3.57
C GLU A 22 -0.29 -6.80 -4.57
N ARG A 23 0.45 -5.79 -4.13
CA ARG A 23 1.32 -5.01 -5.03
C ARG A 23 2.43 -5.86 -5.63
N ILE A 24 2.94 -6.88 -4.93
CA ILE A 24 4.00 -7.73 -5.50
C ILE A 24 3.40 -8.71 -6.52
N GLN A 25 2.25 -9.33 -6.21
CA GLN A 25 1.65 -10.31 -7.12
C GLN A 25 0.96 -9.65 -8.32
N ASN A 26 0.11 -8.67 -8.06
CA ASN A 26 -0.63 -7.98 -9.10
C ASN A 26 0.27 -6.98 -9.80
N SER A 27 0.93 -6.11 -9.04
CA SER A 27 1.82 -5.05 -9.52
C SER A 27 1.17 -4.19 -10.61
N LEU A 28 -0.16 -4.13 -10.66
CA LEU A 28 -0.98 -3.41 -11.64
C LEU A 28 -2.10 -2.64 -10.94
N SER A 29 -2.97 -2.06 -11.76
CA SER A 29 -4.15 -1.30 -11.37
C SER A 29 -5.39 -1.79 -12.10
N THR A 30 -5.25 -2.10 -13.40
CA THR A 30 -6.34 -2.54 -14.25
C THR A 30 -5.80 -3.40 -15.40
N GLU A 31 -4.73 -4.18 -15.17
CA GLU A 31 -4.15 -5.06 -16.19
C GLU A 31 -3.69 -4.28 -17.43
N LYS A 32 -3.26 -3.02 -17.24
CA LYS A 32 -2.81 -2.12 -18.31
C LYS A 32 -1.78 -2.74 -19.23
N TYR A 33 -1.86 -2.45 -20.54
CA TYR A 33 -0.91 -2.96 -21.53
C TYR A 33 0.50 -2.53 -21.16
N GLY A 34 0.66 -1.27 -20.73
CA GLY A 34 1.95 -0.74 -20.36
C GLY A 34 2.74 -0.41 -21.63
N SER A 35 4.07 -0.40 -21.53
CA SER A 35 4.98 -0.11 -22.62
C SER A 35 6.31 -0.84 -22.40
N GLY A 36 7.30 -0.54 -23.22
CA GLY A 36 8.63 -1.09 -23.19
C GLY A 36 9.60 -0.08 -23.80
N SER A 37 10.86 -0.49 -23.96
CA SER A 37 11.93 0.31 -24.54
C SER A 37 12.82 -0.59 -25.40
N GLY A 38 13.96 -0.05 -25.82
CA GLY A 38 14.97 -0.69 -26.66
C GLY A 38 15.50 0.27 -27.74
N SER A 39 14.97 1.49 -27.79
CA SER A 39 15.32 2.55 -28.72
C SER A 39 15.23 3.89 -27.98
N GLY A 40 15.27 5.02 -28.70
CA GLY A 40 15.18 6.34 -28.12
C GLY A 40 13.72 6.68 -27.74
N SER A 41 13.47 7.96 -27.44
CA SER A 41 12.15 8.49 -27.06
C SER A 41 11.47 7.70 -25.94
N GLY A 42 11.95 7.90 -24.71
CA GLY A 42 11.38 7.25 -23.54
C GLY A 42 10.06 7.93 -23.18
N SER A 43 9.22 7.25 -22.42
CA SER A 43 7.92 7.75 -22.00
C SER A 43 7.55 7.16 -20.64
N GLY A 44 6.78 7.91 -19.85
CA GLY A 44 6.32 7.52 -18.54
C GLY A 44 5.67 8.70 -17.81
N SER A 45 4.83 8.38 -16.83
CA SER A 45 4.08 9.31 -15.99
C SER A 45 3.82 8.62 -14.64
N GLY A 46 3.49 9.38 -13.60
CA GLY A 46 3.20 8.88 -12.27
C GLY A 46 2.47 9.97 -11.49
N SER A 47 1.80 9.60 -10.40
CA SER A 47 1.06 10.50 -9.54
C SER A 47 0.90 9.87 -8.16
N GLY A 48 0.81 10.71 -7.14
CA GLY A 48 0.64 10.36 -5.74
C GLY A 48 0.76 11.63 -4.92
N SER A 49 0.31 11.61 -3.67
CA SER A 49 0.34 12.72 -2.72
C SER A 49 0.10 12.13 -1.33
N GLY A 50 -1.15 11.93 -0.93
CA GLY A 50 -1.51 11.39 0.37
C GLY A 50 -1.21 12.37 1.50
N SER A 51 -1.69 12.06 2.69
CA SER A 51 -1.53 12.86 3.90
C SER A 51 -1.07 11.91 5.01
N GLY A 52 -0.15 12.34 5.87
CA GLY A 52 0.37 11.54 6.98
C GLY A 52 1.73 10.91 6.68
N SER A 53 2.15 9.99 7.54
CA SER A 53 3.38 9.20 7.49
C SER A 53 3.28 8.21 8.65
N GLY A 54 3.27 6.92 8.34
CA GLY A 54 3.16 5.86 9.34
C GLY A 54 3.72 4.52 8.87
N SER A 55 4.80 4.53 8.08
CA SER A 55 5.43 3.30 7.61
C SER A 55 5.98 2.52 8.82
N GLY A 56 6.46 1.30 8.59
CA GLY A 56 7.02 0.47 9.64
C GLY A 56 6.02 -0.51 10.23
N SER A 57 6.41 -1.05 11.39
CA SER A 57 5.69 -2.03 12.20
C SER A 57 5.29 -3.29 11.43
N GLY A 58 6.14 -3.72 10.49
CA GLY A 58 5.93 -4.88 9.67
C GLY A 58 7.26 -5.57 9.40
N TYR A 59 7.19 -6.64 8.61
CA TYR A 59 8.34 -7.46 8.19
C TYR A 59 8.55 -7.28 6.68
N GLN A 60 7.92 -6.25 6.12
CA GLN A 60 7.94 -5.85 4.73
C GLN A 60 9.35 -5.36 4.37
N ILE A 61 9.68 -5.42 3.08
CA ILE A 61 10.99 -5.00 2.59
C ILE A 61 11.07 -3.47 2.62
N GLU A 62 11.71 -2.96 3.67
CA GLU A 62 11.93 -1.56 3.94
C GLU A 62 12.91 -0.92 2.93
N THR A 63 13.54 -1.71 2.07
CA THR A 63 14.51 -1.25 1.08
C THR A 63 14.19 -1.76 -0.33
N PHE A 64 12.92 -1.69 -0.77
CA PHE A 64 12.55 -2.15 -2.10
C PHE A 64 11.33 -1.39 -2.65
N PHE A 65 10.24 -1.36 -1.88
CA PHE A 65 9.00 -0.68 -2.24
C PHE A 65 8.61 0.35 -1.17
N ALA A 66 9.48 0.65 -0.20
CA ALA A 66 9.21 1.58 0.89
C ALA A 66 8.70 2.96 0.44
N GLN A 67 9.08 3.40 -0.76
CA GLN A 67 8.63 4.69 -1.28
C GLN A 67 7.18 4.62 -1.75
N ASP A 68 6.75 3.49 -2.28
CA ASP A 68 5.37 3.26 -2.72
C ASP A 68 4.51 2.93 -1.50
N ILE A 69 5.08 2.17 -0.57
CA ILE A 69 4.47 1.70 0.66
C ILE A 69 3.93 2.86 1.49
N GLU A 70 4.69 3.95 1.58
CA GLU A 70 4.30 5.13 2.33
C GLU A 70 3.04 5.73 1.70
N SER A 71 2.96 5.73 0.38
CA SER A 71 1.83 6.29 -0.34
C SER A 71 0.56 5.52 -0.01
N VAL A 72 0.61 4.18 -0.02
CA VAL A 72 -0.55 3.36 0.26
C VAL A 72 -0.87 3.30 1.77
N GLN A 73 0.12 3.33 2.67
CA GLN A 73 -0.16 3.31 4.11
C GLN A 73 -0.78 4.64 4.52
N LYS A 74 -0.41 5.75 3.85
CA LYS A 74 -0.93 7.10 4.10
C LYS A 74 -2.44 7.10 3.92
N GLU A 75 -2.97 6.21 3.08
CA GLU A 75 -4.41 6.10 2.85
C GLU A 75 -5.05 5.40 4.06
N LEU A 76 -4.48 4.27 4.47
CA LEU A 76 -4.99 3.46 5.57
C LEU A 76 -4.94 4.12 6.94
N GLU A 77 -3.93 4.94 7.22
CA GLU A 77 -3.80 5.57 8.53
C GLU A 77 -4.85 6.62 8.87
N ASN A 78 -5.66 7.02 7.89
CA ASN A 78 -6.75 7.97 8.06
C ASN A 78 -8.09 7.27 7.83
N LEU A 79 -8.08 5.98 7.49
CA LEU A 79 -9.34 5.24 7.27
C LEU A 79 -9.89 4.81 8.63
N SER A 80 -11.22 4.57 8.68
CA SER A 80 -11.99 4.14 9.85
C SER A 80 -12.00 2.62 9.98
N GLU A 81 -12.51 2.06 11.09
CA GLU A 81 -12.53 0.61 11.27
C GLU A 81 -13.42 0.03 10.17
N GLU A 82 -14.59 0.59 9.93
CA GLU A 82 -15.51 0.07 8.92
C GLU A 82 -14.85 -0.11 7.56
N GLU A 83 -13.84 0.71 7.27
CA GLU A 83 -13.10 0.62 6.04
C GLU A 83 -12.04 -0.48 6.12
N LEU A 84 -11.19 -0.44 7.16
CA LEU A 84 -10.08 -1.37 7.38
C LEU A 84 -10.48 -2.75 7.92
N LEU A 85 -11.21 -2.75 9.03
CA LEU A 85 -11.75 -3.88 9.75
C LEU A 85 -12.55 -4.70 8.75
N ALA A 86 -13.32 -4.05 7.88
CA ALA A 86 -14.10 -4.79 6.92
C ALA A 86 -13.22 -5.54 5.91
N MET A 87 -12.00 -5.06 5.63
CA MET A 87 -11.10 -5.70 4.65
C MET A 87 -10.46 -6.95 5.24
N LEU A 88 -9.77 -6.83 6.37
CA LEU A 88 -9.09 -7.90 7.09
C LEU A 88 -10.07 -8.95 7.59
N ASN A 89 -11.32 -8.54 7.82
CA ASN A 89 -12.36 -9.45 8.29
C ASN A 89 -13.18 -10.01 7.12
N GLY A 90 -13.11 -9.34 5.98
CA GLY A 90 -13.80 -9.67 4.75
C GLY A 90 -15.29 -9.63 5.02
N ASP A 91 -15.79 -8.48 5.48
CA ASP A 91 -17.20 -8.27 5.81
C ASP A 91 -17.64 -6.85 5.49
N GLN A 92 -18.68 -6.35 6.16
CA GLN A 92 -19.24 -5.02 5.99
C GLN A 92 -19.52 -4.36 7.35
N GLN A 93 -18.71 -4.66 8.36
CA GLN A 93 -18.84 -4.12 9.71
C GLN A 93 -17.98 -2.87 9.84
N MET A 1 -9.57 -2.55 28.29
CA MET A 1 -11.04 -2.61 28.39
C MET A 1 -11.65 -1.28 28.89
N ASN A 2 -11.22 -0.12 28.37
CA ASN A 2 -11.74 1.19 28.79
C ASN A 2 -11.92 2.15 27.61
N ILE A 3 -11.86 1.64 26.37
CA ILE A 3 -12.00 2.46 25.16
C ILE A 3 -12.53 1.65 23.99
N ASN A 4 -12.80 2.33 22.88
CA ASN A 4 -13.33 1.74 21.65
C ASN A 4 -12.76 2.50 20.46
N GLU A 5 -12.91 3.82 20.39
CA GLU A 5 -12.41 4.64 19.28
C GLU A 5 -10.89 4.52 19.13
N GLN A 6 -10.19 4.41 20.26
CA GLN A 6 -8.74 4.24 20.22
C GLN A 6 -8.41 2.81 19.81
N THR A 7 -9.25 1.82 20.14
CA THR A 7 -8.96 0.46 19.74
C THR A 7 -9.07 0.28 18.23
N LEU A 8 -9.97 0.98 17.53
CA LEU A 8 -10.13 0.88 16.08
C LEU A 8 -8.77 1.14 15.43
N ASP A 9 -7.90 1.94 16.06
CA ASP A 9 -6.56 2.29 15.56
C ASP A 9 -5.76 1.02 15.25
N LYS A 10 -5.79 0.02 16.14
CA LYS A 10 -5.05 -1.23 15.90
C LYS A 10 -5.70 -2.03 14.77
N LEU A 11 -7.00 -1.87 14.58
CA LEU A 11 -7.77 -2.56 13.56
C LEU A 11 -7.48 -1.91 12.21
N ARG A 12 -7.63 -0.59 12.06
CA ARG A 12 -7.38 0.09 10.78
C ARG A 12 -6.00 -0.16 10.28
N GLN A 13 -5.00 -0.11 11.14
CA GLN A 13 -3.63 -0.37 10.72
C GLN A 13 -3.49 -1.81 10.20
N ALA A 14 -4.25 -2.77 10.71
CA ALA A 14 -4.20 -4.16 10.24
C ALA A 14 -4.80 -4.22 8.83
N VAL A 15 -5.89 -3.47 8.59
CA VAL A 15 -6.57 -3.42 7.30
C VAL A 15 -5.69 -2.64 6.30
N LEU A 16 -4.97 -1.61 6.76
CA LEU A 16 -4.10 -0.84 5.87
C LEU A 16 -2.92 -1.74 5.46
N GLN A 17 -2.38 -2.57 6.36
CA GLN A 17 -1.26 -3.46 6.04
C GLN A 17 -1.56 -4.39 4.86
N LYS A 18 -2.71 -5.10 4.85
CA LYS A 18 -3.01 -5.98 3.71
C LYS A 18 -3.23 -5.15 2.44
N LYS A 19 -3.89 -3.98 2.56
CA LYS A 19 -4.15 -3.11 1.42
C LYS A 19 -2.86 -2.75 0.70
N ILE A 20 -1.70 -2.69 1.37
CA ILE A 20 -0.45 -2.35 0.69
C ILE A 20 -0.15 -3.41 -0.38
N LYS A 21 -0.33 -4.70 -0.06
CA LYS A 21 -0.10 -5.81 -0.99
C LYS A 21 -1.09 -5.74 -2.15
N GLU A 22 -2.27 -5.19 -1.91
CA GLU A 22 -3.32 -5.09 -2.90
C GLU A 22 -3.01 -3.94 -3.84
N ARG A 23 -2.69 -2.74 -3.33
CA ARG A 23 -2.38 -1.58 -4.17
C ARG A 23 -1.13 -1.77 -5.00
N ILE A 24 -0.16 -2.54 -4.51
CA ILE A 24 1.07 -2.80 -5.25
C ILE A 24 0.81 -3.83 -6.34
N GLN A 25 0.12 -4.94 -6.03
CA GLN A 25 -0.13 -5.99 -7.02
C GLN A 25 -1.18 -5.60 -8.06
N ASN A 26 -2.31 -5.06 -7.61
CA ASN A 26 -3.38 -4.68 -8.52
C ASN A 26 -2.99 -3.36 -9.19
N SER A 27 -2.61 -2.35 -8.41
CA SER A 27 -2.23 -1.01 -8.86
C SER A 27 -3.23 -0.46 -9.90
N LEU A 28 -4.51 -0.83 -9.78
CA LEU A 28 -5.58 -0.45 -10.69
C LEU A 28 -6.86 -0.03 -9.96
N SER A 29 -7.91 0.22 -10.73
CA SER A 29 -9.22 0.65 -10.29
C SER A 29 -10.36 -0.30 -10.69
N THR A 30 -10.37 -0.79 -11.93
CA THR A 30 -11.42 -1.67 -12.42
C THR A 30 -10.90 -2.61 -13.53
N GLU A 31 -9.62 -2.98 -13.47
CA GLU A 31 -9.00 -3.86 -14.47
C GLU A 31 -9.03 -3.21 -15.87
N LYS A 32 -8.93 -1.88 -15.91
CA LYS A 32 -8.94 -1.10 -17.15
C LYS A 32 -7.63 -1.31 -17.91
N TYR A 33 -7.53 -0.82 -19.15
CA TYR A 33 -6.33 -0.95 -19.95
C TYR A 33 -5.22 -0.01 -19.46
N GLY A 34 -4.08 -0.01 -20.15
CA GLY A 34 -2.89 0.78 -19.91
C GLY A 34 -1.78 0.33 -20.85
N SER A 35 -0.82 1.20 -21.17
CA SER A 35 0.32 0.93 -22.05
C SER A 35 1.26 2.13 -22.08
N GLY A 36 2.57 1.87 -22.03
CA GLY A 36 3.67 2.83 -22.06
C GLY A 36 4.76 2.29 -23.00
N SER A 37 5.80 3.08 -23.31
CA SER A 37 6.91 2.70 -24.18
C SER A 37 8.22 3.19 -23.57
N GLY A 38 9.35 2.67 -24.06
CA GLY A 38 10.69 3.02 -23.60
C GLY A 38 11.33 4.12 -24.43
N SER A 39 12.48 4.64 -23.97
CA SER A 39 13.22 5.69 -24.65
C SER A 39 14.50 5.10 -25.25
N GLY A 40 15.64 5.22 -24.57
CA GLY A 40 16.95 4.74 -24.98
C GLY A 40 18.01 5.41 -24.09
N SER A 41 19.29 5.22 -24.43
CA SER A 41 20.43 5.78 -23.71
C SER A 41 21.47 6.23 -24.73
N GLY A 42 22.52 6.92 -24.30
CA GLY A 42 23.60 7.42 -25.16
C GLY A 42 24.97 6.98 -24.64
N SER A 43 25.99 7.16 -25.46
CA SER A 43 27.38 6.82 -25.16
C SER A 43 28.02 7.87 -24.24
N GLY A 44 29.15 7.51 -23.63
CA GLY A 44 29.91 8.38 -22.74
C GLY A 44 31.28 8.62 -23.34
N SER A 45 31.93 9.72 -22.97
CA SER A 45 33.26 10.09 -23.45
C SER A 45 34.32 9.35 -22.63
N GLY A 46 34.45 8.04 -22.82
CA GLY A 46 35.41 7.21 -22.11
C GLY A 46 35.19 5.74 -22.45
N SER A 47 35.85 4.85 -21.73
CA SER A 47 35.74 3.41 -21.90
C SER A 47 35.80 2.75 -20.52
N GLY A 48 35.40 1.48 -20.43
CA GLY A 48 35.36 0.68 -19.23
C GLY A 48 34.19 -0.29 -19.36
N SER A 49 33.83 -0.98 -18.28
CA SER A 49 32.71 -1.91 -18.28
C SER A 49 32.22 -2.10 -16.85
N GLY A 50 31.04 -2.69 -16.71
CA GLY A 50 30.36 -2.96 -15.44
C GLY A 50 28.85 -3.01 -15.72
N SER A 51 28.10 -3.60 -14.80
CA SER A 51 26.64 -3.75 -14.84
C SER A 51 26.23 -4.33 -13.49
N GLY A 52 24.95 -4.24 -13.11
CA GLY A 52 24.47 -4.79 -11.85
C GLY A 52 23.12 -4.21 -11.44
N SER A 53 22.53 -4.75 -10.38
CA SER A 53 21.26 -4.38 -9.75
C SER A 53 21.11 -5.16 -8.45
N GLY A 54 20.21 -4.70 -7.58
CA GLY A 54 19.89 -5.25 -6.28
C GLY A 54 18.59 -4.61 -5.78
N SER A 55 17.97 -5.20 -4.74
CA SER A 55 16.73 -4.73 -4.13
C SER A 55 16.59 -5.31 -2.72
N GLY A 56 15.58 -4.87 -1.97
CA GLY A 56 15.28 -5.33 -0.62
C GLY A 56 14.20 -4.46 0.03
N SER A 57 13.70 -4.88 1.20
CA SER A 57 12.70 -4.28 2.08
C SER A 57 11.96 -5.36 2.88
N GLY A 58 11.59 -5.02 4.12
CA GLY A 58 10.87 -5.90 5.03
C GLY A 58 9.43 -5.41 5.19
N TYR A 59 9.26 -4.22 5.77
CA TYR A 59 7.97 -3.58 6.00
C TYR A 59 7.59 -2.75 4.77
N GLN A 60 6.52 -1.94 4.87
CA GLN A 60 6.08 -1.09 3.77
C GLN A 60 7.22 -0.16 3.35
N ILE A 61 7.17 0.30 2.10
CA ILE A 61 8.16 1.17 1.51
C ILE A 61 7.65 2.61 1.66
N GLU A 62 8.15 3.28 2.68
CA GLU A 62 7.83 4.66 3.04
C GLU A 62 8.32 5.68 2.01
N THR A 63 9.08 5.23 1.02
CA THR A 63 9.64 6.05 -0.04
C THR A 63 9.28 5.41 -1.39
N PHE A 64 7.99 5.21 -1.65
CA PHE A 64 7.51 4.62 -2.90
C PHE A 64 6.04 4.94 -3.13
N PHE A 65 5.16 4.43 -2.27
CA PHE A 65 3.71 4.61 -2.34
C PHE A 65 3.14 5.36 -1.13
N ALA A 66 4.00 5.96 -0.30
CA ALA A 66 3.60 6.67 0.92
C ALA A 66 2.48 7.69 0.71
N GLN A 67 2.39 8.32 -0.47
CA GLN A 67 1.33 9.31 -0.72
C GLN A 67 -0.02 8.64 -0.91
N ASP A 68 -0.03 7.43 -1.47
CA ASP A 68 -1.28 6.69 -1.66
C ASP A 68 -1.68 6.02 -0.35
N ILE A 69 -0.68 5.61 0.43
CA ILE A 69 -0.79 4.95 1.71
C ILE A 69 -1.60 5.80 2.66
N GLU A 70 -1.31 7.10 2.72
CA GLU A 70 -2.02 7.99 3.60
C GLU A 70 -3.47 8.11 3.16
N SER A 71 -3.72 8.09 1.86
CA SER A 71 -5.06 8.23 1.32
C SER A 71 -5.91 6.99 1.62
N VAL A 72 -5.36 5.79 1.41
CA VAL A 72 -6.10 4.57 1.66
C VAL A 72 -6.30 4.41 3.16
N GLN A 73 -5.30 4.71 4.00
CA GLN A 73 -5.48 4.59 5.43
C GLN A 73 -6.44 5.67 5.95
N LYS A 74 -6.49 6.85 5.31
CA LYS A 74 -7.39 7.96 5.66
C LYS A 74 -8.84 7.47 5.56
N GLU A 75 -9.11 6.49 4.70
CA GLU A 75 -10.44 5.92 4.52
C GLU A 75 -10.78 5.01 5.72
N LEU A 76 -9.79 4.30 6.28
CA LEU A 76 -9.91 3.37 7.40
C LEU A 76 -9.96 4.00 8.79
N GLU A 77 -9.25 5.10 9.04
CA GLU A 77 -9.22 5.77 10.34
C GLU A 77 -10.59 6.20 10.84
N ASN A 78 -11.59 6.34 9.95
CA ASN A 78 -12.92 6.74 10.34
C ASN A 78 -13.90 5.55 10.36
N LEU A 79 -13.44 4.34 10.01
CA LEU A 79 -14.31 3.17 10.03
C LEU A 79 -14.37 2.56 11.44
N SER A 80 -15.42 1.80 11.74
CA SER A 80 -15.67 1.13 13.02
C SER A 80 -14.99 -0.24 13.05
N GLU A 81 -14.94 -0.91 14.22
CA GLU A 81 -14.30 -2.22 14.32
C GLU A 81 -15.01 -3.16 13.38
N GLU A 82 -16.33 -3.21 13.41
CA GLU A 82 -17.12 -4.12 12.59
C GLU A 82 -16.76 -4.02 11.11
N GLU A 83 -16.30 -2.85 10.65
CA GLU A 83 -15.89 -2.64 9.28
C GLU A 83 -14.47 -3.17 9.05
N LEU A 84 -13.53 -2.75 9.91
CA LEU A 84 -12.11 -3.07 9.85
C LEU A 84 -11.75 -4.47 10.32
N LEU A 85 -12.20 -4.79 11.53
CA LEU A 85 -12.05 -6.05 12.24
C LEU A 85 -12.57 -7.11 11.30
N ALA A 86 -13.68 -6.86 10.60
CA ALA A 86 -14.22 -7.87 9.69
C ALA A 86 -13.28 -8.16 8.51
N MET A 87 -12.45 -7.21 8.08
CA MET A 87 -11.55 -7.38 6.92
C MET A 87 -10.30 -8.17 7.32
N LEU A 88 -9.61 -7.68 8.34
CA LEU A 88 -8.41 -8.29 8.87
C LEU A 88 -8.71 -9.66 9.44
N ASN A 89 -9.87 -9.85 10.07
CA ASN A 89 -10.24 -11.14 10.64
C ASN A 89 -10.75 -12.09 9.57
N GLY A 90 -11.29 -11.52 8.49
CA GLY A 90 -11.83 -12.26 7.36
C GLY A 90 -13.23 -12.77 7.60
N ASP A 91 -14.10 -11.93 8.17
CA ASP A 91 -15.50 -12.13 8.52
C ASP A 91 -15.80 -13.55 9.02
N GLN A 92 -15.26 -13.89 10.19
CA GLN A 92 -15.41 -15.19 10.82
C GLN A 92 -15.40 -15.13 12.35
N GLN A 93 -15.88 -14.03 12.92
CA GLN A 93 -15.98 -13.75 14.32
C GLN A 93 -17.42 -14.00 14.71
N MET A 1 -16.18 -1.07 29.10
CA MET A 1 -15.34 -0.24 29.98
C MET A 1 -14.12 0.24 29.22
N ASN A 2 -13.25 -0.69 28.83
CA ASN A 2 -12.04 -0.36 28.14
C ASN A 2 -12.37 0.29 26.79
N ILE A 3 -11.53 1.23 26.37
CA ILE A 3 -11.73 1.93 25.10
C ILE A 3 -11.76 0.96 23.93
N ASN A 4 -12.42 1.37 22.85
CA ASN A 4 -12.58 0.62 21.61
C ASN A 4 -12.30 1.54 20.42
N GLU A 5 -12.67 2.83 20.51
CA GLU A 5 -12.43 3.83 19.47
C GLU A 5 -10.94 3.95 19.17
N GLN A 6 -10.14 3.86 20.23
CA GLN A 6 -8.69 3.92 20.10
C GLN A 6 -8.17 2.58 19.59
N THR A 7 -8.76 1.45 20.02
CA THR A 7 -8.38 0.11 19.60
C THR A 7 -8.49 -0.08 18.10
N LEU A 8 -9.40 0.60 17.40
CA LEU A 8 -9.55 0.50 15.95
C LEU A 8 -8.18 0.75 15.33
N ASP A 9 -7.28 1.54 15.95
CA ASP A 9 -5.94 1.84 15.48
C ASP A 9 -5.19 0.55 15.14
N LYS A 10 -5.16 -0.43 16.05
CA LYS A 10 -4.44 -1.67 15.77
C LYS A 10 -5.05 -2.42 14.59
N LEU A 11 -6.35 -2.26 14.39
CA LEU A 11 -7.11 -2.88 13.33
C LEU A 11 -6.82 -2.16 12.00
N ARG A 12 -6.99 -0.84 11.91
CA ARG A 12 -6.76 -0.08 10.68
C ARG A 12 -5.33 -0.20 10.20
N GLN A 13 -4.35 -0.12 11.11
CA GLN A 13 -2.95 -0.26 10.80
C GLN A 13 -2.65 -1.66 10.24
N ALA A 14 -3.42 -2.69 10.65
CA ALA A 14 -3.26 -4.06 10.17
C ALA A 14 -3.83 -4.15 8.76
N VAL A 15 -5.02 -3.57 8.55
CA VAL A 15 -5.66 -3.59 7.24
C VAL A 15 -4.80 -2.80 6.24
N LEU A 16 -4.31 -1.61 6.59
CA LEU A 16 -3.49 -0.81 5.69
C LEU A 16 -2.24 -1.58 5.28
N GLN A 17 -1.68 -2.43 6.15
CA GLN A 17 -0.50 -3.22 5.82
C GLN A 17 -0.80 -4.14 4.64
N LYS A 18 -1.95 -4.85 4.60
CA LYS A 18 -2.19 -5.69 3.43
C LYS A 18 -2.41 -4.83 2.19
N LYS A 19 -3.08 -3.67 2.33
CA LYS A 19 -3.36 -2.76 1.23
C LYS A 19 -2.09 -2.33 0.54
N ILE A 20 -0.95 -2.18 1.23
CA ILE A 20 0.31 -1.79 0.59
C ILE A 20 0.66 -2.87 -0.44
N LYS A 21 0.60 -4.13 -0.03
CA LYS A 21 0.89 -5.29 -0.87
C LYS A 21 -0.10 -5.36 -2.02
N GLU A 22 -1.32 -4.86 -1.85
CA GLU A 22 -2.32 -4.90 -2.89
C GLU A 22 -1.97 -3.85 -3.94
N ARG A 23 -1.71 -2.60 -3.55
CA ARG A 23 -1.37 -1.58 -4.55
C ARG A 23 -0.08 -1.92 -5.27
N ILE A 24 0.95 -2.38 -4.57
CA ILE A 24 2.22 -2.70 -5.22
C ILE A 24 2.09 -3.92 -6.14
N GLN A 25 1.42 -5.00 -5.70
CA GLN A 25 1.32 -6.20 -6.52
C GLN A 25 0.32 -6.06 -7.67
N ASN A 26 -0.89 -5.56 -7.39
CA ASN A 26 -1.92 -5.41 -8.40
C ASN A 26 -1.49 -4.28 -9.32
N SER A 27 -1.13 -3.12 -8.76
CA SER A 27 -0.69 -1.92 -9.50
C SER A 27 -1.60 -1.66 -10.69
N LEU A 28 -2.90 -1.66 -10.43
CA LEU A 28 -3.94 -1.48 -11.43
C LEU A 28 -5.17 -0.81 -10.83
N SER A 29 -6.18 -0.73 -11.67
CA SER A 29 -7.48 -0.16 -11.42
C SER A 29 -8.60 -1.15 -11.71
N THR A 30 -8.53 -1.82 -12.87
CA THR A 30 -9.54 -2.81 -13.29
C THR A 30 -8.91 -3.83 -14.26
N GLU A 31 -7.63 -4.14 -14.07
CA GLU A 31 -6.90 -5.07 -14.94
C GLU A 31 -6.75 -4.47 -16.36
N LYS A 32 -6.65 -3.14 -16.45
CA LYS A 32 -6.47 -2.47 -17.74
C LYS A 32 -5.02 -2.75 -18.20
N TYR A 33 -4.69 -2.47 -19.46
CA TYR A 33 -3.34 -2.68 -19.97
C TYR A 33 -2.41 -1.65 -19.34
N GLY A 34 -2.78 -0.37 -19.45
CA GLY A 34 -2.05 0.77 -18.93
C GLY A 34 -0.56 0.75 -19.21
N SER A 35 -0.15 0.88 -20.47
CA SER A 35 1.26 0.91 -20.89
C SER A 35 1.50 2.19 -21.67
N GLY A 36 2.69 2.33 -22.28
CA GLY A 36 3.09 3.47 -23.08
C GLY A 36 4.40 4.06 -22.58
N SER A 37 5.52 3.66 -23.19
CA SER A 37 6.87 4.14 -22.87
C SER A 37 7.68 4.21 -24.18
N GLY A 38 8.83 4.89 -24.17
CA GLY A 38 9.70 5.05 -25.33
C GLY A 38 10.70 6.16 -25.06
N SER A 39 11.96 5.83 -24.75
CA SER A 39 12.99 6.83 -24.47
C SER A 39 14.39 6.31 -24.84
N GLY A 40 15.43 7.15 -24.72
CA GLY A 40 16.79 6.76 -25.04
C GLY A 40 17.81 7.66 -24.35
N SER A 41 17.90 8.93 -24.76
CA SER A 41 18.81 9.95 -24.22
C SER A 41 20.31 9.67 -24.45
N GLY A 42 20.70 8.65 -25.21
CA GLY A 42 22.10 8.36 -25.47
C GLY A 42 22.23 7.49 -26.71
N SER A 43 23.44 7.39 -27.24
CA SER A 43 23.76 6.61 -28.44
C SER A 43 24.84 5.55 -28.21
N GLY A 44 25.66 5.69 -27.16
CA GLY A 44 26.72 4.75 -26.84
C GLY A 44 27.89 5.55 -26.28
N SER A 45 27.94 5.72 -24.96
CA SER A 45 29.00 6.47 -24.30
C SER A 45 29.24 5.84 -22.93
N GLY A 46 30.07 4.80 -22.89
CA GLY A 46 30.40 4.06 -21.68
C GLY A 46 31.01 2.71 -22.07
N SER A 47 31.19 1.84 -21.09
CA SER A 47 31.74 0.51 -21.27
C SER A 47 31.16 -0.31 -20.11
N GLY A 48 31.86 -0.40 -18.98
CA GLY A 48 31.36 -1.11 -17.82
C GLY A 48 30.18 -0.33 -17.25
N SER A 49 29.28 -1.03 -16.57
CA SER A 49 28.09 -0.46 -15.94
C SER A 49 27.69 -1.34 -14.76
N GLY A 50 26.59 -1.03 -14.09
CA GLY A 50 26.08 -1.79 -12.96
C GLY A 50 24.57 -1.64 -12.85
N SER A 51 23.93 -2.49 -12.06
CA SER A 51 22.49 -2.47 -11.83
C SER A 51 22.21 -3.24 -10.53
N GLY A 52 20.98 -3.15 -10.04
CA GLY A 52 20.52 -3.81 -8.83
C GLY A 52 19.03 -3.53 -8.64
N SER A 53 18.37 -4.32 -7.79
CA SER A 53 16.96 -4.19 -7.48
C SER A 53 16.79 -4.64 -6.01
N GLY A 54 15.56 -4.73 -5.52
CA GLY A 54 15.21 -5.13 -4.18
C GLY A 54 13.75 -5.59 -4.15
N SER A 55 13.31 -6.13 -3.01
CA SER A 55 11.99 -6.64 -2.69
C SER A 55 12.03 -7.24 -1.28
N GLY A 56 10.91 -7.77 -0.79
CA GLY A 56 10.81 -8.38 0.52
C GLY A 56 9.42 -8.17 1.11
N SER A 57 9.29 -8.45 2.40
CA SER A 57 8.07 -8.31 3.19
C SER A 57 8.38 -7.29 4.28
N GLY A 58 7.34 -6.64 4.82
CA GLY A 58 7.46 -5.62 5.86
C GLY A 58 8.23 -4.41 5.33
N TYR A 59 8.50 -3.44 6.22
CA TYR A 59 9.23 -2.20 5.94
C TYR A 59 8.72 -1.50 4.69
N GLN A 60 7.66 -0.68 4.86
CA GLN A 60 7.06 0.08 3.78
C GLN A 60 8.07 1.02 3.13
N ILE A 61 7.79 1.40 1.88
CA ILE A 61 8.65 2.28 1.08
C ILE A 61 8.11 3.69 1.20
N GLU A 62 8.62 4.39 2.21
CA GLU A 62 8.28 5.76 2.56
C GLU A 62 8.75 6.80 1.50
N THR A 63 9.50 6.35 0.50
CA THR A 63 10.02 7.16 -0.58
C THR A 63 9.54 6.65 -1.94
N PHE A 64 8.25 6.26 -2.01
CA PHE A 64 7.60 5.77 -3.21
C PHE A 64 6.10 6.07 -3.17
N PHE A 65 5.42 5.56 -2.14
CA PHE A 65 3.97 5.75 -1.95
C PHE A 65 3.63 6.40 -0.62
N ALA A 66 4.58 7.02 0.08
CA ALA A 66 4.29 7.67 1.36
C ALA A 66 3.13 8.66 1.29
N GLN A 67 2.99 9.34 0.16
CA GLN A 67 1.93 10.33 -0.04
C GLN A 67 0.59 9.65 -0.30
N ASP A 68 0.62 8.43 -0.83
CA ASP A 68 -0.57 7.63 -1.12
C ASP A 68 -1.07 6.98 0.15
N ILE A 69 -0.15 6.54 0.99
CA ILE A 69 -0.38 5.87 2.26
C ILE A 69 -1.30 6.68 3.16
N GLU A 70 -1.05 7.99 3.27
CA GLU A 70 -1.85 8.88 4.10
C GLU A 70 -3.28 8.96 3.56
N SER A 71 -3.41 8.95 2.24
CA SER A 71 -4.70 9.03 1.57
C SER A 71 -5.50 7.76 1.79
N VAL A 72 -4.89 6.59 1.59
CA VAL A 72 -5.58 5.33 1.76
C VAL A 72 -5.82 5.03 3.25
N GLN A 73 -4.91 5.41 4.16
CA GLN A 73 -5.14 5.17 5.59
C GLN A 73 -6.22 6.10 6.11
N LYS A 74 -6.37 7.31 5.56
CA LYS A 74 -7.37 8.29 5.96
C LYS A 74 -8.78 7.71 5.89
N GLU A 75 -8.99 6.73 5.01
CA GLU A 75 -10.31 6.10 4.89
C GLU A 75 -10.51 5.11 6.05
N LEU A 76 -9.49 4.33 6.40
CA LEU A 76 -9.54 3.33 7.45
C LEU A 76 -9.58 3.88 8.87
N GLU A 77 -8.96 5.02 9.12
CA GLU A 77 -8.95 5.62 10.46
C GLU A 77 -10.35 5.98 10.96
N ASN A 78 -11.35 6.04 10.07
CA ASN A 78 -12.73 6.36 10.44
C ASN A 78 -13.60 5.11 10.41
N LEU A 79 -13.06 3.94 10.03
CA LEU A 79 -13.87 2.71 10.00
C LEU A 79 -13.86 2.02 11.36
N SER A 80 -14.90 1.24 11.64
CA SER A 80 -15.09 0.47 12.86
C SER A 80 -14.33 -0.85 12.78
N GLU A 81 -14.21 -1.57 13.89
CA GLU A 81 -13.52 -2.86 13.88
C GLU A 81 -14.26 -3.78 12.94
N GLU A 82 -15.58 -3.81 12.96
CA GLU A 82 -16.38 -4.70 12.13
C GLU A 82 -16.00 -4.55 10.66
N GLU A 83 -15.55 -3.35 10.27
CA GLU A 83 -15.13 -3.08 8.93
C GLU A 83 -13.69 -3.56 8.70
N LEU A 84 -12.76 -3.11 9.56
CA LEU A 84 -11.31 -3.40 9.50
C LEU A 84 -10.90 -4.79 9.95
N LEU A 85 -11.33 -5.15 11.16
CA LEU A 85 -11.11 -6.40 11.85
C LEU A 85 -11.61 -7.50 10.92
N ALA A 86 -12.72 -7.29 10.23
CA ALA A 86 -13.23 -8.31 9.35
C ALA A 86 -12.34 -8.50 8.11
N MET A 87 -11.60 -7.48 7.66
CA MET A 87 -10.75 -7.56 6.47
C MET A 87 -9.52 -8.39 6.79
N LEU A 88 -8.80 -7.97 7.84
CA LEU A 88 -7.60 -8.63 8.29
C LEU A 88 -7.91 -10.05 8.75
N ASN A 89 -9.05 -10.25 9.42
CA ASN A 89 -9.41 -11.59 9.90
C ASN A 89 -9.96 -12.45 8.75
N GLY A 90 -10.52 -11.79 7.74
CA GLY A 90 -11.12 -12.39 6.57
C GLY A 90 -12.52 -12.95 6.85
N ASP A 91 -13.19 -12.44 7.88
CA ASP A 91 -14.53 -12.85 8.31
C ASP A 91 -15.50 -11.68 8.12
N GLN A 92 -16.69 -11.74 8.74
CA GLN A 92 -17.70 -10.69 8.66
C GLN A 92 -18.41 -10.46 9.99
N GLN A 93 -17.74 -10.78 11.09
CA GLN A 93 -18.19 -10.64 12.47
C GLN A 93 -16.96 -10.68 13.36
N MET A 1 -14.64 0.71 30.90
CA MET A 1 -14.86 -0.60 30.27
C MET A 1 -13.70 -0.93 29.35
N ASN A 2 -13.76 -2.06 28.64
CA ASN A 2 -12.70 -2.43 27.71
C ASN A 2 -12.90 -1.47 26.55
N ILE A 3 -11.94 -0.59 26.30
CA ILE A 3 -12.04 0.36 25.21
C ILE A 3 -12.16 -0.38 23.88
N ASN A 4 -12.70 0.27 22.87
CA ASN A 4 -12.91 -0.27 21.55
C ASN A 4 -12.47 0.74 20.50
N GLU A 5 -12.77 2.03 20.66
CA GLU A 5 -12.39 3.10 19.72
C GLU A 5 -10.85 3.13 19.62
N GLN A 6 -10.20 2.95 20.76
CA GLN A 6 -8.74 2.93 20.87
C GLN A 6 -8.19 1.59 20.36
N THR A 7 -8.98 0.51 20.41
CA THR A 7 -8.57 -0.80 19.91
C THR A 7 -8.62 -0.83 18.39
N LEU A 8 -9.46 -0.05 17.71
CA LEU A 8 -9.55 -0.02 16.26
C LEU A 8 -8.15 0.22 15.71
N ASP A 9 -7.27 0.91 16.42
CA ASP A 9 -5.89 1.21 16.02
C ASP A 9 -5.15 -0.06 15.61
N LYS A 10 -5.20 -1.14 16.40
CA LYS A 10 -4.50 -2.37 16.01
C LYS A 10 -5.12 -2.98 14.76
N LEU A 11 -6.42 -2.76 14.54
CA LEU A 11 -7.17 -3.25 13.40
C LEU A 11 -6.84 -2.43 12.16
N ARG A 12 -6.95 -1.10 12.20
CA ARG A 12 -6.69 -0.23 11.07
C ARG A 12 -5.28 -0.37 10.55
N GLN A 13 -4.31 -0.48 11.45
CA GLN A 13 -2.92 -0.63 11.04
C GLN A 13 -2.76 -1.99 10.33
N ALA A 14 -3.53 -3.02 10.69
CA ALA A 14 -3.47 -4.33 10.06
C ALA A 14 -4.09 -4.23 8.66
N VAL A 15 -5.23 -3.56 8.53
CA VAL A 15 -5.89 -3.41 7.23
C VAL A 15 -5.00 -2.56 6.33
N LEU A 16 -4.49 -1.42 6.81
CA LEU A 16 -3.61 -0.58 5.97
C LEU A 16 -2.39 -1.37 5.50
N GLN A 17 -1.82 -2.24 6.34
CA GLN A 17 -0.67 -3.06 5.95
C GLN A 17 -1.01 -3.89 4.71
N LYS A 18 -2.15 -4.60 4.69
CA LYS A 18 -2.48 -5.40 3.51
C LYS A 18 -2.70 -4.50 2.28
N LYS A 19 -3.33 -3.33 2.46
CA LYS A 19 -3.63 -2.39 1.39
C LYS A 19 -2.38 -1.99 0.64
N ILE A 20 -1.22 -1.91 1.29
CA ILE A 20 0.02 -1.52 0.61
C ILE A 20 0.39 -2.61 -0.41
N LYS A 21 0.16 -3.90 -0.08
CA LYS A 21 0.44 -5.03 -0.96
C LYS A 21 -0.58 -5.11 -2.08
N GLU A 22 -1.82 -4.65 -1.82
CA GLU A 22 -2.88 -4.69 -2.79
C GLU A 22 -2.60 -3.64 -3.86
N ARG A 23 -2.30 -2.39 -3.48
CA ARG A 23 -2.02 -1.33 -4.46
C ARG A 23 -0.81 -1.64 -5.33
N ILE A 24 0.22 -2.27 -4.80
CA ILE A 24 1.42 -2.61 -5.59
C ILE A 24 1.15 -3.81 -6.48
N GLN A 25 0.46 -4.85 -5.99
CA GLN A 25 0.20 -6.06 -6.78
C GLN A 25 -0.86 -5.84 -7.84
N ASN A 26 -1.99 -5.22 -7.47
CA ASN A 26 -3.06 -4.98 -8.43
C ASN A 26 -2.65 -3.80 -9.30
N SER A 27 -2.27 -2.67 -8.68
CA SER A 27 -1.86 -1.45 -9.37
C SER A 27 -2.83 -1.11 -10.52
N LEU A 28 -4.13 -1.27 -10.27
CA LEU A 28 -5.20 -1.05 -11.23
C LEU A 28 -6.46 -0.54 -10.55
N SER A 29 -7.52 -0.39 -11.33
CA SER A 29 -8.83 0.06 -10.90
C SER A 29 -9.87 -1.05 -11.03
N THR A 30 -9.98 -1.68 -12.20
CA THR A 30 -10.97 -2.73 -12.45
C THR A 30 -10.46 -3.65 -13.57
N GLU A 31 -9.15 -3.92 -13.59
CA GLU A 31 -8.49 -4.77 -14.60
C GLU A 31 -8.55 -4.14 -16.00
N LYS A 32 -8.92 -2.85 -16.09
CA LYS A 32 -9.07 -2.09 -17.31
C LYS A 32 -7.82 -2.19 -18.17
N TYR A 33 -6.70 -1.61 -17.75
CA TYR A 33 -5.43 -1.66 -18.48
C TYR A 33 -4.29 -1.18 -17.58
N GLY A 34 -3.05 -1.41 -18.00
CA GLY A 34 -1.82 -1.04 -17.31
C GLY A 34 -0.63 -1.39 -18.22
N SER A 35 0.46 -0.60 -18.17
CA SER A 35 1.69 -0.78 -18.96
C SER A 35 2.81 0.10 -18.39
N GLY A 36 4.00 0.02 -18.98
CA GLY A 36 5.17 0.80 -18.59
C GLY A 36 6.32 0.52 -19.54
N SER A 37 7.31 1.42 -19.58
CA SER A 37 8.51 1.40 -20.41
C SER A 37 9.43 2.52 -19.94
N GLY A 38 10.61 2.66 -20.54
CA GLY A 38 11.58 3.68 -20.20
C GLY A 38 12.98 3.23 -20.55
N SER A 39 13.55 3.76 -21.63
CA SER A 39 14.88 3.44 -22.12
C SER A 39 15.53 4.70 -22.68
N GLY A 40 16.82 4.64 -23.00
CA GLY A 40 17.61 5.73 -23.56
C GLY A 40 18.88 6.05 -22.77
N SER A 41 18.86 5.92 -21.44
CA SER A 41 20.02 6.22 -20.58
C SER A 41 21.18 5.21 -20.71
N GLY A 42 21.23 4.40 -21.76
CA GLY A 42 22.25 3.42 -22.04
C GLY A 42 23.10 3.97 -23.18
N SER A 43 24.05 4.84 -22.87
CA SER A 43 24.96 5.46 -23.83
C SER A 43 26.31 5.69 -23.14
N GLY A 44 27.36 5.91 -23.91
CA GLY A 44 28.71 6.15 -23.41
C GLY A 44 29.67 6.26 -24.59
N SER A 45 30.94 6.56 -24.31
CA SER A 45 32.00 6.68 -25.31
C SER A 45 32.51 5.27 -25.65
N GLY A 46 31.64 4.42 -26.20
CA GLY A 46 31.94 3.05 -26.56
C GLY A 46 30.86 2.16 -25.98
N SER A 47 31.17 0.89 -25.77
CA SER A 47 30.24 -0.09 -25.22
C SER A 47 30.38 -0.17 -23.70
N GLY A 48 29.29 -0.53 -23.01
CA GLY A 48 29.27 -0.67 -21.56
C GLY A 48 29.85 -2.03 -21.20
N SER A 49 31.01 -2.04 -20.55
CA SER A 49 31.71 -3.25 -20.12
C SER A 49 31.08 -3.93 -18.88
N GLY A 50 29.96 -3.41 -18.37
CA GLY A 50 29.25 -3.94 -17.22
C GLY A 50 27.84 -3.36 -17.18
N SER A 51 27.00 -3.90 -16.31
CA SER A 51 25.61 -3.51 -16.13
C SER A 51 25.34 -3.03 -14.69
N GLY A 52 24.12 -2.56 -14.44
CA GLY A 52 23.68 -2.08 -13.14
C GLY A 52 22.95 -3.19 -12.39
N SER A 53 22.70 -2.97 -11.10
CA SER A 53 22.01 -3.93 -10.24
C SER A 53 21.11 -3.18 -9.27
N GLY A 54 19.95 -3.74 -8.96
CA GLY A 54 18.98 -3.18 -8.04
C GLY A 54 19.12 -3.86 -6.69
N SER A 55 18.41 -3.35 -5.67
CA SER A 55 18.41 -3.85 -4.31
C SER A 55 17.05 -3.46 -3.66
N GLY A 56 16.88 -3.78 -2.38
CA GLY A 56 15.70 -3.49 -1.58
C GLY A 56 16.11 -2.87 -0.25
N SER A 57 15.15 -2.63 0.65
CA SER A 57 15.40 -2.02 1.95
C SER A 57 14.80 -2.89 3.07
N GLY A 58 13.57 -2.65 3.53
CA GLY A 58 12.98 -3.45 4.59
C GLY A 58 11.53 -3.09 4.86
N TYR A 59 11.30 -1.97 5.53
CA TYR A 59 9.98 -1.47 5.89
C TYR A 59 9.25 -0.89 4.67
N GLN A 60 8.21 -0.06 4.87
CA GLN A 60 7.44 0.55 3.79
C GLN A 60 8.29 1.54 2.98
N ILE A 61 7.70 2.14 1.94
CA ILE A 61 8.39 3.06 1.06
C ILE A 61 7.80 4.46 1.22
N GLU A 62 8.41 5.24 2.11
CA GLU A 62 8.04 6.62 2.44
C GLU A 62 8.37 7.56 1.27
N THR A 63 9.09 7.10 0.26
CA THR A 63 9.49 7.86 -0.92
C THR A 63 8.98 7.11 -2.15
N PHE A 64 7.64 6.98 -2.27
CA PHE A 64 6.99 6.32 -3.37
C PHE A 64 5.49 6.64 -3.34
N PHE A 65 4.75 5.98 -2.46
CA PHE A 65 3.30 6.11 -2.28
C PHE A 65 2.89 6.80 -0.98
N ALA A 66 3.82 7.53 -0.34
CA ALA A 66 3.57 8.24 0.91
C ALA A 66 2.32 9.09 0.92
N GLN A 67 1.95 9.68 -0.23
CA GLN A 67 0.76 10.52 -0.30
C GLN A 67 -0.52 9.71 -0.30
N ASP A 68 -0.51 8.55 -0.94
CA ASP A 68 -1.71 7.72 -0.96
C ASP A 68 -1.86 7.02 0.39
N ILE A 69 -0.75 6.74 1.08
CA ILE A 69 -0.73 6.06 2.37
C ILE A 69 -1.61 6.77 3.39
N GLU A 70 -1.50 8.10 3.47
CA GLU A 70 -2.26 8.90 4.41
C GLU A 70 -3.73 8.91 4.00
N SER A 71 -4.01 8.95 2.70
CA SER A 71 -5.38 8.98 2.21
C SER A 71 -6.07 7.65 2.52
N VAL A 72 -5.34 6.56 2.40
CA VAL A 72 -5.81 5.20 2.64
C VAL A 72 -6.02 5.02 4.13
N GLN A 73 -5.04 5.40 4.95
CA GLN A 73 -5.19 5.26 6.38
C GLN A 73 -6.31 6.16 6.91
N LYS A 74 -6.55 7.32 6.28
CA LYS A 74 -7.61 8.25 6.64
C LYS A 74 -8.97 7.56 6.49
N GLU A 75 -9.07 6.59 5.57
CA GLU A 75 -10.33 5.84 5.35
C GLU A 75 -10.55 4.88 6.52
N LEU A 76 -9.47 4.29 7.03
CA LEU A 76 -9.46 3.31 8.11
C LEU A 76 -9.54 3.86 9.53
N GLU A 77 -8.97 5.02 9.81
CA GLU A 77 -8.99 5.61 11.15
C GLU A 77 -10.38 5.95 11.66
N ASN A 78 -11.36 6.11 10.76
CA ASN A 78 -12.74 6.41 11.12
C ASN A 78 -13.61 5.17 10.94
N LEU A 79 -13.02 4.01 10.63
CA LEU A 79 -13.79 2.78 10.43
C LEU A 79 -13.87 1.98 11.73
N SER A 80 -14.96 1.22 11.91
CA SER A 80 -15.23 0.39 13.08
C SER A 80 -14.45 -0.92 13.01
N GLU A 81 -14.39 -1.68 14.11
CA GLU A 81 -13.70 -2.96 14.14
C GLU A 81 -14.37 -3.84 13.13
N GLU A 82 -15.69 -3.97 13.14
CA GLU A 82 -16.43 -4.83 12.22
C GLU A 82 -16.08 -4.55 10.75
N GLU A 83 -15.68 -3.33 10.42
CA GLU A 83 -15.28 -2.98 9.09
C GLU A 83 -13.84 -3.41 8.80
N LEU A 84 -12.90 -3.04 9.69
CA LEU A 84 -11.47 -3.33 9.58
C LEU A 84 -11.10 -4.78 9.89
N LEU A 85 -11.54 -5.22 11.06
CA LEU A 85 -11.36 -6.54 11.64
C LEU A 85 -11.90 -7.51 10.60
N ALA A 86 -13.02 -7.20 9.96
CA ALA A 86 -13.55 -8.13 8.98
C ALA A 86 -12.65 -8.30 7.76
N MET A 87 -11.84 -7.29 7.40
CA MET A 87 -10.96 -7.34 6.23
C MET A 87 -9.73 -8.17 6.52
N LEU A 88 -9.00 -7.81 7.57
CA LEU A 88 -7.80 -8.52 7.98
C LEU A 88 -8.15 -9.96 8.35
N ASN A 89 -9.32 -10.20 8.94
CA ASN A 89 -9.72 -11.55 9.32
C ASN A 89 -10.25 -12.32 8.11
N GLY A 90 -10.76 -11.56 7.13
CA GLY A 90 -11.33 -12.08 5.91
C GLY A 90 -12.66 -12.74 6.24
N ASP A 91 -13.49 -12.06 7.04
CA ASP A 91 -14.79 -12.51 7.50
C ASP A 91 -15.88 -11.49 7.18
N GLN A 92 -17.09 -11.68 7.73
CA GLN A 92 -18.28 -10.84 7.55
C GLN A 92 -18.77 -10.33 8.92
N GLN A 93 -17.85 -10.19 9.88
CA GLN A 93 -18.11 -9.74 11.24
C GLN A 93 -16.95 -8.88 11.72
N MET A 1 -5.11 2.74 26.38
CA MET A 1 -6.20 1.86 26.82
C MET A 1 -7.53 2.32 26.26
N ASN A 2 -8.23 3.23 26.96
CA ASN A 2 -9.53 3.73 26.54
C ASN A 2 -9.31 4.76 25.43
N ILE A 3 -9.08 4.29 24.20
CA ILE A 3 -8.81 5.09 23.01
C ILE A 3 -9.26 4.27 21.81
N ASN A 4 -9.56 4.95 20.71
CA ASN A 4 -10.00 4.34 19.45
C ASN A 4 -9.08 4.77 18.33
N GLU A 5 -8.67 6.05 18.28
CA GLU A 5 -7.78 6.58 17.25
C GLU A 5 -6.44 5.83 17.24
N GLN A 6 -5.96 5.46 18.41
CA GLN A 6 -4.72 4.72 18.56
C GLN A 6 -4.93 3.26 18.20
N THR A 7 -6.15 2.76 18.42
CA THR A 7 -6.45 1.39 18.08
C THR A 7 -6.46 1.19 16.56
N LEU A 8 -6.94 2.14 15.75
CA LEU A 8 -7.02 2.05 14.30
C LEU A 8 -5.64 1.70 13.75
N ASP A 9 -4.56 2.09 14.43
CA ASP A 9 -3.18 1.84 14.05
C ASP A 9 -2.94 0.35 13.79
N LYS A 10 -3.46 -0.52 14.66
CA LYS A 10 -3.30 -1.98 14.49
C LYS A 10 -4.14 -2.47 13.32
N LEU A 11 -5.25 -1.80 13.02
CA LEU A 11 -6.15 -2.15 11.93
C LEU A 11 -5.55 -1.74 10.60
N ARG A 12 -5.13 -0.48 10.44
CA ARG A 12 -4.56 0.03 9.19
C ARG A 12 -3.34 -0.80 8.80
N GLN A 13 -2.49 -1.15 9.75
CA GLN A 13 -1.31 -1.97 9.47
C GLN A 13 -1.74 -3.40 9.04
N ALA A 14 -2.87 -3.91 9.55
CA ALA A 14 -3.38 -5.22 9.21
C ALA A 14 -3.90 -5.17 7.76
N VAL A 15 -4.63 -4.10 7.41
CA VAL A 15 -5.21 -3.85 6.11
C VAL A 15 -4.10 -3.63 5.06
N LEU A 16 -3.13 -2.74 5.31
CA LEU A 16 -2.06 -2.44 4.37
C LEU A 16 -1.35 -3.71 3.89
N GLN A 17 -1.17 -4.70 4.77
CA GLN A 17 -0.52 -5.94 4.39
C GLN A 17 -1.25 -6.61 3.22
N LYS A 18 -2.60 -6.73 3.23
CA LYS A 18 -3.25 -7.39 2.09
C LYS A 18 -3.10 -6.57 0.81
N LYS A 19 -3.12 -5.24 0.90
CA LYS A 19 -2.98 -4.34 -0.24
C LYS A 19 -1.64 -4.58 -0.94
N ILE A 20 -0.58 -4.92 -0.20
CA ILE A 20 0.73 -5.15 -0.83
C ILE A 20 0.61 -6.39 -1.73
N LYS A 21 -0.20 -7.38 -1.34
CA LYS A 21 -0.42 -8.59 -2.13
C LYS A 21 -1.27 -8.27 -3.35
N GLU A 22 -2.14 -7.26 -3.26
CA GLU A 22 -3.01 -6.89 -4.36
C GLU A 22 -2.17 -6.25 -5.44
N ARG A 23 -1.32 -5.27 -5.11
CA ARG A 23 -0.50 -4.62 -6.12
C ARG A 23 0.44 -5.61 -6.79
N ILE A 24 1.13 -6.48 -6.04
CA ILE A 24 2.03 -7.46 -6.64
C ILE A 24 1.30 -8.48 -7.52
N GLN A 25 0.13 -8.97 -7.09
CA GLN A 25 -0.63 -9.97 -7.83
C GLN A 25 -1.34 -9.40 -9.06
N ASN A 26 -2.05 -8.28 -8.88
CA ASN A 26 -2.79 -7.65 -9.96
C ASN A 26 -1.89 -6.88 -10.89
N SER A 27 -1.05 -6.00 -10.33
CA SER A 27 -0.08 -5.15 -11.02
C SER A 27 -0.67 -4.19 -12.08
N LEU A 28 -1.99 -4.25 -12.23
CA LEU A 28 -2.81 -3.49 -13.15
C LEU A 28 -3.50 -2.32 -12.44
N SER A 29 -4.30 -1.62 -13.22
CA SER A 29 -5.08 -0.47 -12.81
C SER A 29 -6.51 -0.53 -13.33
N THR A 30 -6.69 -0.96 -14.60
CA THR A 30 -8.01 -1.05 -15.22
C THR A 30 -7.95 -2.04 -16.39
N GLU A 31 -7.18 -3.12 -16.22
CA GLU A 31 -7.00 -4.18 -17.23
C GLU A 31 -6.54 -3.54 -18.56
N LYS A 32 -5.80 -2.44 -18.41
CA LYS A 32 -5.26 -1.59 -19.45
C LYS A 32 -4.23 -2.38 -20.25
N TYR A 33 -4.11 -2.04 -21.52
CA TYR A 33 -3.19 -2.67 -22.45
C TYR A 33 -2.42 -1.59 -23.19
N GLY A 34 -1.39 -2.01 -23.92
CA GLY A 34 -0.52 -1.16 -24.72
C GLY A 34 0.92 -1.49 -24.35
N SER A 35 1.66 -2.07 -25.28
CA SER A 35 3.06 -2.47 -25.14
C SER A 35 3.81 -2.04 -26.41
N GLY A 36 5.14 -2.03 -26.36
CA GLY A 36 6.01 -1.65 -27.46
C GLY A 36 7.46 -1.90 -27.06
N SER A 37 8.43 -1.37 -27.81
CA SER A 37 9.84 -1.56 -27.48
C SER A 37 10.11 -0.95 -26.09
N GLY A 38 11.17 -1.40 -25.42
CA GLY A 38 11.54 -0.91 -24.09
C GLY A 38 12.89 -0.21 -24.07
N SER A 39 13.70 -0.33 -25.11
CA SER A 39 15.01 0.29 -25.19
C SER A 39 14.86 1.81 -25.19
N GLY A 40 15.47 2.49 -24.21
CA GLY A 40 15.41 3.93 -24.03
C GLY A 40 15.54 4.25 -22.54
N SER A 41 15.37 5.53 -22.18
CA SER A 41 15.44 6.00 -20.80
C SER A 41 14.17 6.82 -20.52
N GLY A 42 13.83 6.99 -19.25
CA GLY A 42 12.69 7.72 -18.80
C GLY A 42 12.53 7.38 -17.33
N SER A 43 13.06 8.22 -16.44
CA SER A 43 13.00 8.01 -15.00
C SER A 43 11.55 7.95 -14.53
N GLY A 44 10.75 8.92 -14.92
CA GLY A 44 9.34 9.02 -14.55
C GLY A 44 8.96 10.50 -14.49
N SER A 45 8.14 10.87 -13.50
CA SER A 45 7.69 12.25 -13.33
C SER A 45 7.46 12.55 -11.84
N GLY A 46 6.89 11.61 -11.09
CA GLY A 46 6.60 11.76 -9.67
C GLY A 46 5.22 12.39 -9.48
N SER A 47 4.68 12.30 -8.27
CA SER A 47 3.37 12.84 -7.90
C SER A 47 3.34 13.50 -6.52
N GLY A 48 4.45 13.51 -5.77
CA GLY A 48 4.50 14.12 -4.46
C GLY A 48 5.88 13.93 -3.84
N SER A 49 6.24 14.82 -2.90
CA SER A 49 7.51 14.79 -2.21
C SER A 49 7.52 13.67 -1.18
N GLY A 50 6.77 13.83 -0.09
CA GLY A 50 6.64 12.89 1.01
C GLY A 50 5.98 13.59 2.20
N SER A 51 5.82 12.87 3.31
CA SER A 51 5.23 13.35 4.55
C SER A 51 5.86 12.45 5.61
N GLY A 52 5.26 11.29 5.90
CA GLY A 52 5.81 10.35 6.86
C GLY A 52 6.96 9.58 6.19
N SER A 53 7.47 8.55 6.85
CA SER A 53 8.56 7.73 6.30
C SER A 53 8.17 6.27 6.09
N GLY A 54 6.90 5.91 6.33
CA GLY A 54 6.39 4.56 6.16
C GLY A 54 7.01 3.59 7.16
N SER A 55 6.55 2.34 7.08
CA SER A 55 6.95 1.21 7.88
C SER A 55 6.26 0.00 7.23
N GLY A 56 5.71 -0.91 8.03
CA GLY A 56 5.03 -2.10 7.60
C GLY A 56 5.75 -3.34 8.14
N SER A 57 5.22 -4.52 7.82
CA SER A 57 5.79 -5.79 8.25
C SER A 57 5.19 -6.89 7.38
N GLY A 58 5.68 -8.12 7.59
CA GLY A 58 5.24 -9.31 6.88
C GLY A 58 6.16 -9.63 5.72
N TYR A 59 7.47 -9.65 5.98
CA TYR A 59 8.52 -9.94 5.01
C TYR A 59 8.38 -9.09 3.75
N GLN A 60 8.01 -7.81 3.91
CA GLN A 60 7.84 -6.91 2.78
C GLN A 60 9.16 -6.66 2.05
N ILE A 61 9.07 -6.00 0.90
CA ILE A 61 10.21 -5.70 0.04
C ILE A 61 10.44 -4.20 0.20
N GLU A 62 11.18 -3.89 1.24
CA GLU A 62 11.58 -2.57 1.70
C GLU A 62 12.38 -1.74 0.68
N THR A 63 12.81 -2.36 -0.41
CA THR A 63 13.60 -1.76 -1.47
C THR A 63 12.94 -2.08 -2.82
N PHE A 64 11.63 -1.95 -2.90
CA PHE A 64 10.90 -2.24 -4.15
C PHE A 64 9.70 -1.32 -4.32
N PHE A 65 8.77 -1.37 -3.37
CA PHE A 65 7.54 -0.57 -3.36
C PHE A 65 7.42 0.28 -2.11
N ALA A 66 8.46 0.36 -1.28
CA ALA A 66 8.44 1.15 -0.06
C ALA A 66 7.96 2.59 -0.30
N GLN A 67 8.24 3.17 -1.47
CA GLN A 67 7.80 4.54 -1.72
C GLN A 67 6.28 4.60 -1.88
N ASP A 68 5.69 3.54 -2.45
CA ASP A 68 4.25 3.44 -2.65
C ASP A 68 3.57 3.01 -1.35
N ILE A 69 4.28 2.33 -0.45
CA ILE A 69 3.79 1.87 0.84
C ILE A 69 3.34 3.07 1.67
N GLU A 70 4.13 4.15 1.72
CA GLU A 70 3.77 5.33 2.50
C GLU A 70 2.48 5.96 1.96
N SER A 71 2.28 5.87 0.65
CA SER A 71 1.12 6.43 -0.03
C SER A 71 -0.14 5.63 0.32
N VAL A 72 -0.10 4.29 0.30
CA VAL A 72 -1.29 3.50 0.63
C VAL A 72 -1.54 3.50 2.14
N GLN A 73 -0.48 3.47 2.96
CA GLN A 73 -0.66 3.46 4.41
C GLN A 73 -1.25 4.79 4.87
N LYS A 74 -0.94 5.89 4.17
CA LYS A 74 -1.47 7.22 4.45
C LYS A 74 -2.97 7.20 4.24
N GLU A 75 -3.39 6.45 3.22
CA GLU A 75 -4.80 6.30 2.85
C GLU A 75 -5.56 5.66 4.02
N LEU A 76 -4.97 4.65 4.67
CA LEU A 76 -5.54 3.90 5.77
C LEU A 76 -5.44 4.54 7.16
N GLU A 77 -4.38 5.26 7.50
CA GLU A 77 -4.21 5.87 8.83
C GLU A 77 -5.33 6.87 9.17
N ASN A 78 -6.04 7.36 8.16
CA ASN A 78 -7.15 8.31 8.33
C ASN A 78 -8.50 7.59 8.31
N LEU A 79 -8.54 6.28 8.03
CA LEU A 79 -9.79 5.54 8.02
C LEU A 79 -10.09 5.07 9.45
N SER A 80 -11.37 4.86 9.76
CA SER A 80 -11.79 4.41 11.08
C SER A 80 -11.75 2.88 11.16
N GLU A 81 -11.92 2.29 12.33
CA GLU A 81 -11.90 0.85 12.52
C GLU A 81 -12.93 0.24 11.62
N GLU A 82 -14.16 0.70 11.61
CA GLU A 82 -15.24 0.14 10.80
C GLU A 82 -14.85 0.04 9.33
N GLU A 83 -13.97 0.92 8.85
CA GLU A 83 -13.50 0.88 7.48
C GLU A 83 -12.43 -0.17 7.27
N LEU A 84 -11.40 -0.14 8.13
CA LEU A 84 -10.24 -1.03 8.09
C LEU A 84 -10.52 -2.44 8.61
N LEU A 85 -11.08 -2.51 9.81
CA LEU A 85 -11.49 -3.69 10.55
C LEU A 85 -12.42 -4.46 9.65
N ALA A 86 -13.31 -3.77 8.94
CA ALA A 86 -14.23 -4.47 8.08
C ALA A 86 -13.52 -5.16 6.92
N MET A 87 -12.37 -4.65 6.47
CA MET A 87 -11.63 -5.23 5.33
C MET A 87 -10.83 -6.44 5.76
N LEU A 88 -9.98 -6.25 6.77
CA LEU A 88 -9.14 -7.33 7.27
C LEU A 88 -9.98 -8.47 7.82
N ASN A 89 -11.14 -8.17 8.39
CA ASN A 89 -12.04 -9.18 8.95
C ASN A 89 -13.02 -9.74 7.91
N GLY A 90 -13.26 -8.98 6.86
CA GLY A 90 -14.14 -9.30 5.74
C GLY A 90 -15.63 -9.25 6.08
N ASP A 91 -16.10 -8.06 6.48
CA ASP A 91 -17.47 -7.69 6.87
C ASP A 91 -18.22 -8.87 7.49
N GLN A 92 -17.74 -9.33 8.63
CA GLN A 92 -18.26 -10.45 9.39
C GLN A 92 -18.04 -10.18 10.87
N GLN A 93 -18.76 -9.20 11.40
CA GLN A 93 -18.70 -8.78 12.79
C GLN A 93 -20.00 -9.15 13.47
N MET A 1 -15.06 4.16 27.16
CA MET A 1 -13.88 4.08 28.04
C MET A 1 -12.65 3.74 27.22
N ASN A 2 -12.57 2.50 26.73
CA ASN A 2 -11.46 2.01 25.95
C ASN A 2 -11.37 2.83 24.68
N ILE A 3 -10.19 3.36 24.38
CA ILE A 3 -9.96 4.18 23.22
C ILE A 3 -10.27 3.40 21.93
N ASN A 4 -10.73 4.11 20.91
CA ASN A 4 -11.10 3.60 19.60
C ASN A 4 -10.13 4.05 18.52
N GLU A 5 -9.79 5.34 18.42
CA GLU A 5 -8.87 5.88 17.41
C GLU A 5 -7.50 5.20 17.47
N GLN A 6 -7.05 4.88 18.67
CA GLN A 6 -5.77 4.22 18.89
C GLN A 6 -5.89 2.76 18.43
N THR A 7 -7.00 2.11 18.74
CA THR A 7 -7.23 0.72 18.38
C THR A 7 -7.15 0.52 16.87
N LEU A 8 -7.57 1.49 16.04
CA LEU A 8 -7.54 1.41 14.58
C LEU A 8 -6.12 1.03 14.15
N ASP A 9 -5.07 1.40 14.91
CA ASP A 9 -3.66 1.09 14.63
C ASP A 9 -3.48 -0.41 14.39
N LYS A 10 -4.10 -1.26 15.22
CA LYS A 10 -3.97 -2.71 15.06
C LYS A 10 -4.71 -3.20 13.82
N LEU A 11 -5.76 -2.48 13.43
CA LEU A 11 -6.57 -2.80 12.28
C LEU A 11 -5.83 -2.40 10.99
N ARG A 12 -5.41 -1.14 10.86
CA ARG A 12 -4.72 -0.63 9.66
C ARG A 12 -3.44 -1.41 9.36
N GLN A 13 -2.65 -1.75 10.38
CA GLN A 13 -1.42 -2.52 10.20
C GLN A 13 -1.73 -3.88 9.56
N ALA A 14 -2.91 -4.45 9.81
CA ALA A 14 -3.33 -5.72 9.23
C ALA A 14 -3.70 -5.51 7.76
N VAL A 15 -4.49 -4.46 7.48
CA VAL A 15 -4.93 -4.15 6.12
C VAL A 15 -3.72 -3.78 5.25
N LEU A 16 -2.74 -3.05 5.79
CA LEU A 16 -1.57 -2.70 5.00
C LEU A 16 -0.82 -3.98 4.63
N GLN A 17 -0.68 -4.95 5.55
CA GLN A 17 0.02 -6.20 5.26
C GLN A 17 -0.62 -6.94 4.09
N LYS A 18 -1.95 -7.14 4.05
CA LYS A 18 -2.55 -7.82 2.89
C LYS A 18 -2.39 -6.94 1.66
N LYS A 19 -2.55 -5.61 1.79
CA LYS A 19 -2.41 -4.70 0.67
C LYS A 19 -1.03 -4.83 0.02
N ILE A 20 0.05 -5.14 0.74
CA ILE A 20 1.35 -5.29 0.08
C ILE A 20 1.28 -6.49 -0.88
N LYS A 21 0.58 -7.57 -0.51
CA LYS A 21 0.42 -8.75 -1.36
C LYS A 21 -0.52 -8.42 -2.52
N GLU A 22 -1.49 -7.52 -2.32
CA GLU A 22 -2.44 -7.16 -3.35
C GLU A 22 -1.73 -6.39 -4.46
N ARG A 23 -0.96 -5.37 -4.11
CA ARG A 23 -0.25 -4.58 -5.11
C ARG A 23 0.79 -5.40 -5.85
N ILE A 24 1.49 -6.33 -5.20
CA ILE A 24 2.49 -7.14 -5.89
C ILE A 24 1.81 -8.21 -6.75
N GLN A 25 0.78 -8.90 -6.23
CA GLN A 25 0.11 -9.95 -6.96
C GLN A 25 -0.74 -9.42 -8.10
N ASN A 26 -1.57 -8.40 -7.87
CA ASN A 26 -2.42 -7.84 -8.92
C ASN A 26 -1.56 -6.98 -9.84
N SER A 27 -0.80 -6.05 -9.26
CA SER A 27 0.09 -5.11 -9.96
C SER A 27 -0.61 -4.26 -11.04
N LEU A 28 -1.94 -4.19 -11.01
CA LEU A 28 -2.80 -3.48 -11.94
C LEU A 28 -3.67 -2.44 -11.23
N SER A 29 -4.59 -1.84 -11.99
CA SER A 29 -5.54 -0.84 -11.52
C SER A 29 -6.98 -1.18 -11.86
N THR A 30 -7.23 -1.60 -13.09
CA THR A 30 -8.56 -1.94 -13.57
C THR A 30 -8.41 -2.97 -14.70
N GLU A 31 -7.37 -3.82 -14.64
CA GLU A 31 -7.10 -4.84 -15.66
C GLU A 31 -6.84 -4.13 -17.00
N LYS A 32 -6.00 -3.08 -16.93
CA LYS A 32 -5.61 -2.23 -18.05
C LYS A 32 -4.79 -3.01 -19.08
N TYR A 33 -4.68 -2.49 -20.30
CA TYR A 33 -3.91 -3.11 -21.37
C TYR A 33 -2.73 -2.21 -21.77
N GLY A 34 -2.89 -0.89 -21.69
CA GLY A 34 -1.82 0.05 -22.02
C GLY A 34 -0.61 -0.30 -21.16
N SER A 35 0.58 -0.31 -21.76
CA SER A 35 1.81 -0.66 -21.07
C SER A 35 2.98 0.23 -21.49
N GLY A 36 3.39 0.11 -22.75
CA GLY A 36 4.50 0.84 -23.33
C GLY A 36 5.80 0.12 -22.98
N SER A 37 6.84 0.34 -23.77
CA SER A 37 8.17 -0.24 -23.61
C SER A 37 9.19 0.75 -24.18
N GLY A 38 10.50 0.47 -24.05
CA GLY A 38 11.56 1.32 -24.58
C GLY A 38 12.92 0.69 -24.32
N SER A 39 13.89 0.94 -25.19
CA SER A 39 15.24 0.40 -25.07
C SER A 39 16.17 1.26 -25.92
N GLY A 40 17.46 1.26 -25.58
CA GLY A 40 18.55 1.99 -26.25
C GLY A 40 18.28 3.45 -26.59
N SER A 41 17.31 4.11 -25.95
CA SER A 41 16.95 5.49 -26.22
C SER A 41 16.24 6.07 -25.00
N GLY A 42 16.21 7.40 -24.90
CA GLY A 42 15.57 8.14 -23.83
C GLY A 42 16.03 9.59 -23.90
N SER A 43 15.18 10.54 -23.52
CA SER A 43 15.49 11.97 -23.54
C SER A 43 14.71 12.71 -22.45
N GLY A 44 14.66 12.14 -21.24
CA GLY A 44 13.95 12.72 -20.11
C GLY A 44 12.64 11.97 -19.90
N SER A 45 11.56 12.68 -19.53
CA SER A 45 10.23 12.12 -19.29
C SER A 45 10.20 11.25 -18.02
N GLY A 46 11.03 11.59 -17.02
CA GLY A 46 11.14 10.88 -15.75
C GLY A 46 10.63 11.73 -14.59
N SER A 47 9.85 11.13 -13.68
CA SER A 47 9.31 11.81 -12.51
C SER A 47 9.00 10.78 -11.41
N GLY A 48 8.53 11.24 -10.25
CA GLY A 48 8.18 10.40 -9.11
C GLY A 48 7.71 11.28 -7.97
N SER A 49 7.28 10.67 -6.87
CA SER A 49 6.81 11.38 -5.70
C SER A 49 7.20 10.57 -4.45
N GLY A 50 6.94 11.12 -3.27
CA GLY A 50 7.25 10.53 -1.99
C GLY A 50 7.21 11.60 -0.91
N SER A 51 7.35 11.20 0.35
CA SER A 51 7.36 12.09 1.49
C SER A 51 8.35 11.54 2.52
N GLY A 52 8.35 12.09 3.73
CA GLY A 52 9.27 11.65 4.77
C GLY A 52 8.74 10.54 5.66
N SER A 53 7.42 10.47 5.93
CA SER A 53 6.82 9.46 6.79
C SER A 53 6.69 8.13 6.03
N GLY A 54 7.64 7.20 6.19
CA GLY A 54 7.62 5.91 5.52
C GLY A 54 8.31 4.87 6.39
N SER A 55 7.61 3.81 6.79
CA SER A 55 8.13 2.74 7.64
C SER A 55 7.67 1.37 7.16
N GLY A 56 6.38 1.07 7.27
CA GLY A 56 5.73 -0.19 6.90
C GLY A 56 5.56 -1.07 8.14
N SER A 57 4.99 -2.28 7.99
CA SER A 57 4.79 -3.21 9.08
C SER A 57 4.75 -4.63 8.52
N GLY A 58 5.61 -5.51 9.02
CA GLY A 58 5.74 -6.90 8.60
C GLY A 58 6.98 -7.05 7.72
N TYR A 59 7.28 -8.28 7.31
CA TYR A 59 8.42 -8.65 6.48
C TYR A 59 8.28 -8.20 5.01
N GLN A 60 7.82 -6.97 4.77
CA GLN A 60 7.66 -6.42 3.43
C GLN A 60 9.03 -6.12 2.84
N ILE A 61 9.06 -5.75 1.56
CA ILE A 61 10.30 -5.43 0.86
C ILE A 61 10.51 -3.97 1.23
N GLU A 62 11.45 -3.68 2.13
CA GLU A 62 11.73 -2.34 2.59
C GLU A 62 12.38 -1.46 1.52
N THR A 63 12.91 -2.01 0.42
CA THR A 63 13.55 -1.21 -0.63
C THR A 63 13.07 -1.64 -2.02
N PHE A 64 11.82 -1.26 -2.31
CA PHE A 64 11.17 -1.57 -3.58
C PHE A 64 10.03 -0.57 -3.79
N PHE A 65 8.97 -0.69 -3.00
CA PHE A 65 7.75 0.12 -3.03
C PHE A 65 7.59 1.07 -1.84
N ALA A 66 8.64 1.29 -1.05
CA ALA A 66 8.65 2.13 0.14
C ALA A 66 8.09 3.52 -0.09
N GLN A 67 8.29 4.08 -1.27
CA GLN A 67 7.78 5.43 -1.53
C GLN A 67 6.27 5.40 -1.76
N ASP A 68 5.78 4.31 -2.33
CA ASP A 68 4.35 4.10 -2.56
C ASP A 68 3.63 3.62 -1.29
N ILE A 69 4.33 2.84 -0.45
CA ILE A 69 3.86 2.23 0.81
C ILE A 69 3.30 3.31 1.72
N GLU A 70 4.00 4.43 1.85
CA GLU A 70 3.64 5.57 2.69
C GLU A 70 2.34 6.18 2.19
N SER A 71 2.06 6.13 0.90
CA SER A 71 0.84 6.72 0.35
C SER A 71 -0.36 5.82 0.65
N VAL A 72 -0.22 4.53 0.38
CA VAL A 72 -1.33 3.60 0.60
C VAL A 72 -1.59 3.42 2.11
N GLN A 73 -0.56 3.45 2.95
CA GLN A 73 -0.73 3.31 4.40
C GLN A 73 -1.38 4.59 4.96
N LYS A 74 -1.11 5.75 4.35
CA LYS A 74 -1.68 7.02 4.76
C LYS A 74 -3.19 6.99 4.65
N GLU A 75 -3.73 6.19 3.73
CA GLU A 75 -5.17 6.08 3.54
C GLU A 75 -5.78 5.35 4.75
N LEU A 76 -5.10 4.31 5.22
CA LEU A 76 -5.53 3.47 6.33
C LEU A 76 -5.41 4.10 7.71
N GLU A 77 -4.35 4.86 7.97
CA GLU A 77 -4.15 5.48 9.29
C GLU A 77 -5.26 6.46 9.66
N ASN A 78 -6.04 6.93 8.69
CA ASN A 78 -7.15 7.85 8.92
C ASN A 78 -8.50 7.15 8.73
N LEU A 79 -8.48 5.86 8.36
CA LEU A 79 -9.67 5.07 8.12
C LEU A 79 -10.20 4.55 9.45
N SER A 80 -11.51 4.32 9.53
CA SER A 80 -12.20 3.82 10.71
C SER A 80 -12.11 2.29 10.78
N GLU A 81 -12.47 1.66 11.92
CA GLU A 81 -12.41 0.21 12.04
C GLU A 81 -13.31 -0.40 10.99
N GLU A 82 -14.54 0.08 10.88
CA GLU A 82 -15.55 -0.42 9.97
C GLU A 82 -15.01 -0.52 8.54
N GLU A 83 -14.07 0.35 8.19
CA GLU A 83 -13.42 0.34 6.91
C GLU A 83 -12.29 -0.70 6.84
N LEU A 84 -11.36 -0.67 7.82
CA LEU A 84 -10.18 -1.56 7.92
C LEU A 84 -10.47 -2.98 8.39
N LEU A 85 -11.15 -3.07 9.53
CA LEU A 85 -11.58 -4.26 10.22
C LEU A 85 -12.40 -5.06 9.22
N ALA A 86 -13.23 -4.41 8.41
CA ALA A 86 -14.02 -5.14 7.44
C ALA A 86 -13.14 -5.83 6.38
N MET A 87 -11.97 -5.27 6.05
CA MET A 87 -11.07 -5.82 5.04
C MET A 87 -10.31 -7.03 5.54
N LEU A 88 -9.59 -6.85 6.65
CA LEU A 88 -8.78 -7.90 7.27
C LEU A 88 -9.69 -9.04 7.73
N ASN A 89 -10.92 -8.74 8.14
CA ASN A 89 -11.83 -9.76 8.60
C ASN A 89 -12.56 -10.41 7.43
N GLY A 90 -12.70 -9.69 6.31
CA GLY A 90 -13.37 -10.18 5.12
C GLY A 90 -14.89 -10.21 5.32
N ASP A 91 -15.42 -9.27 6.10
CA ASP A 91 -16.83 -9.10 6.47
C ASP A 91 -17.25 -7.66 6.15
N GLN A 92 -18.53 -7.35 6.38
CA GLN A 92 -19.10 -6.04 6.16
C GLN A 92 -20.24 -5.87 7.16
N GLN A 93 -19.89 -5.43 8.36
CA GLN A 93 -20.85 -5.17 9.42
C GLN A 93 -21.76 -3.99 9.03
N MET A 1 -15.73 4.85 25.94
CA MET A 1 -14.69 5.14 26.92
C MET A 1 -13.32 4.78 26.34
N ASN A 2 -13.12 3.50 26.00
CA ASN A 2 -11.86 3.07 25.46
C ASN A 2 -11.60 3.74 24.12
N ILE A 3 -10.33 4.08 23.89
CA ILE A 3 -9.89 4.74 22.67
C ILE A 3 -10.26 3.96 21.42
N ASN A 4 -10.54 4.72 20.37
CA ASN A 4 -10.94 4.25 19.06
C ASN A 4 -9.89 4.59 18.00
N GLU A 5 -9.49 5.85 17.82
CA GLU A 5 -8.50 6.25 16.80
C GLU A 5 -7.16 5.52 16.97
N GLN A 6 -6.75 5.34 18.22
CA GLN A 6 -5.49 4.67 18.54
C GLN A 6 -5.61 3.17 18.31
N THR A 7 -6.82 2.61 18.41
CA THR A 7 -7.04 1.20 18.17
C THR A 7 -6.95 0.92 16.68
N LEU A 8 -7.36 1.83 15.79
CA LEU A 8 -7.34 1.69 14.32
C LEU A 8 -5.92 1.28 13.91
N ASP A 9 -4.89 1.67 14.66
CA ASP A 9 -3.49 1.33 14.41
C ASP A 9 -3.34 -0.19 14.23
N LYS A 10 -4.00 -1.01 15.07
CA LYS A 10 -3.88 -2.47 14.90
C LYS A 10 -4.56 -2.93 13.62
N LEU A 11 -5.60 -2.19 13.20
CA LEU A 11 -6.38 -2.48 12.02
C LEU A 11 -5.60 -2.10 10.77
N ARG A 12 -5.11 -0.87 10.65
CA ARG A 12 -4.38 -0.41 9.47
C ARG A 12 -3.15 -1.25 9.23
N GLN A 13 -2.37 -1.54 10.27
CA GLN A 13 -1.19 -2.36 10.11
C GLN A 13 -1.60 -3.77 9.64
N ALA A 14 -2.79 -4.27 10.03
CA ALA A 14 -3.26 -5.58 9.59
C ALA A 14 -3.62 -5.53 8.10
N VAL A 15 -4.12 -4.39 7.61
CA VAL A 15 -4.47 -4.19 6.22
C VAL A 15 -3.21 -4.02 5.37
N LEU A 16 -2.25 -3.16 5.79
CA LEU A 16 -1.02 -2.97 5.00
C LEU A 16 -0.31 -4.29 4.79
N GLN A 17 -0.36 -5.19 5.77
CA GLN A 17 0.26 -6.51 5.67
C GLN A 17 -0.21 -7.23 4.40
N LYS A 18 -1.52 -7.31 4.10
CA LYS A 18 -1.92 -8.01 2.88
C LYS A 18 -1.53 -7.21 1.65
N LYS A 19 -1.61 -5.88 1.70
CA LYS A 19 -1.24 -5.01 0.57
C LYS A 19 0.19 -5.31 0.12
N ILE A 20 1.11 -5.69 1.01
CA ILE A 20 2.49 -6.00 0.62
C ILE A 20 2.48 -7.15 -0.39
N LYS A 21 1.72 -8.22 -0.11
CA LYS A 21 1.58 -9.41 -0.97
C LYS A 21 0.91 -9.07 -2.29
N GLU A 22 0.04 -8.06 -2.28
CA GLU A 22 -0.70 -7.66 -3.45
C GLU A 22 0.21 -6.87 -4.37
N ARG A 23 0.91 -5.86 -3.87
CA ARG A 23 1.78 -5.06 -4.74
C ARG A 23 2.92 -5.89 -5.31
N ILE A 24 3.46 -6.86 -4.59
CA ILE A 24 4.53 -7.71 -5.11
C ILE A 24 4.00 -8.63 -6.21
N GLN A 25 2.83 -9.25 -6.00
CA GLN A 25 2.28 -10.18 -6.97
C GLN A 25 1.65 -9.49 -8.19
N ASN A 26 0.82 -8.47 -7.95
CA ASN A 26 0.14 -7.75 -9.02
C ASN A 26 1.12 -6.87 -9.75
N SER A 27 1.86 -6.04 -9.02
CA SER A 27 2.86 -5.07 -9.48
C SER A 27 2.34 -4.01 -10.47
N LEU A 28 1.13 -4.20 -10.94
CA LEU A 28 0.38 -3.40 -11.87
C LEU A 28 -0.52 -2.42 -11.15
N SER A 29 -1.24 -1.64 -11.94
CA SER A 29 -2.18 -0.63 -11.48
C SER A 29 -3.55 -0.96 -12.08
N THR A 30 -3.62 -0.94 -13.41
CA THR A 30 -4.82 -1.19 -14.18
C THR A 30 -4.48 -2.11 -15.37
N GLU A 31 -3.55 -3.05 -15.15
CA GLU A 31 -3.07 -4.02 -16.15
C GLU A 31 -2.42 -3.30 -17.36
N LYS A 32 -1.93 -2.09 -17.09
CA LYS A 32 -1.28 -1.16 -18.00
C LYS A 32 0.09 -1.68 -18.41
N TYR A 33 0.33 -1.87 -19.71
CA TYR A 33 1.61 -2.36 -20.21
C TYR A 33 2.65 -1.24 -20.15
N GLY A 34 2.24 0.02 -20.37
CA GLY A 34 3.11 1.18 -20.37
C GLY A 34 3.82 1.23 -21.70
N SER A 35 5.07 0.78 -21.75
CA SER A 35 5.91 0.75 -22.95
C SER A 35 7.27 0.15 -22.62
N GLY A 36 8.13 -0.03 -23.64
CA GLY A 36 9.46 -0.56 -23.47
C GLY A 36 10.12 -0.83 -24.82
N SER A 37 10.47 0.23 -25.55
CA SER A 37 11.13 0.12 -26.86
C SER A 37 11.94 1.41 -27.11
N GLY A 38 12.66 1.45 -28.24
CA GLY A 38 13.46 2.59 -28.66
C GLY A 38 12.72 3.32 -29.77
N SER A 39 12.62 2.70 -30.94
CA SER A 39 11.93 3.24 -32.11
C SER A 39 10.41 3.08 -31.93
N GLY A 40 9.83 3.83 -31.00
CA GLY A 40 8.42 3.81 -30.66
C GLY A 40 8.14 4.93 -29.66
N SER A 41 6.96 4.94 -29.05
CA SER A 41 6.59 5.93 -28.06
C SER A 41 5.54 5.36 -27.10
N GLY A 42 5.59 5.79 -25.85
CA GLY A 42 4.73 5.43 -24.75
C GLY A 42 5.13 6.29 -23.55
N SER A 43 4.43 6.15 -22.43
CA SER A 43 4.70 6.91 -21.22
C SER A 43 4.01 6.22 -20.04
N GLY A 44 3.93 6.89 -18.89
CA GLY A 44 3.30 6.39 -17.68
C GLY A 44 2.99 7.55 -16.76
N SER A 45 2.28 7.25 -15.68
CA SER A 45 1.86 8.17 -14.63
C SER A 45 1.63 7.30 -13.40
N GLY A 46 2.31 7.59 -12.30
CA GLY A 46 2.14 6.82 -11.06
C GLY A 46 0.89 7.27 -10.34
N SER A 47 0.63 8.59 -10.32
CA SER A 47 -0.52 9.26 -9.70
C SER A 47 -0.86 8.74 -8.29
N GLY A 48 0.16 8.57 -7.44
CA GLY A 48 0.00 8.10 -6.07
C GLY A 48 0.99 8.82 -5.17
N SER A 49 0.54 9.78 -4.37
CA SER A 49 1.35 10.57 -3.45
C SER A 49 0.77 10.42 -2.03
N GLY A 50 -0.44 10.94 -1.80
CA GLY A 50 -1.14 10.90 -0.52
C GLY A 50 -0.61 11.96 0.44
N SER A 51 -1.23 12.06 1.61
CA SER A 51 -0.88 12.99 2.68
C SER A 51 -0.84 12.24 4.01
N GLY A 52 -0.30 12.86 5.06
CA GLY A 52 -0.19 12.25 6.37
C GLY A 52 1.21 12.38 6.94
N SER A 53 1.53 11.45 7.83
CA SER A 53 2.79 11.30 8.55
C SER A 53 3.12 9.82 8.55
N GLY A 54 3.89 9.38 7.55
CA GLY A 54 4.27 7.98 7.41
C GLY A 54 5.04 7.44 8.62
N SER A 55 5.10 6.12 8.69
CA SER A 55 5.75 5.31 9.71
C SER A 55 6.61 4.24 9.02
N GLY A 56 7.31 3.44 9.82
CA GLY A 56 8.17 2.35 9.40
C GLY A 56 7.56 1.01 9.79
N SER A 57 8.24 -0.07 9.45
CA SER A 57 7.83 -1.44 9.73
C SER A 57 9.05 -2.34 9.91
N GLY A 58 8.83 -3.60 10.29
CA GLY A 58 9.90 -4.59 10.48
C GLY A 58 9.56 -5.95 9.88
N TYR A 59 8.28 -6.24 9.61
CA TYR A 59 7.85 -7.51 9.04
C TYR A 59 7.85 -7.55 7.51
N GLN A 60 8.32 -6.49 6.84
CA GLN A 60 8.40 -6.33 5.41
C GLN A 60 9.83 -5.91 5.03
N ILE A 61 10.09 -5.59 3.76
CA ILE A 61 11.42 -5.18 3.29
C ILE A 61 11.43 -3.66 3.12
N GLU A 62 11.87 -2.98 4.18
CA GLU A 62 11.99 -1.52 4.29
C GLU A 62 12.95 -0.89 3.27
N THR A 63 13.68 -1.71 2.53
CA THR A 63 14.68 -1.32 1.55
C THR A 63 14.38 -1.89 0.16
N PHE A 64 13.11 -2.09 -0.19
CA PHE A 64 12.76 -2.63 -1.51
C PHE A 64 11.49 -2.00 -2.09
N PHE A 65 10.47 -1.82 -1.27
CA PHE A 65 9.19 -1.23 -1.69
C PHE A 65 8.68 -0.18 -0.74
N ALA A 66 9.45 0.16 0.30
CA ALA A 66 9.07 1.14 1.30
C ALA A 66 8.60 2.46 0.69
N GLN A 67 9.19 2.83 -0.45
CA GLN A 67 8.88 4.05 -1.19
C GLN A 67 7.39 4.11 -1.56
N ASP A 68 6.85 3.03 -2.14
CA ASP A 68 5.43 2.95 -2.51
C ASP A 68 4.55 2.63 -1.30
N ILE A 69 5.14 1.90 -0.35
CA ILE A 69 4.49 1.43 0.87
C ILE A 69 4.03 2.62 1.67
N GLU A 70 4.88 3.64 1.81
CA GLU A 70 4.53 4.81 2.57
C GLU A 70 3.34 5.51 1.93
N SER A 71 3.20 5.45 0.60
CA SER A 71 2.10 6.08 -0.10
C SER A 71 0.78 5.34 0.18
N VAL A 72 0.76 4.01 0.16
CA VAL A 72 -0.47 3.27 0.43
C VAL A 72 -0.78 3.28 1.93
N GLN A 73 0.22 3.11 2.82
CA GLN A 73 -0.03 3.14 4.27
C GLN A 73 -0.54 4.52 4.67
N LYS A 74 -0.13 5.59 3.97
CA LYS A 74 -0.57 6.96 4.23
C LYS A 74 -2.09 7.05 4.12
N GLU A 75 -2.69 6.19 3.31
CA GLU A 75 -4.14 6.15 3.16
C GLU A 75 -4.73 5.54 4.45
N LEU A 76 -4.19 4.40 4.88
CA LEU A 76 -4.62 3.62 6.03
C LEU A 76 -4.46 4.32 7.37
N GLU A 77 -3.44 5.15 7.53
CA GLU A 77 -3.19 5.86 8.79
C GLU A 77 -4.31 6.84 9.15
N ASN A 78 -5.15 7.22 8.18
CA ASN A 78 -6.28 8.12 8.39
C ASN A 78 -7.62 7.43 8.10
N LEU A 79 -7.64 6.12 7.83
CA LEU A 79 -8.90 5.41 7.57
C LEU A 79 -9.50 4.96 8.90
N SER A 80 -10.81 4.76 8.93
CA SER A 80 -11.58 4.29 10.08
C SER A 80 -11.61 2.76 10.13
N GLU A 81 -12.07 2.17 11.25
CA GLU A 81 -12.15 0.72 11.41
C GLU A 81 -12.97 0.14 10.28
N GLU A 82 -14.14 0.68 10.01
CA GLU A 82 -15.06 0.19 8.98
C GLU A 82 -14.38 0.05 7.63
N GLU A 83 -13.36 0.86 7.37
CA GLU A 83 -12.62 0.83 6.14
C GLU A 83 -11.55 -0.26 6.18
N LEU A 84 -10.72 -0.25 7.24
CA LEU A 84 -9.60 -1.17 7.46
C LEU A 84 -9.99 -2.57 7.94
N LEU A 85 -10.76 -2.62 9.03
CA LEU A 85 -11.30 -3.79 9.68
C LEU A 85 -12.05 -4.56 8.62
N ALA A 86 -12.76 -3.88 7.72
CA ALA A 86 -13.49 -4.58 6.69
C ALA A 86 -12.55 -5.32 5.71
N MET A 87 -11.32 -4.85 5.49
CA MET A 87 -10.36 -5.47 4.56
C MET A 87 -9.77 -6.74 5.14
N LEU A 88 -9.16 -6.61 6.33
CA LEU A 88 -8.53 -7.73 7.03
C LEU A 88 -9.57 -8.79 7.38
N ASN A 89 -10.78 -8.37 7.73
CA ASN A 89 -11.84 -9.32 8.09
C ASN A 89 -12.50 -9.91 6.85
N GLY A 90 -12.46 -9.15 5.74
CA GLY A 90 -13.08 -9.54 4.48
C GLY A 90 -14.58 -9.51 4.70
N ASP A 91 -15.08 -8.35 5.17
CA ASP A 91 -16.49 -8.08 5.46
C ASP A 91 -17.32 -8.26 4.21
N GLN A 92 -18.12 -9.32 4.16
CA GLN A 92 -18.96 -9.65 3.02
C GLN A 92 -20.21 -10.31 3.58
N GLN A 93 -21.24 -9.51 3.85
CA GLN A 93 -22.52 -9.95 4.39
C GLN A 93 -23.54 -9.17 3.60
#